data_3FRA
# 
_entry.id   3FRA 
# 
_audit_conform.dict_name       mmcif_pdbx.dic 
_audit_conform.dict_version    5.392 
_audit_conform.dict_location   http://mmcif.pdb.org/dictionaries/ascii/mmcif_pdbx.dic 
# 
loop_
_database_2.database_id 
_database_2.database_code 
_database_2.pdbx_database_accession 
_database_2.pdbx_DOI 
PDB   3FRA         pdb_00003fra 10.2210/pdb3fra/pdb 
RCSB  RCSB050944   ?            ?                   
WWPDB D_1000050944 ?            ?                   
# 
loop_
_pdbx_audit_revision_history.ordinal 
_pdbx_audit_revision_history.data_content_type 
_pdbx_audit_revision_history.major_revision 
_pdbx_audit_revision_history.minor_revision 
_pdbx_audit_revision_history.revision_date 
1 'Structure model' 1 0 2010-01-12 
2 'Structure model' 1 1 2011-07-13 
3 'Structure model' 1 2 2014-04-23 
4 'Structure model' 1 3 2021-11-10 
5 'Structure model' 1 4 2024-05-29 
# 
_pdbx_audit_revision_details.ordinal             1 
_pdbx_audit_revision_details.revision_ordinal    1 
_pdbx_audit_revision_details.data_content_type   'Structure model' 
_pdbx_audit_revision_details.provider            repository 
_pdbx_audit_revision_details.type                'Initial release' 
_pdbx_audit_revision_details.description         ? 
_pdbx_audit_revision_details.details             ? 
# 
loop_
_pdbx_audit_revision_group.ordinal 
_pdbx_audit_revision_group.revision_ordinal 
_pdbx_audit_revision_group.data_content_type 
_pdbx_audit_revision_group.group 
1 2 'Structure model' 'Version format compliance' 
2 3 'Structure model' 'Non-polymer description'   
3 4 'Structure model' 'Database references'       
4 4 'Structure model' 'Derived calculations'      
5 5 'Structure model' 'Data collection'           
# 
loop_
_pdbx_audit_revision_category.ordinal 
_pdbx_audit_revision_category.revision_ordinal 
_pdbx_audit_revision_category.data_content_type 
_pdbx_audit_revision_category.category 
1 4 'Structure model' database_2         
2 4 'Structure model' struct_ref_seq_dif 
3 4 'Structure model' struct_site        
4 5 'Structure model' chem_comp_atom     
5 5 'Structure model' chem_comp_bond     
# 
loop_
_pdbx_audit_revision_item.ordinal 
_pdbx_audit_revision_item.revision_ordinal 
_pdbx_audit_revision_item.data_content_type 
_pdbx_audit_revision_item.item 
1 4 'Structure model' '_database_2.pdbx_DOI'                
2 4 'Structure model' '_database_2.pdbx_database_accession' 
3 4 'Structure model' '_struct_ref_seq_dif.details'         
4 4 'Structure model' '_struct_site.pdbx_auth_asym_id'      
5 4 'Structure model' '_struct_site.pdbx_auth_comp_id'      
6 4 'Structure model' '_struct_site.pdbx_auth_seq_id'       
# 
_pdbx_database_status.status_code                     REL 
_pdbx_database_status.entry_id                        3FRA 
_pdbx_database_status.recvd_initial_deposition_date   2009-01-08 
_pdbx_database_status.deposit_site                    RCSB 
_pdbx_database_status.process_site                    PDBJ 
_pdbx_database_status.status_code_sf                  REL 
_pdbx_database_status.status_code_mr                  ? 
_pdbx_database_status.SG_entry                        ? 
_pdbx_database_status.status_code_cs                  ? 
_pdbx_database_status.methods_development_category    ? 
_pdbx_database_status.pdb_format_compatible           Y 
_pdbx_database_status.status_code_nmr_data            ? 
# 
loop_
_pdbx_database_related.db_name 
_pdbx_database_related.db_id 
_pdbx_database_related.details 
_pdbx_database_related.content_type 
PDB 3FRB . unspecified 
PDB 3FRD . unspecified 
PDB 3FRE . unspecified 
PDB 3FRF . unspecified 
# 
loop_
_audit_author.name 
_audit_author.pdbx_ordinal 
'Oefner, C.'     1 
'Dale-Glenn, E.' 2 
# 
_citation.id                        primary 
_citation.title                     
;Increased hydrophobic interactions of iclaprim with Staphylococcus aureus dihydrofolate reductase are responsible for the increase in affinity and antibacterial activity
;
_citation.journal_abbrev            J.Antimicrob.Chemother. 
_citation.journal_volume            63 
_citation.page_first                687 
_citation.page_last                 698 
_citation.year                      2009 
_citation.journal_id_ASTM           ? 
_citation.country                   UK 
_citation.journal_id_ISSN           0305-7453 
_citation.journal_id_CSD            ? 
_citation.book_publisher            ? 
_citation.pdbx_database_id_PubMed   19211577 
_citation.pdbx_database_id_DOI      10.1093/jac/dkp024 
# 
loop_
_citation_author.citation_id 
_citation_author.name 
_citation_author.ordinal 
_citation_author.identifier_ORCID 
primary 'Oefner, C.'    1  ? 
primary 'Bandera, M.'   2  ? 
primary 'Haldimann, A.' 3  ? 
primary 'Laue, H.'      4  ? 
primary 'Schulz, H.'    5  ? 
primary 'Mukhija, S.'   6  ? 
primary 'Parisi, S.'    7  ? 
primary 'Weiss, L.'     8  ? 
primary 'Lociuro, S.'   9  ? 
primary 'Dale, G.E.'    10 ? 
# 
loop_
_entity.id 
_entity.type 
_entity.src_method 
_entity.pdbx_description 
_entity.formula_weight 
_entity.pdbx_number_of_molecules 
_entity.pdbx_ec 
_entity.pdbx_mutation 
_entity.pdbx_fragment 
_entity.details 
1 polymer     man 'Dihydrofolate reductase'                                                            18160.736 1   1.5.1.3 F98Y 
? ? 
2 non-polymer syn 'NADP NICOTINAMIDE-ADENINE-DINUCLEOTIDE PHOSPHATE'                                   743.405   1   ?       ?    
? ? 
3 non-polymer syn '5-{[(2S)-2-cyclopropyl-7,8-dimethoxy-2H-chromen-5-yl]methyl}pyrimidine-2,4-diamine' 354.403   1   ?       ?    
? ? 
4 water       nat water                                                                                18.015    103 ?       ?    
? ? 
# 
_entity_name_com.entity_id   1 
_entity_name_com.name        DHFR 
# 
_entity_poly.entity_id                      1 
_entity_poly.type                           'polypeptide(L)' 
_entity_poly.nstd_linkage                   no 
_entity_poly.nstd_monomer                   no 
_entity_poly.pdbx_seq_one_letter_code       
;TLSILVAHDLQRVIGFENQLPWHLPNDLKHVKKLSTGHTLVMGRKTFESIGKPLPNRRNVVLTSDTSFNVEGVDVIHSIE
DIYQLPGHVFIFGGQTLYEEMIDKVDDMYITVIEGKFRGDTFFPPYTFEDWEVASSVEGKLDEKNTIPHTFLHLIRKK
;
_entity_poly.pdbx_seq_one_letter_code_can   
;TLSILVAHDLQRVIGFENQLPWHLPNDLKHVKKLSTGHTLVMGRKTFESIGKPLPNRRNVVLTSDTSFNVEGVDVIHSIE
DIYQLPGHVFIFGGQTLYEEMIDKVDDMYITVIEGKFRGDTFFPPYTFEDWEVASSVEGKLDEKNTIPHTFLHLIRKK
;
_entity_poly.pdbx_strand_id                 X 
_entity_poly.pdbx_target_identifier         ? 
# 
loop_
_pdbx_entity_nonpoly.entity_id 
_pdbx_entity_nonpoly.name 
_pdbx_entity_nonpoly.comp_id 
2 'NADP NICOTINAMIDE-ADENINE-DINUCLEOTIDE PHOSPHATE'                                   NAP 
3 '5-{[(2S)-2-cyclopropyl-7,8-dimethoxy-2H-chromen-5-yl]methyl}pyrimidine-2,4-diamine' I2H 
4 water                                                                                HOH 
# 
loop_
_entity_poly_seq.entity_id 
_entity_poly_seq.num 
_entity_poly_seq.mon_id 
_entity_poly_seq.hetero 
1 1   THR n 
1 2   LEU n 
1 3   SER n 
1 4   ILE n 
1 5   LEU n 
1 6   VAL n 
1 7   ALA n 
1 8   HIS n 
1 9   ASP n 
1 10  LEU n 
1 11  GLN n 
1 12  ARG n 
1 13  VAL n 
1 14  ILE n 
1 15  GLY n 
1 16  PHE n 
1 17  GLU n 
1 18  ASN n 
1 19  GLN n 
1 20  LEU n 
1 21  PRO n 
1 22  TRP n 
1 23  HIS n 
1 24  LEU n 
1 25  PRO n 
1 26  ASN n 
1 27  ASP n 
1 28  LEU n 
1 29  LYS n 
1 30  HIS n 
1 31  VAL n 
1 32  LYS n 
1 33  LYS n 
1 34  LEU n 
1 35  SER n 
1 36  THR n 
1 37  GLY n 
1 38  HIS n 
1 39  THR n 
1 40  LEU n 
1 41  VAL n 
1 42  MET n 
1 43  GLY n 
1 44  ARG n 
1 45  LYS n 
1 46  THR n 
1 47  PHE n 
1 48  GLU n 
1 49  SER n 
1 50  ILE n 
1 51  GLY n 
1 52  LYS n 
1 53  PRO n 
1 54  LEU n 
1 55  PRO n 
1 56  ASN n 
1 57  ARG n 
1 58  ARG n 
1 59  ASN n 
1 60  VAL n 
1 61  VAL n 
1 62  LEU n 
1 63  THR n 
1 64  SER n 
1 65  ASP n 
1 66  THR n 
1 67  SER n 
1 68  PHE n 
1 69  ASN n 
1 70  VAL n 
1 71  GLU n 
1 72  GLY n 
1 73  VAL n 
1 74  ASP n 
1 75  VAL n 
1 76  ILE n 
1 77  HIS n 
1 78  SER n 
1 79  ILE n 
1 80  GLU n 
1 81  ASP n 
1 82  ILE n 
1 83  TYR n 
1 84  GLN n 
1 85  LEU n 
1 86  PRO n 
1 87  GLY n 
1 88  HIS n 
1 89  VAL n 
1 90  PHE n 
1 91  ILE n 
1 92  PHE n 
1 93  GLY n 
1 94  GLY n 
1 95  GLN n 
1 96  THR n 
1 97  LEU n 
1 98  TYR n 
1 99  GLU n 
1 100 GLU n 
1 101 MET n 
1 102 ILE n 
1 103 ASP n 
1 104 LYS n 
1 105 VAL n 
1 106 ASP n 
1 107 ASP n 
1 108 MET n 
1 109 TYR n 
1 110 ILE n 
1 111 THR n 
1 112 VAL n 
1 113 ILE n 
1 114 GLU n 
1 115 GLY n 
1 116 LYS n 
1 117 PHE n 
1 118 ARG n 
1 119 GLY n 
1 120 ASP n 
1 121 THR n 
1 122 PHE n 
1 123 PHE n 
1 124 PRO n 
1 125 PRO n 
1 126 TYR n 
1 127 THR n 
1 128 PHE n 
1 129 GLU n 
1 130 ASP n 
1 131 TRP n 
1 132 GLU n 
1 133 VAL n 
1 134 ALA n 
1 135 SER n 
1 136 SER n 
1 137 VAL n 
1 138 GLU n 
1 139 GLY n 
1 140 LYS n 
1 141 LEU n 
1 142 ASP n 
1 143 GLU n 
1 144 LYS n 
1 145 ASN n 
1 146 THR n 
1 147 ILE n 
1 148 PRO n 
1 149 HIS n 
1 150 THR n 
1 151 PHE n 
1 152 LEU n 
1 153 HIS n 
1 154 LEU n 
1 155 ILE n 
1 156 ARG n 
1 157 LYS n 
1 158 LYS n 
# 
_entity_src_gen.entity_id                          1 
_entity_src_gen.pdbx_src_id                        1 
_entity_src_gen.pdbx_alt_source_flag               sample 
_entity_src_gen.pdbx_seq_type                      ? 
_entity_src_gen.pdbx_beg_seq_num                   ? 
_entity_src_gen.pdbx_end_seq_num                   ? 
_entity_src_gen.gene_src_common_name               ? 
_entity_src_gen.gene_src_genus                     ? 
_entity_src_gen.pdbx_gene_src_gene                 folA 
_entity_src_gen.gene_src_species                   ? 
_entity_src_gen.gene_src_strain                    ? 
_entity_src_gen.gene_src_tissue                    ? 
_entity_src_gen.gene_src_tissue_fraction           ? 
_entity_src_gen.gene_src_details                   ? 
_entity_src_gen.pdbx_gene_src_fragment             ? 
_entity_src_gen.pdbx_gene_src_scientific_name      'Staphylococcus aureus' 
_entity_src_gen.pdbx_gene_src_ncbi_taxonomy_id     1280 
_entity_src_gen.pdbx_gene_src_variant              ? 
_entity_src_gen.pdbx_gene_src_cell_line            ? 
_entity_src_gen.pdbx_gene_src_atcc                 ? 
_entity_src_gen.pdbx_gene_src_organ                ? 
_entity_src_gen.pdbx_gene_src_organelle            ? 
_entity_src_gen.pdbx_gene_src_cell                 ? 
_entity_src_gen.pdbx_gene_src_cellular_location    ? 
_entity_src_gen.host_org_common_name               ? 
_entity_src_gen.pdbx_host_org_scientific_name      'Escherichia coli' 
_entity_src_gen.pdbx_host_org_ncbi_taxonomy_id     562 
_entity_src_gen.host_org_genus                     ? 
_entity_src_gen.pdbx_host_org_gene                 ? 
_entity_src_gen.pdbx_host_org_organ                ? 
_entity_src_gen.host_org_species                   ? 
_entity_src_gen.pdbx_host_org_tissue               ? 
_entity_src_gen.pdbx_host_org_tissue_fraction      ? 
_entity_src_gen.pdbx_host_org_strain               ? 
_entity_src_gen.pdbx_host_org_variant              ? 
_entity_src_gen.pdbx_host_org_cell_line            ? 
_entity_src_gen.pdbx_host_org_atcc                 ? 
_entity_src_gen.pdbx_host_org_culture_collection   ? 
_entity_src_gen.pdbx_host_org_cell                 ? 
_entity_src_gen.pdbx_host_org_organelle            ? 
_entity_src_gen.pdbx_host_org_cellular_location    ? 
_entity_src_gen.pdbx_host_org_vector_type          ? 
_entity_src_gen.pdbx_host_org_vector               ? 
_entity_src_gen.host_org_details                   ? 
_entity_src_gen.expression_system_id               ? 
_entity_src_gen.plasmid_name                       ? 
_entity_src_gen.plasmid_details                    ? 
_entity_src_gen.pdbx_description                   ? 
# 
loop_
_chem_comp.id 
_chem_comp.type 
_chem_comp.mon_nstd_flag 
_chem_comp.name 
_chem_comp.pdbx_synonyms 
_chem_comp.formula 
_chem_comp.formula_weight 
ALA 'L-peptide linking' y ALANINE                                                                              ? 'C3 H7 N O2' 
89.093  
ARG 'L-peptide linking' y ARGININE                                                                             ? 'C6 H15 N4 O2 1' 
175.209 
ASN 'L-peptide linking' y ASPARAGINE                                                                           ? 'C4 H8 N2 O3' 
132.118 
ASP 'L-peptide linking' y 'ASPARTIC ACID'                                                                      ? 'C4 H7 N O4' 
133.103 
GLN 'L-peptide linking' y GLUTAMINE                                                                            ? 'C5 H10 N2 O3' 
146.144 
GLU 'L-peptide linking' y 'GLUTAMIC ACID'                                                                      ? 'C5 H9 N O4' 
147.129 
GLY 'peptide linking'   y GLYCINE                                                                              ? 'C2 H5 N O2' 
75.067  
HIS 'L-peptide linking' y HISTIDINE                                                                            ? 'C6 H10 N3 O2 1' 
156.162 
HOH non-polymer         . WATER                                                                                ? 'H2 O' 18.015  
I2H non-polymer         . '5-{[(2S)-2-cyclopropyl-7,8-dimethoxy-2H-chromen-5-yl]methyl}pyrimidine-2,4-diamine' ? 'C19 H22 N4 O3' 
354.403 
ILE 'L-peptide linking' y ISOLEUCINE                                                                           ? 'C6 H13 N O2' 
131.173 
LEU 'L-peptide linking' y LEUCINE                                                                              ? 'C6 H13 N O2' 
131.173 
LYS 'L-peptide linking' y LYSINE                                                                               ? 'C6 H15 N2 O2 1' 
147.195 
MET 'L-peptide linking' y METHIONINE                                                                           ? 'C5 H11 N O2 S' 
149.211 
NAP non-polymer         . 'NADP NICOTINAMIDE-ADENINE-DINUCLEOTIDE PHOSPHATE'                                   
;2'-MONOPHOSPHOADENOSINE 5'-DIPHOSPHORIBOSE
;
'C21 H28 N7 O17 P3' 743.405 
PHE 'L-peptide linking' y PHENYLALANINE                                                                        ? 'C9 H11 N O2' 
165.189 
PRO 'L-peptide linking' y PROLINE                                                                              ? 'C5 H9 N O2' 
115.130 
SER 'L-peptide linking' y SERINE                                                                               ? 'C3 H7 N O3' 
105.093 
THR 'L-peptide linking' y THREONINE                                                                            ? 'C4 H9 N O3' 
119.119 
TRP 'L-peptide linking' y TRYPTOPHAN                                                                           ? 'C11 H12 N2 O2' 
204.225 
TYR 'L-peptide linking' y TYROSINE                                                                             ? 'C9 H11 N O3' 
181.189 
VAL 'L-peptide linking' y VALINE                                                                               ? 'C5 H11 N O2' 
117.146 
# 
loop_
_pdbx_poly_seq_scheme.asym_id 
_pdbx_poly_seq_scheme.entity_id 
_pdbx_poly_seq_scheme.seq_id 
_pdbx_poly_seq_scheme.mon_id 
_pdbx_poly_seq_scheme.ndb_seq_num 
_pdbx_poly_seq_scheme.pdb_seq_num 
_pdbx_poly_seq_scheme.auth_seq_num 
_pdbx_poly_seq_scheme.pdb_mon_id 
_pdbx_poly_seq_scheme.auth_mon_id 
_pdbx_poly_seq_scheme.pdb_strand_id 
_pdbx_poly_seq_scheme.pdb_ins_code 
_pdbx_poly_seq_scheme.hetero 
A 1 1   THR 1   1   1   THR THR X . n 
A 1 2   LEU 2   2   2   LEU LEU X . n 
A 1 3   SER 3   3   3   SER SER X . n 
A 1 4   ILE 4   4   4   ILE ILE X . n 
A 1 5   LEU 5   5   5   LEU LEU X . n 
A 1 6   VAL 6   6   6   VAL VAL X . n 
A 1 7   ALA 7   7   7   ALA ALA X . n 
A 1 8   HIS 8   8   8   HIS HIS X . n 
A 1 9   ASP 9   9   9   ASP ASP X . n 
A 1 10  LEU 10  10  10  LEU LEU X . n 
A 1 11  GLN 11  11  11  GLN GLN X . n 
A 1 12  ARG 12  12  12  ARG ARG X . n 
A 1 13  VAL 13  13  13  VAL VAL X . n 
A 1 14  ILE 14  14  14  ILE ILE X . n 
A 1 15  GLY 15  15  15  GLY GLY X . n 
A 1 16  PHE 16  16  16  PHE PHE X . n 
A 1 17  GLU 17  17  17  GLU GLU X . n 
A 1 18  ASN 18  18  18  ASN ASN X . n 
A 1 19  GLN 19  19  19  GLN GLN X . n 
A 1 20  LEU 20  20  20  LEU LEU X . n 
A 1 21  PRO 21  21  21  PRO PRO X . n 
A 1 22  TRP 22  22  22  TRP TRP X . n 
A 1 23  HIS 23  23  23  HIS HIS X . n 
A 1 24  LEU 24  24  24  LEU LEU X . n 
A 1 25  PRO 25  25  25  PRO PRO X . n 
A 1 26  ASN 26  26  26  ASN ASN X . n 
A 1 27  ASP 27  27  27  ASP ASP X . n 
A 1 28  LEU 28  28  28  LEU LEU X . n 
A 1 29  LYS 29  29  29  LYS LYS X . n 
A 1 30  HIS 30  30  30  HIS HIS X . n 
A 1 31  VAL 31  31  31  VAL VAL X . n 
A 1 32  LYS 32  32  32  LYS LYS X . n 
A 1 33  LYS 33  33  33  LYS LYS X . n 
A 1 34  LEU 34  34  34  LEU LEU X . n 
A 1 35  SER 35  35  35  SER SER X . n 
A 1 36  THR 36  36  36  THR THR X . n 
A 1 37  GLY 37  37  37  GLY GLY X . n 
A 1 38  HIS 38  38  38  HIS HIS X . n 
A 1 39  THR 39  39  39  THR THR X . n 
A 1 40  LEU 40  40  40  LEU LEU X . n 
A 1 41  VAL 41  41  41  VAL VAL X . n 
A 1 42  MET 42  42  42  MET MET X . n 
A 1 43  GLY 43  43  43  GLY GLY X . n 
A 1 44  ARG 44  44  44  ARG ARG X . n 
A 1 45  LYS 45  45  45  LYS LYS X . n 
A 1 46  THR 46  46  46  THR THR X . n 
A 1 47  PHE 47  47  47  PHE PHE X . n 
A 1 48  GLU 48  48  48  GLU GLU X . n 
A 1 49  SER 49  49  49  SER SER X . n 
A 1 50  ILE 50  50  50  ILE ILE X . n 
A 1 51  GLY 51  51  51  GLY GLY X . n 
A 1 52  LYS 52  52  52  LYS LYS X . n 
A 1 53  PRO 53  53  53  PRO PRO X . n 
A 1 54  LEU 54  54  54  LEU LEU X . n 
A 1 55  PRO 55  55  55  PRO PRO X . n 
A 1 56  ASN 56  56  56  ASN ASN X . n 
A 1 57  ARG 57  57  57  ARG ARG X . n 
A 1 58  ARG 58  58  58  ARG ARG X . n 
A 1 59  ASN 59  59  59  ASN ASN X . n 
A 1 60  VAL 60  60  60  VAL VAL X . n 
A 1 61  VAL 61  61  61  VAL VAL X . n 
A 1 62  LEU 62  62  62  LEU LEU X . n 
A 1 63  THR 63  63  63  THR THR X . n 
A 1 64  SER 64  64  64  SER SER X . n 
A 1 65  ASP 65  65  65  ASP ASP X . n 
A 1 66  THR 66  66  66  THR THR X . n 
A 1 67  SER 67  67  67  SER SER X . n 
A 1 68  PHE 68  68  68  PHE PHE X . n 
A 1 69  ASN 69  69  69  ASN ASN X . n 
A 1 70  VAL 70  70  70  VAL VAL X . n 
A 1 71  GLU 71  71  71  GLU GLU X . n 
A 1 72  GLY 72  72  72  GLY GLY X . n 
A 1 73  VAL 73  73  73  VAL VAL X . n 
A 1 74  ASP 74  74  74  ASP ASP X . n 
A 1 75  VAL 75  75  75  VAL VAL X . n 
A 1 76  ILE 76  76  76  ILE ILE X . n 
A 1 77  HIS 77  77  77  HIS HIS X . n 
A 1 78  SER 78  78  78  SER SER X . n 
A 1 79  ILE 79  79  79  ILE ILE X . n 
A 1 80  GLU 80  80  80  GLU GLU X . n 
A 1 81  ASP 81  81  81  ASP ASP X . n 
A 1 82  ILE 82  82  82  ILE ILE X . n 
A 1 83  TYR 83  83  83  TYR TYR X . n 
A 1 84  GLN 84  84  84  GLN GLN X . n 
A 1 85  LEU 85  85  85  LEU LEU X . n 
A 1 86  PRO 86  86  86  PRO PRO X . n 
A 1 87  GLY 87  87  87  GLY GLY X . n 
A 1 88  HIS 88  88  88  HIS HIS X . n 
A 1 89  VAL 89  89  89  VAL VAL X . n 
A 1 90  PHE 90  90  90  PHE PHE X . n 
A 1 91  ILE 91  91  91  ILE ILE X . n 
A 1 92  PHE 92  92  92  PHE PHE X . n 
A 1 93  GLY 93  93  93  GLY GLY X . n 
A 1 94  GLY 94  94  94  GLY GLY X . n 
A 1 95  GLN 95  95  95  GLN GLN X . n 
A 1 96  THR 96  96  96  THR THR X . n 
A 1 97  LEU 97  97  97  LEU LEU X . n 
A 1 98  TYR 98  98  98  TYR TYR X . n 
A 1 99  GLU 99  99  99  GLU GLU X . n 
A 1 100 GLU 100 100 100 GLU GLU X . n 
A 1 101 MET 101 101 101 MET MET X . n 
A 1 102 ILE 102 102 102 ILE ILE X . n 
A 1 103 ASP 103 103 103 ASP ASP X . n 
A 1 104 LYS 104 104 104 LYS LYS X . n 
A 1 105 VAL 105 105 105 VAL VAL X . n 
A 1 106 ASP 106 106 106 ASP ASP X . n 
A 1 107 ASP 107 107 107 ASP ASP X . n 
A 1 108 MET 108 108 108 MET MET X . n 
A 1 109 TYR 109 109 109 TYR TYR X . n 
A 1 110 ILE 110 110 110 ILE ILE X . n 
A 1 111 THR 111 111 111 THR THR X . n 
A 1 112 VAL 112 112 112 VAL VAL X . n 
A 1 113 ILE 113 113 113 ILE ILE X . n 
A 1 114 GLU 114 114 114 GLU GLU X . n 
A 1 115 GLY 115 115 115 GLY GLY X . n 
A 1 116 LYS 116 116 116 LYS LYS X . n 
A 1 117 PHE 117 117 117 PHE PHE X . n 
A 1 118 ARG 118 118 118 ARG ARG X . n 
A 1 119 GLY 119 119 119 GLY GLY X . n 
A 1 120 ASP 120 120 120 ASP ASP X . n 
A 1 121 THR 121 121 121 THR THR X . n 
A 1 122 PHE 122 122 122 PHE PHE X . n 
A 1 123 PHE 123 123 123 PHE PHE X . n 
A 1 124 PRO 124 124 124 PRO PRO X . n 
A 1 125 PRO 125 125 125 PRO PRO X . n 
A 1 126 TYR 126 126 126 TYR TYR X . n 
A 1 127 THR 127 127 127 THR THR X . n 
A 1 128 PHE 128 128 128 PHE PHE X . n 
A 1 129 GLU 129 129 129 GLU GLU X . n 
A 1 130 ASP 130 130 130 ASP ASP X . n 
A 1 131 TRP 131 131 131 TRP TRP X . n 
A 1 132 GLU 132 132 132 GLU GLU X . n 
A 1 133 VAL 133 133 133 VAL VAL X . n 
A 1 134 ALA 134 134 134 ALA ALA X . n 
A 1 135 SER 135 135 135 SER SER X . n 
A 1 136 SER 136 136 136 SER SER X . n 
A 1 137 VAL 137 137 137 VAL VAL X . n 
A 1 138 GLU 138 138 138 GLU GLU X . n 
A 1 139 GLY 139 139 139 GLY GLY X . n 
A 1 140 LYS 140 140 140 LYS LYS X . n 
A 1 141 LEU 141 141 141 LEU LEU X . n 
A 1 142 ASP 142 142 142 ASP ASP X . n 
A 1 143 GLU 143 143 143 GLU GLU X . n 
A 1 144 LYS 144 144 144 LYS LYS X . n 
A 1 145 ASN 145 145 145 ASN ASN X . n 
A 1 146 THR 146 146 146 THR THR X . n 
A 1 147 ILE 147 147 147 ILE ILE X . n 
A 1 148 PRO 148 148 148 PRO PRO X . n 
A 1 149 HIS 149 149 149 HIS HIS X . n 
A 1 150 THR 150 150 150 THR THR X . n 
A 1 151 PHE 151 151 151 PHE PHE X . n 
A 1 152 LEU 152 152 152 LEU LEU X . n 
A 1 153 HIS 153 153 153 HIS HIS X . n 
A 1 154 LEU 154 154 154 LEU LEU X . n 
A 1 155 ILE 155 155 155 ILE ILE X . n 
A 1 156 ARG 156 156 156 ARG ARG X . n 
A 1 157 LYS 157 157 157 LYS LYS X . n 
A 1 158 LYS 158 158 ?   ?   ?   X . n 
# 
loop_
_pdbx_nonpoly_scheme.asym_id 
_pdbx_nonpoly_scheme.entity_id 
_pdbx_nonpoly_scheme.mon_id 
_pdbx_nonpoly_scheme.ndb_seq_num 
_pdbx_nonpoly_scheme.pdb_seq_num 
_pdbx_nonpoly_scheme.auth_seq_num 
_pdbx_nonpoly_scheme.pdb_mon_id 
_pdbx_nonpoly_scheme.auth_mon_id 
_pdbx_nonpoly_scheme.pdb_strand_id 
_pdbx_nonpoly_scheme.pdb_ins_code 
B 2 NAP 1   301 301 NAP NAP X . 
C 3 I2H 1   300 300 I2H INH X . 
D 4 HOH 1   159 1   HOH HOH X . 
D 4 HOH 2   160 2   HOH HOH X . 
D 4 HOH 3   161 3   HOH HOH X . 
D 4 HOH 4   162 4   HOH HOH X . 
D 4 HOH 5   163 5   HOH HOH X . 
D 4 HOH 6   164 6   HOH HOH X . 
D 4 HOH 7   165 7   HOH HOH X . 
D 4 HOH 8   166 8   HOH HOH X . 
D 4 HOH 9   167 9   HOH HOH X . 
D 4 HOH 10  168 10  HOH HOH X . 
D 4 HOH 11  169 11  HOH HOH X . 
D 4 HOH 12  170 12  HOH HOH X . 
D 4 HOH 13  171 13  HOH HOH X . 
D 4 HOH 14  172 14  HOH HOH X . 
D 4 HOH 15  173 15  HOH HOH X . 
D 4 HOH 16  174 16  HOH HOH X . 
D 4 HOH 17  175 17  HOH HOH X . 
D 4 HOH 18  176 18  HOH HOH X . 
D 4 HOH 19  177 19  HOH HOH X . 
D 4 HOH 20  178 20  HOH HOH X . 
D 4 HOH 21  179 21  HOH HOH X . 
D 4 HOH 22  180 22  HOH HOH X . 
D 4 HOH 23  181 23  HOH HOH X . 
D 4 HOH 24  182 24  HOH HOH X . 
D 4 HOH 25  183 25  HOH HOH X . 
D 4 HOH 26  184 26  HOH HOH X . 
D 4 HOH 27  185 27  HOH HOH X . 
D 4 HOH 28  186 28  HOH HOH X . 
D 4 HOH 29  187 30  HOH HOH X . 
D 4 HOH 30  188 31  HOH HOH X . 
D 4 HOH 31  189 32  HOH HOH X . 
D 4 HOH 32  190 33  HOH HOH X . 
D 4 HOH 33  191 34  HOH HOH X . 
D 4 HOH 34  192 35  HOH HOH X . 
D 4 HOH 35  193 36  HOH HOH X . 
D 4 HOH 36  194 37  HOH HOH X . 
D 4 HOH 37  195 38  HOH HOH X . 
D 4 HOH 38  196 39  HOH HOH X . 
D 4 HOH 39  197 40  HOH HOH X . 
D 4 HOH 40  198 41  HOH HOH X . 
D 4 HOH 41  199 42  HOH HOH X . 
D 4 HOH 42  200 43  HOH HOH X . 
D 4 HOH 43  201 44  HOH HOH X . 
D 4 HOH 44  202 45  HOH HOH X . 
D 4 HOH 45  203 46  HOH HOH X . 
D 4 HOH 46  204 47  HOH HOH X . 
D 4 HOH 47  205 48  HOH HOH X . 
D 4 HOH 48  206 49  HOH HOH X . 
D 4 HOH 49  207 50  HOH HOH X . 
D 4 HOH 50  208 51  HOH HOH X . 
D 4 HOH 51  209 52  HOH HOH X . 
D 4 HOH 52  210 53  HOH HOH X . 
D 4 HOH 53  211 54  HOH HOH X . 
D 4 HOH 54  212 55  HOH HOH X . 
D 4 HOH 55  213 56  HOH HOH X . 
D 4 HOH 56  214 58  HOH HOH X . 
D 4 HOH 57  215 59  HOH HOH X . 
D 4 HOH 58  216 60  HOH HOH X . 
D 4 HOH 59  217 61  HOH HOH X . 
D 4 HOH 60  218 62  HOH HOH X . 
D 4 HOH 61  219 64  HOH HOH X . 
D 4 HOH 62  220 65  HOH HOH X . 
D 4 HOH 63  221 66  HOH HOH X . 
D 4 HOH 64  222 67  HOH HOH X . 
D 4 HOH 65  223 68  HOH HOH X . 
D 4 HOH 66  224 69  HOH HOH X . 
D 4 HOH 67  225 70  HOH HOH X . 
D 4 HOH 68  226 71  HOH HOH X . 
D 4 HOH 69  227 72  HOH HOH X . 
D 4 HOH 70  228 74  HOH HOH X . 
D 4 HOH 71  229 75  HOH HOH X . 
D 4 HOH 72  230 76  HOH HOH X . 
D 4 HOH 73  231 77  HOH HOH X . 
D 4 HOH 74  232 78  HOH HOH X . 
D 4 HOH 75  233 79  HOH HOH X . 
D 4 HOH 76  234 80  HOH HOH X . 
D 4 HOH 77  235 81  HOH HOH X . 
D 4 HOH 78  236 82  HOH HOH X . 
D 4 HOH 79  237 83  HOH HOH X . 
D 4 HOH 80  238 84  HOH HOH X . 
D 4 HOH 81  239 85  HOH HOH X . 
D 4 HOH 82  240 86  HOH HOH X . 
D 4 HOH 83  241 87  HOH HOH X . 
D 4 HOH 84  242 88  HOH HOH X . 
D 4 HOH 85  243 89  HOH HOH X . 
D 4 HOH 86  244 90  HOH HOH X . 
D 4 HOH 87  245 91  HOH HOH X . 
D 4 HOH 88  246 92  HOH HOH X . 
D 4 HOH 89  247 93  HOH HOH X . 
D 4 HOH 90  248 94  HOH HOH X . 
D 4 HOH 91  249 95  HOH HOH X . 
D 4 HOH 92  250 96  HOH HOH X . 
D 4 HOH 93  251 97  HOH HOH X . 
D 4 HOH 94  252 98  HOH HOH X . 
D 4 HOH 95  253 99  HOH HOH X . 
D 4 HOH 96  254 100 HOH HOH X . 
D 4 HOH 97  255 101 HOH HOH X . 
D 4 HOH 98  256 102 HOH HOH X . 
D 4 HOH 99  257 103 HOH HOH X . 
D 4 HOH 100 258 104 HOH HOH X . 
D 4 HOH 101 259 105 HOH HOH X . 
D 4 HOH 102 260 106 HOH HOH X . 
D 4 HOH 103 261 107 HOH HOH X . 
# 
loop_
_software.name 
_software.classification 
_software.version 
_software.citation_id 
_software.pdbx_ordinal 
DENZO     'data reduction' .        ? 1 
AMoRE     phasing          .        ? 2 
REFMAC    refinement       5.2.0019 ? 3 
SCALEPACK 'data scaling'   .        ? 4 
# 
_cell.entry_id           3FRA 
_cell.length_a           79.200 
_cell.length_b           79.200 
_cell.length_c           108.531 
_cell.angle_alpha        90.00 
_cell.angle_beta         90.00 
_cell.angle_gamma        120.00 
_cell.Z_PDB              12 
_cell.pdbx_unique_axis   ? 
_cell.length_a_esd       ? 
_cell.length_b_esd       ? 
_cell.length_c_esd       ? 
_cell.angle_alpha_esd    ? 
_cell.angle_beta_esd     ? 
_cell.angle_gamma_esd    ? 
# 
_symmetry.entry_id                         3FRA 
_symmetry.space_group_name_H-M             'P 61 2 2' 
_symmetry.pdbx_full_space_group_name_H-M   ? 
_symmetry.cell_setting                     ? 
_symmetry.Int_Tables_number                178 
_symmetry.space_group_name_Hall            ? 
# 
_exptl.entry_id          3FRA 
_exptl.method            'X-RAY DIFFRACTION' 
_exptl.crystals_number   1 
# 
_exptl_crystal.id                    1 
_exptl_crystal.density_meas          ? 
_exptl_crystal.density_Matthews      2.71 
_exptl_crystal.density_percent_sol   54.53 
_exptl_crystal.description           ? 
_exptl_crystal.F_000                 ? 
_exptl_crystal.preparation           ? 
# 
_exptl_crystal_grow.crystal_id      1 
_exptl_crystal_grow.method          ? 
_exptl_crystal_grow.temp            ? 
_exptl_crystal_grow.temp_details    ? 
_exptl_crystal_grow.pH              5.5 
_exptl_crystal_grow.pdbx_details    '25% PEG 3350, 200mM NaCl, 100mM bis-Tris, pH5.5' 
_exptl_crystal_grow.pdbx_pH_range   ? 
# 
_diffrn.id                     1 
_diffrn.ambient_temp           100 
_diffrn.ambient_temp_details   ? 
_diffrn.crystal_id             1 
# 
_diffrn_detector.diffrn_id              1 
_diffrn_detector.detector               'IMAGE PLATE' 
_diffrn_detector.type                   'MAR scanner 345 mm plate' 
_diffrn_detector.pdbx_collection_date   ? 
_diffrn_detector.details                ? 
# 
_diffrn_radiation.diffrn_id                        1 
_diffrn_radiation.wavelength_id                    1 
_diffrn_radiation.pdbx_monochromatic_or_laue_m_l   M 
_diffrn_radiation.monochromator                    ? 
_diffrn_radiation.pdbx_diffrn_protocol             'SINGLE WAVELENGTH' 
_diffrn_radiation.pdbx_scattering_type             x-ray 
# 
_diffrn_radiation_wavelength.id           1 
_diffrn_radiation_wavelength.wavelength   . 
_diffrn_radiation_wavelength.wt           1.0 
# 
_diffrn_source.diffrn_id                   1 
_diffrn_source.source                      'ROTATING ANODE' 
_diffrn_source.type                        'ENRAF-NONIUS FR591' 
_diffrn_source.pdbx_synchrotron_site       ? 
_diffrn_source.pdbx_synchrotron_beamline   ? 
_diffrn_source.pdbx_wavelength             ? 
_diffrn_source.pdbx_wavelength_list        ? 
# 
_reflns.entry_id                     3FRA 
_reflns.observed_criterion_sigma_I   1.0 
_reflns.observed_criterion_sigma_F   1.0 
_reflns.d_resolution_low             20 
_reflns.d_resolution_high            2.35 
_reflns.number_obs                   8774 
_reflns.number_all                   8774 
_reflns.percent_possible_obs         98.6 
_reflns.pdbx_Rmerge_I_obs            ? 
_reflns.pdbx_Rsym_value              ? 
_reflns.pdbx_netI_over_sigmaI        ? 
_reflns.B_iso_Wilson_estimate        ? 
_reflns.pdbx_redundancy              ? 
_reflns.R_free_details               ? 
_reflns.limit_h_max                  ? 
_reflns.limit_h_min                  ? 
_reflns.limit_k_max                  ? 
_reflns.limit_k_min                  ? 
_reflns.limit_l_max                  ? 
_reflns.limit_l_min                  ? 
_reflns.observed_criterion_F_max     ? 
_reflns.observed_criterion_F_min     ? 
_reflns.pdbx_chi_squared             ? 
_reflns.pdbx_scaling_rejects         ? 
_reflns.pdbx_ordinal                 1 
_reflns.pdbx_diffrn_id               1 
# 
_reflns_shell.d_res_high             2.35 
_reflns_shell.d_res_low              2.5 
_reflns_shell.percent_possible_all   91.6 
_reflns_shell.Rmerge_I_obs           ? 
_reflns_shell.pdbx_Rsym_value        ? 
_reflns_shell.meanI_over_sigI_obs    ? 
_reflns_shell.pdbx_redundancy        ? 
_reflns_shell.percent_possible_obs   ? 
_reflns_shell.number_unique_all      ? 
_reflns_shell.number_measured_all    ? 
_reflns_shell.number_measured_obs    ? 
_reflns_shell.number_unique_obs      ? 
_reflns_shell.pdbx_chi_squared       ? 
_reflns_shell.pdbx_ordinal           1 
_reflns_shell.pdbx_diffrn_id         1 
# 
_refine.entry_id                                 3FRA 
_refine.ls_number_reflns_obs                     8325 
_refine.ls_number_reflns_all                     ? 
_refine.pdbx_ls_sigma_I                          ? 
_refine.pdbx_ls_sigma_F                          ? 
_refine.pdbx_data_cutoff_high_absF               ? 
_refine.pdbx_data_cutoff_low_absF                ? 
_refine.pdbx_data_cutoff_high_rms_absF           ? 
_refine.ls_d_res_low                             20.00 
_refine.ls_d_res_high                            2.35 
_refine.ls_percent_reflns_obs                    98.60 
_refine.ls_R_factor_obs                          0.22636 
_refine.ls_R_factor_all                          ? 
_refine.ls_R_factor_R_work                       0.22283 
_refine.ls_R_factor_R_free                       0.29408 
_refine.ls_R_factor_R_free_error                 ? 
_refine.ls_R_factor_R_free_error_details         ? 
_refine.ls_percent_reflns_R_free                 4.8 
_refine.ls_number_reflns_R_free                  416 
_refine.ls_number_parameters                     ? 
_refine.ls_number_restraints                     ? 
_refine.occupancy_min                            ? 
_refine.occupancy_max                            ? 
_refine.correlation_coeff_Fo_to_Fc               0.921 
_refine.correlation_coeff_Fo_to_Fc_free          0.823 
_refine.B_iso_mean                               29.942 
_refine.aniso_B[1][1]                            -0.07 
_refine.aniso_B[2][2]                            -0.07 
_refine.aniso_B[3][3]                            0.10 
_refine.aniso_B[1][2]                            -0.03 
_refine.aniso_B[1][3]                            0.00 
_refine.aniso_B[2][3]                            0.00 
_refine.solvent_model_details                    'BABINET MODEL WITH MASK' 
_refine.solvent_model_param_ksol                 ? 
_refine.solvent_model_param_bsol                 ? 
_refine.pdbx_solvent_vdw_probe_radii             1.20 
_refine.pdbx_solvent_ion_probe_radii             0.80 
_refine.pdbx_solvent_shrinkage_radii             0.80 
_refine.pdbx_ls_cross_valid_method               THROUGHOUT 
_refine.details                                  'HYDROGENS HAVE BEEN ADDED IN THE RIDING POSITIONS' 
_refine.pdbx_starting_model                      ? 
_refine.pdbx_method_to_determine_struct          'MOLECULAR REPLACEMENT' 
_refine.pdbx_isotropic_thermal_model             ? 
_refine.pdbx_stereochemistry_target_values       'MAXIMUM LIKELIHOOD' 
_refine.pdbx_stereochem_target_val_spec_case     ? 
_refine.pdbx_R_Free_selection_details            RANDOM 
_refine.pdbx_overall_ESU_R                       0.405 
_refine.pdbx_overall_ESU_R_Free                  0.295 
_refine.overall_SU_ML                            0.215 
_refine.overall_SU_B                             8.782 
_refine.ls_redundancy_reflns_obs                 ? 
_refine.B_iso_min                                ? 
_refine.B_iso_max                                ? 
_refine.overall_SU_R_Cruickshank_DPI             ? 
_refine.overall_SU_R_free                        ? 
_refine.ls_wR_factor_R_free                      ? 
_refine.ls_wR_factor_R_work                      ? 
_refine.overall_FOM_free_R_set                   ? 
_refine.overall_FOM_work_R_set                   ? 
_refine.pdbx_refine_id                           'X-RAY DIFFRACTION' 
_refine.pdbx_overall_phase_error                 ? 
_refine.pdbx_diffrn_id                           1 
_refine.pdbx_TLS_residual_ADP_flag               ? 
_refine.pdbx_overall_SU_R_free_Cruickshank_DPI   ? 
_refine.pdbx_overall_SU_R_Blow_DPI               ? 
_refine.pdbx_overall_SU_R_free_Blow_DPI          ? 
# 
_refine_hist.pdbx_refine_id                   'X-RAY DIFFRACTION' 
_refine_hist.cycle_id                         LAST 
_refine_hist.pdbx_number_atoms_protein        1273 
_refine_hist.pdbx_number_atoms_nucleic_acid   0 
_refine_hist.pdbx_number_atoms_ligand         74 
_refine_hist.number_atoms_solvent             103 
_refine_hist.number_atoms_total               1450 
_refine_hist.d_res_high                       2.35 
_refine_hist.d_res_low                        20.00 
# 
loop_
_refine_ls_restr.type 
_refine_ls_restr.dev_ideal 
_refine_ls_restr.dev_ideal_target 
_refine_ls_restr.weight 
_refine_ls_restr.number 
_refine_ls_restr.pdbx_refine_id 
_refine_ls_restr.pdbx_restraint_function 
r_bond_refined_d             0.006  0.022  ? 1387 'X-RAY DIFFRACTION' ? 
r_bond_other_d               0.000  0.020  ? 917  'X-RAY DIFFRACTION' ? 
r_angle_refined_deg          1.320  2.015  ? 1891 'X-RAY DIFFRACTION' ? 
r_angle_other_deg            0.637  3.000  ? 2238 'X-RAY DIFFRACTION' ? 
r_dihedral_angle_1_deg       9.427  5.000  ? 156  'X-RAY DIFFRACTION' ? 
r_dihedral_angle_2_deg       36.851 24.194 ? 62   'X-RAY DIFFRACTION' ? 
r_dihedral_angle_3_deg       20.208 15.000 ? 226  'X-RAY DIFFRACTION' ? 
r_dihedral_angle_4_deg       13.157 15.000 ? 6    'X-RAY DIFFRACTION' ? 
r_chiral_restr               0.039  0.200  ? 209  'X-RAY DIFFRACTION' ? 
r_gen_planes_refined         0.002  0.020  ? 1471 'X-RAY DIFFRACTION' ? 
r_gen_planes_other           0.000  0.020  ? 269  'X-RAY DIFFRACTION' ? 
r_nbd_refined                0.265  0.200  ? 319  'X-RAY DIFFRACTION' ? 
r_nbd_other                  0.281  0.200  ? 1016 'X-RAY DIFFRACTION' ? 
r_nbtor_refined              0.202  0.200  ? 661  'X-RAY DIFFRACTION' ? 
r_nbtor_other                0.091  0.200  ? 761  'X-RAY DIFFRACTION' ? 
r_xyhbond_nbd_refined        0.251  0.200  ? 101  'X-RAY DIFFRACTION' ? 
r_xyhbond_nbd_other          ?      ?      ? ?    'X-RAY DIFFRACTION' ? 
r_metal_ion_refined          ?      ?      ? ?    'X-RAY DIFFRACTION' ? 
r_metal_ion_other            ?      ?      ? ?    'X-RAY DIFFRACTION' ? 
r_symmetry_vdw_refined       0.471  0.200  ? 17   'X-RAY DIFFRACTION' ? 
r_symmetry_vdw_other         0.379  0.200  ? 31   'X-RAY DIFFRACTION' ? 
r_symmetry_hbond_refined     0.217  0.200  ? 9    'X-RAY DIFFRACTION' ? 
r_symmetry_hbond_other       ?      ?      ? ?    'X-RAY DIFFRACTION' ? 
r_symmetry_metal_ion_refined ?      ?      ? ?    'X-RAY DIFFRACTION' ? 
r_symmetry_metal_ion_other   ?      ?      ? ?    'X-RAY DIFFRACTION' ? 
r_mcbond_it                  0.590  2.000  ? 1002 'X-RAY DIFFRACTION' ? 
r_mcbond_other               0.063  2.000  ? 316  'X-RAY DIFFRACTION' ? 
r_mcangle_it                 0.678  3.000  ? 1280 'X-RAY DIFFRACTION' ? 
r_scbond_it                  0.286  2.000  ? 734  'X-RAY DIFFRACTION' ? 
r_scangle_it                 0.447  3.000  ? 610  'X-RAY DIFFRACTION' ? 
r_rigid_bond_restr           ?      ?      ? ?    'X-RAY DIFFRACTION' ? 
r_sphericity_free            ?      ?      ? ?    'X-RAY DIFFRACTION' ? 
r_sphericity_bonded          ?      ?      ? ?    'X-RAY DIFFRACTION' ? 
# 
_refine_ls_shell.pdbx_total_number_of_bins_used   10 
_refine_ls_shell.d_res_high                       2.350 
_refine_ls_shell.d_res_low                        2.475 
_refine_ls_shell.number_reflns_R_work             1069 
_refine_ls_shell.R_factor_R_work                  0.270 
_refine_ls_shell.percent_reflns_obs               90.46 
_refine_ls_shell.R_factor_R_free                  0.323 
_refine_ls_shell.R_factor_R_free_error            ? 
_refine_ls_shell.percent_reflns_R_free            ? 
_refine_ls_shell.number_reflns_R_free             60 
_refine_ls_shell.number_reflns_all                ? 
_refine_ls_shell.R_factor_all                     ? 
_refine_ls_shell.number_reflns_obs                ? 
_refine_ls_shell.redundancy_reflns_obs            ? 
_refine_ls_shell.pdbx_refine_id                   'X-RAY DIFFRACTION' 
# 
_struct.entry_id                  3FRA 
_struct.title                     'Staphylococcus aureus F98Y DHFR complexed with iclaprim' 
_struct.pdbx_model_details        ? 
_struct.pdbx_CASP_flag            ? 
_struct.pdbx_model_type_details   ? 
# 
_struct_keywords.entry_id        3FRA 
_struct_keywords.pdbx_keywords   OXIDOREDUCTASE 
_struct_keywords.text            'DHFR, OXIDOREDUCTASE, NADP, One-carbon metabolism' 
# 
loop_
_struct_asym.id 
_struct_asym.pdbx_blank_PDB_chainid_flag 
_struct_asym.pdbx_modified 
_struct_asym.entity_id 
_struct_asym.details 
A N N 1 ? 
B N N 2 ? 
C N N 3 ? 
D N N 4 ? 
# 
_struct_ref.id                         1 
_struct_ref.db_name                    UNP 
_struct_ref.db_code                    DYR_STAAU 
_struct_ref.pdbx_db_accession          P0A017 
_struct_ref.entity_id                  1 
_struct_ref.pdbx_seq_one_letter_code   
;TLSILVAHDLQRVIGFENQLPWHLPNDLKHVKKLSTGHTLVMGRKTFESIGKPLPNRRNVVLTSDTSFNVEGVDVIHSIE
DIYQLPGHVFIFGGQTLFEEMIDKVDDMYITVIEGKFRGDTFFPPYTFEDWEVASSVEGKLDEKNTIPHTFLHLIRKK
;
_struct_ref.pdbx_align_begin           2 
_struct_ref.pdbx_db_isoform            ? 
# 
_struct_ref_seq.align_id                      1 
_struct_ref_seq.ref_id                        1 
_struct_ref_seq.pdbx_PDB_id_code              3FRA 
_struct_ref_seq.pdbx_strand_id                X 
_struct_ref_seq.seq_align_beg                 1 
_struct_ref_seq.pdbx_seq_align_beg_ins_code   ? 
_struct_ref_seq.seq_align_end                 158 
_struct_ref_seq.pdbx_seq_align_end_ins_code   ? 
_struct_ref_seq.pdbx_db_accession             P0A017 
_struct_ref_seq.db_align_beg                  2 
_struct_ref_seq.pdbx_db_align_beg_ins_code    ? 
_struct_ref_seq.db_align_end                  159 
_struct_ref_seq.pdbx_db_align_end_ins_code    ? 
_struct_ref_seq.pdbx_auth_seq_align_beg       1 
_struct_ref_seq.pdbx_auth_seq_align_end       158 
# 
_struct_ref_seq_dif.align_id                     1 
_struct_ref_seq_dif.pdbx_pdb_id_code             3FRA 
_struct_ref_seq_dif.mon_id                       TYR 
_struct_ref_seq_dif.pdbx_pdb_strand_id           X 
_struct_ref_seq_dif.seq_num                      98 
_struct_ref_seq_dif.pdbx_pdb_ins_code            ? 
_struct_ref_seq_dif.pdbx_seq_db_name             UNP 
_struct_ref_seq_dif.pdbx_seq_db_accession_code   P0A017 
_struct_ref_seq_dif.db_mon_id                    PHE 
_struct_ref_seq_dif.pdbx_seq_db_seq_num          99 
_struct_ref_seq_dif.details                      'engineered mutation' 
_struct_ref_seq_dif.pdbx_auth_seq_num            98 
_struct_ref_seq_dif.pdbx_ordinal                 1 
# 
_pdbx_struct_assembly.id                   1 
_pdbx_struct_assembly.details              author_and_software_defined_assembly 
_pdbx_struct_assembly.method_details       PISA 
_pdbx_struct_assembly.oligomeric_details   monomeric 
_pdbx_struct_assembly.oligomeric_count     1 
# 
_pdbx_struct_assembly_gen.assembly_id       1 
_pdbx_struct_assembly_gen.oper_expression   1 
_pdbx_struct_assembly_gen.asym_id_list      A,B,C,D 
# 
_pdbx_struct_oper_list.id                   1 
_pdbx_struct_oper_list.type                 'identity operation' 
_pdbx_struct_oper_list.name                 1_555 
_pdbx_struct_oper_list.symmetry_operation   x,y,z 
_pdbx_struct_oper_list.matrix[1][1]         1.0000000000 
_pdbx_struct_oper_list.matrix[1][2]         0.0000000000 
_pdbx_struct_oper_list.matrix[1][3]         0.0000000000 
_pdbx_struct_oper_list.vector[1]            0.0000000000 
_pdbx_struct_oper_list.matrix[2][1]         0.0000000000 
_pdbx_struct_oper_list.matrix[2][2]         1.0000000000 
_pdbx_struct_oper_list.matrix[2][3]         0.0000000000 
_pdbx_struct_oper_list.vector[2]            0.0000000000 
_pdbx_struct_oper_list.matrix[3][1]         0.0000000000 
_pdbx_struct_oper_list.matrix[3][2]         0.0000000000 
_pdbx_struct_oper_list.matrix[3][3]         1.0000000000 
_pdbx_struct_oper_list.vector[3]            0.0000000000 
# 
_struct_biol.id        1 
_struct_biol.details   ? 
# 
loop_
_struct_conf.conf_type_id 
_struct_conf.id 
_struct_conf.pdbx_PDB_helix_id 
_struct_conf.beg_label_comp_id 
_struct_conf.beg_label_asym_id 
_struct_conf.beg_label_seq_id 
_struct_conf.pdbx_beg_PDB_ins_code 
_struct_conf.end_label_comp_id 
_struct_conf.end_label_asym_id 
_struct_conf.end_label_seq_id 
_struct_conf.pdbx_end_PDB_ins_code 
_struct_conf.beg_auth_comp_id 
_struct_conf.beg_auth_asym_id 
_struct_conf.beg_auth_seq_id 
_struct_conf.end_auth_comp_id 
_struct_conf.end_auth_asym_id 
_struct_conf.end_auth_seq_id 
_struct_conf.pdbx_PDB_helix_class 
_struct_conf.details 
_struct_conf.pdbx_PDB_helix_length 
HELX_P HELX_P1 1 LEU A 24 ? THR A 36  ? LEU X 24 THR X 36  1 ? 13 
HELX_P HELX_P2 2 ARG A 44 ? GLY A 51  ? ARG X 44 GLY X 51  1 ? 8  
HELX_P HELX_P3 3 SER A 78 ? LEU A 85  ? SER X 78 LEU X 85  5 ? 8  
HELX_P HELX_P4 4 GLY A 94 ? ILE A 102 ? GLY X 94 ILE X 102 1 ? 9  
# 
_struct_conf_type.id          HELX_P 
_struct_conf_type.criteria    ? 
_struct_conf_type.reference   ? 
# 
_struct_mon_prot_cis.pdbx_id                1 
_struct_mon_prot_cis.label_comp_id          GLY 
_struct_mon_prot_cis.label_seq_id           93 
_struct_mon_prot_cis.label_asym_id          A 
_struct_mon_prot_cis.label_alt_id           . 
_struct_mon_prot_cis.pdbx_PDB_ins_code      ? 
_struct_mon_prot_cis.auth_comp_id           GLY 
_struct_mon_prot_cis.auth_seq_id            93 
_struct_mon_prot_cis.auth_asym_id           X 
_struct_mon_prot_cis.pdbx_label_comp_id_2   GLY 
_struct_mon_prot_cis.pdbx_label_seq_id_2    94 
_struct_mon_prot_cis.pdbx_label_asym_id_2   A 
_struct_mon_prot_cis.pdbx_PDB_ins_code_2    ? 
_struct_mon_prot_cis.pdbx_auth_comp_id_2    GLY 
_struct_mon_prot_cis.pdbx_auth_seq_id_2     94 
_struct_mon_prot_cis.pdbx_auth_asym_id_2    X 
_struct_mon_prot_cis.pdbx_PDB_model_num     1 
_struct_mon_prot_cis.pdbx_omega_angle       -2.20 
# 
loop_
_struct_sheet.id 
_struct_sheet.type 
_struct_sheet.number_strands 
_struct_sheet.details 
A ? 8 ? 
B ? 2 ? 
# 
loop_
_struct_sheet_order.sheet_id 
_struct_sheet_order.range_id_1 
_struct_sheet_order.range_id_2 
_struct_sheet_order.offset 
_struct_sheet_order.sense 
A 1 2 ? parallel      
A 2 3 ? parallel      
A 3 4 ? parallel      
A 4 5 ? parallel      
A 5 6 ? parallel      
A 6 7 ? anti-parallel 
A 7 8 ? anti-parallel 
B 1 2 ? anti-parallel 
# 
loop_
_struct_sheet_range.sheet_id 
_struct_sheet_range.id 
_struct_sheet_range.beg_label_comp_id 
_struct_sheet_range.beg_label_asym_id 
_struct_sheet_range.beg_label_seq_id 
_struct_sheet_range.pdbx_beg_PDB_ins_code 
_struct_sheet_range.end_label_comp_id 
_struct_sheet_range.end_label_asym_id 
_struct_sheet_range.end_label_seq_id 
_struct_sheet_range.pdbx_end_PDB_ins_code 
_struct_sheet_range.beg_auth_comp_id 
_struct_sheet_range.beg_auth_asym_id 
_struct_sheet_range.beg_auth_seq_id 
_struct_sheet_range.end_auth_comp_id 
_struct_sheet_range.end_auth_asym_id 
_struct_sheet_range.end_auth_seq_id 
A 1 VAL A 73  ? ILE A 76  ? VAL X 73  ILE X 76  
A 2 ARG A 58  ? LEU A 62  ? ARG X 58  LEU X 62  
A 3 THR A 39  ? GLY A 43  ? THR X 39  GLY X 43  
A 4 VAL A 89  ? ILE A 91  ? VAL X 89  ILE X 91  
A 5 LEU A 2   ? ASP A 9   ? LEU X 2   ASP X 9   
A 6 ASP A 107 ? ILE A 113 ? ASP X 107 ILE X 113 
A 7 HIS A 149 ? ARG A 156 ? HIS X 149 ARG X 156 
A 8 TRP A 131 ? GLU A 138 ? TRP X 131 GLU X 138 
B 1 VAL A 13  ? GLY A 15  ? VAL X 13  GLY X 15  
B 2 THR A 121 ? PHE A 122 ? THR X 121 PHE X 122 
# 
loop_
_pdbx_struct_sheet_hbond.sheet_id 
_pdbx_struct_sheet_hbond.range_id_1 
_pdbx_struct_sheet_hbond.range_id_2 
_pdbx_struct_sheet_hbond.range_1_label_atom_id 
_pdbx_struct_sheet_hbond.range_1_label_comp_id 
_pdbx_struct_sheet_hbond.range_1_label_asym_id 
_pdbx_struct_sheet_hbond.range_1_label_seq_id 
_pdbx_struct_sheet_hbond.range_1_PDB_ins_code 
_pdbx_struct_sheet_hbond.range_1_auth_atom_id 
_pdbx_struct_sheet_hbond.range_1_auth_comp_id 
_pdbx_struct_sheet_hbond.range_1_auth_asym_id 
_pdbx_struct_sheet_hbond.range_1_auth_seq_id 
_pdbx_struct_sheet_hbond.range_2_label_atom_id 
_pdbx_struct_sheet_hbond.range_2_label_comp_id 
_pdbx_struct_sheet_hbond.range_2_label_asym_id 
_pdbx_struct_sheet_hbond.range_2_label_seq_id 
_pdbx_struct_sheet_hbond.range_2_PDB_ins_code 
_pdbx_struct_sheet_hbond.range_2_auth_atom_id 
_pdbx_struct_sheet_hbond.range_2_auth_comp_id 
_pdbx_struct_sheet_hbond.range_2_auth_asym_id 
_pdbx_struct_sheet_hbond.range_2_auth_seq_id 
A 1 2 O ASP A 74  ? O ASP X 74  N VAL A 61  ? N VAL X 61  
A 2 3 O ARG A 58  ? O ARG X 58  N LEU A 40  ? N LEU X 40  
A 3 4 N THR A 39  ? N THR X 39  O PHE A 90  ? O PHE X 90  
A 4 5 O ILE A 91  ? O ILE X 91  N SER A 3   ? N SER X 3   
A 5 6 N ILE A 4   ? N ILE X 4   O TYR A 109 ? O TYR X 109 
A 6 7 N ILE A 110 ? N ILE X 110 O LEU A 152 ? O LEU X 152 
A 7 8 O PHE A 151 ? O PHE X 151 N VAL A 137 ? N VAL X 137 
B 1 2 N ILE A 14  ? N ILE X 14  O THR A 121 ? O THR X 121 
# 
loop_
_struct_site.id 
_struct_site.pdbx_evidence_code 
_struct_site.pdbx_auth_asym_id 
_struct_site.pdbx_auth_comp_id 
_struct_site.pdbx_auth_seq_id 
_struct_site.pdbx_auth_ins_code 
_struct_site.pdbx_num_residues 
_struct_site.details 
AC1 Software X NAP 301 ? 28 'BINDING SITE FOR RESIDUE NAP X 301' 
AC2 Software X I2H 300 ? 13 'BINDING SITE FOR RESIDUE I2H X 300' 
# 
loop_
_struct_site_gen.id 
_struct_site_gen.site_id 
_struct_site_gen.pdbx_num_res 
_struct_site_gen.label_comp_id 
_struct_site_gen.label_asym_id 
_struct_site_gen.label_seq_id 
_struct_site_gen.pdbx_auth_ins_code 
_struct_site_gen.auth_comp_id 
_struct_site_gen.auth_asym_id 
_struct_site_gen.auth_seq_id 
_struct_site_gen.label_atom_id 
_struct_site_gen.label_alt_id 
_struct_site_gen.symmetry 
_struct_site_gen.details 
1  AC1 28 VAL A 6   ? VAL X 6   . ? 1_555 ? 
2  AC1 28 ALA A 7   ? ALA X 7   . ? 1_555 ? 
3  AC1 28 ILE A 14  ? ILE X 14  . ? 1_555 ? 
4  AC1 28 GLY A 15  ? GLY X 15  . ? 1_555 ? 
5  AC1 28 ASN A 18  ? ASN X 18  . ? 1_555 ? 
6  AC1 28 GLN A 19  ? GLN X 19  . ? 1_555 ? 
7  AC1 28 LEU A 20  ? LEU X 20  . ? 1_555 ? 
8  AC1 28 GLY A 43  ? GLY X 43  . ? 1_555 ? 
9  AC1 28 ARG A 44  ? ARG X 44  . ? 1_555 ? 
10 AC1 28 LYS A 45  ? LYS X 45  . ? 1_555 ? 
11 AC1 28 THR A 46  ? THR X 46  . ? 1_555 ? 
12 AC1 28 LEU A 62  ? LEU X 62  . ? 1_555 ? 
13 AC1 28 THR A 63  ? THR X 63  . ? 1_555 ? 
14 AC1 28 SER A 64  ? SER X 64  . ? 1_555 ? 
15 AC1 28 PHE A 92  ? PHE X 92  . ? 1_555 ? 
16 AC1 28 GLY A 93  ? GLY X 93  . ? 1_555 ? 
17 AC1 28 GLY A 94  ? GLY X 94  . ? 1_555 ? 
18 AC1 28 GLN A 95  ? GLN X 95  . ? 1_555 ? 
19 AC1 28 THR A 96  ? THR X 96  . ? 1_555 ? 
20 AC1 28 TYR A 98  ? TYR X 98  . ? 1_555 ? 
21 AC1 28 GLU A 100 ? GLU X 100 . ? 1_555 ? 
22 AC1 28 THR A 121 ? THR X 121 . ? 1_555 ? 
23 AC1 28 HOH D .   ? HOH X 177 . ? 1_555 ? 
24 AC1 28 HOH D .   ? HOH X 178 . ? 1_555 ? 
25 AC1 28 HOH D .   ? HOH X 179 . ? 1_555 ? 
26 AC1 28 HOH D .   ? HOH X 180 . ? 1_555 ? 
27 AC1 28 HOH D .   ? HOH X 258 . ? 1_555 ? 
28 AC1 28 I2H C .   ? I2H X 300 . ? 1_555 ? 
29 AC2 13 LEU A 5   ? LEU X 5   . ? 1_555 ? 
30 AC2 13 VAL A 6   ? VAL X 6   . ? 1_555 ? 
31 AC2 13 ALA A 7   ? ALA X 7   . ? 1_555 ? 
32 AC2 13 ASP A 27  ? ASP X 27  . ? 1_555 ? 
33 AC2 13 LEU A 28  ? LEU X 28  . ? 1_555 ? 
34 AC2 13 VAL A 31  ? VAL X 31  . ? 1_555 ? 
35 AC2 13 SER A 49  ? SER X 49  . ? 1_555 ? 
36 AC2 13 PHE A 92  ? PHE X 92  . ? 1_555 ? 
37 AC2 13 TYR A 98  ? TYR X 98  . ? 1_555 ? 
38 AC2 13 HOH D .   ? HOH X 160 . ? 1_555 ? 
39 AC2 13 HOH D .   ? HOH X 196 . ? 1_555 ? 
40 AC2 13 HOH D .   ? HOH X 216 . ? 1_555 ? 
41 AC2 13 NAP B .   ? NAP X 301 . ? 1_555 ? 
# 
loop_
_pdbx_validate_close_contact.id 
_pdbx_validate_close_contact.PDB_model_num 
_pdbx_validate_close_contact.auth_atom_id_1 
_pdbx_validate_close_contact.auth_asym_id_1 
_pdbx_validate_close_contact.auth_comp_id_1 
_pdbx_validate_close_contact.auth_seq_id_1 
_pdbx_validate_close_contact.PDB_ins_code_1 
_pdbx_validate_close_contact.label_alt_id_1 
_pdbx_validate_close_contact.auth_atom_id_2 
_pdbx_validate_close_contact.auth_asym_id_2 
_pdbx_validate_close_contact.auth_comp_id_2 
_pdbx_validate_close_contact.auth_seq_id_2 
_pdbx_validate_close_contact.PDB_ins_code_2 
_pdbx_validate_close_contact.label_alt_id_2 
_pdbx_validate_close_contact.dist 
1 1 OD1 X ASP 65  ? ? O X HOH 181 ? ? 1.39 
2 1 NH1 X ARG 57  ? ? O X HOH 223 ? ? 1.98 
3 1 O   X PRO 21  ? ? O X HOH 172 ? ? 2.16 
4 1 OH  X TYR 109 ? ? O X HOH 195 ? ? 2.16 
# 
_pdbx_validate_symm_contact.id                1 
_pdbx_validate_symm_contact.PDB_model_num     1 
_pdbx_validate_symm_contact.auth_atom_id_1    OE2 
_pdbx_validate_symm_contact.auth_asym_id_1    X 
_pdbx_validate_symm_contact.auth_comp_id_1    GLU 
_pdbx_validate_symm_contact.auth_seq_id_1     48 
_pdbx_validate_symm_contact.PDB_ins_code_1    ? 
_pdbx_validate_symm_contact.label_alt_id_1    ? 
_pdbx_validate_symm_contact.site_symmetry_1   1_555 
_pdbx_validate_symm_contact.auth_atom_id_2    OE2 
_pdbx_validate_symm_contact.auth_asym_id_2    X 
_pdbx_validate_symm_contact.auth_comp_id_2    GLU 
_pdbx_validate_symm_contact.auth_seq_id_2     48 
_pdbx_validate_symm_contact.PDB_ins_code_2    ? 
_pdbx_validate_symm_contact.label_alt_id_2    ? 
_pdbx_validate_symm_contact.site_symmetry_2   10_665 
_pdbx_validate_symm_contact.dist              1.86 
# 
loop_
_pdbx_validate_torsion.id 
_pdbx_validate_torsion.PDB_model_num 
_pdbx_validate_torsion.auth_comp_id 
_pdbx_validate_torsion.auth_asym_id 
_pdbx_validate_torsion.auth_seq_id 
_pdbx_validate_torsion.PDB_ins_code 
_pdbx_validate_torsion.label_alt_id 
_pdbx_validate_torsion.phi 
_pdbx_validate_torsion.psi 
1 1 HIS X 38 ? ? -128.55 -159.34 
2 1 ASN X 69 ? ? -154.48 80.85   
# 
_pdbx_unobs_or_zero_occ_residues.id               1 
_pdbx_unobs_or_zero_occ_residues.PDB_model_num    1 
_pdbx_unobs_or_zero_occ_residues.polymer_flag     Y 
_pdbx_unobs_or_zero_occ_residues.occupancy_flag   1 
_pdbx_unobs_or_zero_occ_residues.auth_asym_id     X 
_pdbx_unobs_or_zero_occ_residues.auth_comp_id     LYS 
_pdbx_unobs_or_zero_occ_residues.auth_seq_id      158 
_pdbx_unobs_or_zero_occ_residues.PDB_ins_code     ? 
_pdbx_unobs_or_zero_occ_residues.label_asym_id    A 
_pdbx_unobs_or_zero_occ_residues.label_comp_id    LYS 
_pdbx_unobs_or_zero_occ_residues.label_seq_id     158 
# 
loop_
_chem_comp_atom.comp_id 
_chem_comp_atom.atom_id 
_chem_comp_atom.type_symbol 
_chem_comp_atom.pdbx_aromatic_flag 
_chem_comp_atom.pdbx_stereo_config 
_chem_comp_atom.pdbx_ordinal 
ALA N    N N N 1   
ALA CA   C N S 2   
ALA C    C N N 3   
ALA O    O N N 4   
ALA CB   C N N 5   
ALA OXT  O N N 6   
ALA H    H N N 7   
ALA H2   H N N 8   
ALA HA   H N N 9   
ALA HB1  H N N 10  
ALA HB2  H N N 11  
ALA HB3  H N N 12  
ALA HXT  H N N 13  
ARG N    N N N 14  
ARG CA   C N S 15  
ARG C    C N N 16  
ARG O    O N N 17  
ARG CB   C N N 18  
ARG CG   C N N 19  
ARG CD   C N N 20  
ARG NE   N N N 21  
ARG CZ   C N N 22  
ARG NH1  N N N 23  
ARG NH2  N N N 24  
ARG OXT  O N N 25  
ARG H    H N N 26  
ARG H2   H N N 27  
ARG HA   H N N 28  
ARG HB2  H N N 29  
ARG HB3  H N N 30  
ARG HG2  H N N 31  
ARG HG3  H N N 32  
ARG HD2  H N N 33  
ARG HD3  H N N 34  
ARG HE   H N N 35  
ARG HH11 H N N 36  
ARG HH12 H N N 37  
ARG HH21 H N N 38  
ARG HH22 H N N 39  
ARG HXT  H N N 40  
ASN N    N N N 41  
ASN CA   C N S 42  
ASN C    C N N 43  
ASN O    O N N 44  
ASN CB   C N N 45  
ASN CG   C N N 46  
ASN OD1  O N N 47  
ASN ND2  N N N 48  
ASN OXT  O N N 49  
ASN H    H N N 50  
ASN H2   H N N 51  
ASN HA   H N N 52  
ASN HB2  H N N 53  
ASN HB3  H N N 54  
ASN HD21 H N N 55  
ASN HD22 H N N 56  
ASN HXT  H N N 57  
ASP N    N N N 58  
ASP CA   C N S 59  
ASP C    C N N 60  
ASP O    O N N 61  
ASP CB   C N N 62  
ASP CG   C N N 63  
ASP OD1  O N N 64  
ASP OD2  O N N 65  
ASP OXT  O N N 66  
ASP H    H N N 67  
ASP H2   H N N 68  
ASP HA   H N N 69  
ASP HB2  H N N 70  
ASP HB3  H N N 71  
ASP HD2  H N N 72  
ASP HXT  H N N 73  
GLN N    N N N 74  
GLN CA   C N S 75  
GLN C    C N N 76  
GLN O    O N N 77  
GLN CB   C N N 78  
GLN CG   C N N 79  
GLN CD   C N N 80  
GLN OE1  O N N 81  
GLN NE2  N N N 82  
GLN OXT  O N N 83  
GLN H    H N N 84  
GLN H2   H N N 85  
GLN HA   H N N 86  
GLN HB2  H N N 87  
GLN HB3  H N N 88  
GLN HG2  H N N 89  
GLN HG3  H N N 90  
GLN HE21 H N N 91  
GLN HE22 H N N 92  
GLN HXT  H N N 93  
GLU N    N N N 94  
GLU CA   C N S 95  
GLU C    C N N 96  
GLU O    O N N 97  
GLU CB   C N N 98  
GLU CG   C N N 99  
GLU CD   C N N 100 
GLU OE1  O N N 101 
GLU OE2  O N N 102 
GLU OXT  O N N 103 
GLU H    H N N 104 
GLU H2   H N N 105 
GLU HA   H N N 106 
GLU HB2  H N N 107 
GLU HB3  H N N 108 
GLU HG2  H N N 109 
GLU HG3  H N N 110 
GLU HE2  H N N 111 
GLU HXT  H N N 112 
GLY N    N N N 113 
GLY CA   C N N 114 
GLY C    C N N 115 
GLY O    O N N 116 
GLY OXT  O N N 117 
GLY H    H N N 118 
GLY H2   H N N 119 
GLY HA2  H N N 120 
GLY HA3  H N N 121 
GLY HXT  H N N 122 
HIS N    N N N 123 
HIS CA   C N S 124 
HIS C    C N N 125 
HIS O    O N N 126 
HIS CB   C N N 127 
HIS CG   C Y N 128 
HIS ND1  N Y N 129 
HIS CD2  C Y N 130 
HIS CE1  C Y N 131 
HIS NE2  N Y N 132 
HIS OXT  O N N 133 
HIS H    H N N 134 
HIS H2   H N N 135 
HIS HA   H N N 136 
HIS HB2  H N N 137 
HIS HB3  H N N 138 
HIS HD1  H N N 139 
HIS HD2  H N N 140 
HIS HE1  H N N 141 
HIS HE2  H N N 142 
HIS HXT  H N N 143 
HOH O    O N N 144 
HOH H1   H N N 145 
HOH H2   H N N 146 
I2H N7   N N N 147 
I2H C6   C Y N 148 
I2H N5   N Y N 149 
I2H C3   C Y N 150 
I2H N4   N N N 151 
I2H N2   N Y N 152 
I2H C1   C Y N 153 
I2H C8   C Y N 154 
I2H C9   C N N 155 
I2H C10  C Y N 156 
I2H C21  C Y N 157 
I2H C18  C Y N 158 
I2H O19  O N N 159 
I2H C20  C N N 160 
I2H C11  C Y N 161 
I2H C12  C Y N 162 
I2H O13  O N N 163 
I2H C15  C Y N 164 
I2H O16  O N N 165 
I2H C17  C N N 166 
I2H C27  C N N 167 
I2H C28  C N N 168 
I2H C14  C N S 169 
I2H C24  C N N 170 
I2H C26  C N N 171 
I2H C25  C N N 172 
I2H H1   H N N 173 
I2H H2   H N N 174 
I2H H3   H N N 175 
I2H H4   H N N 176 
I2H H5   H N N 177 
I2H H6   H N N 178 
I2H H7   H N N 179 
I2H H8   H N N 180 
I2H H9   H N N 181 
I2H H10  H N N 182 
I2H H11  H N N 183 
I2H H12  H N N 184 
I2H H13  H N N 185 
I2H H14  H N N 186 
I2H H15  H N N 187 
I2H H17  H N N 188 
I2H H19  H N N 189 
I2H H20  H N N 190 
I2H H21  H N N 191 
I2H H22  H N N 192 
I2H H23  H N N 193 
I2H H24  H N N 194 
ILE N    N N N 195 
ILE CA   C N S 196 
ILE C    C N N 197 
ILE O    O N N 198 
ILE CB   C N S 199 
ILE CG1  C N N 200 
ILE CG2  C N N 201 
ILE CD1  C N N 202 
ILE OXT  O N N 203 
ILE H    H N N 204 
ILE H2   H N N 205 
ILE HA   H N N 206 
ILE HB   H N N 207 
ILE HG12 H N N 208 
ILE HG13 H N N 209 
ILE HG21 H N N 210 
ILE HG22 H N N 211 
ILE HG23 H N N 212 
ILE HD11 H N N 213 
ILE HD12 H N N 214 
ILE HD13 H N N 215 
ILE HXT  H N N 216 
LEU N    N N N 217 
LEU CA   C N S 218 
LEU C    C N N 219 
LEU O    O N N 220 
LEU CB   C N N 221 
LEU CG   C N N 222 
LEU CD1  C N N 223 
LEU CD2  C N N 224 
LEU OXT  O N N 225 
LEU H    H N N 226 
LEU H2   H N N 227 
LEU HA   H N N 228 
LEU HB2  H N N 229 
LEU HB3  H N N 230 
LEU HG   H N N 231 
LEU HD11 H N N 232 
LEU HD12 H N N 233 
LEU HD13 H N N 234 
LEU HD21 H N N 235 
LEU HD22 H N N 236 
LEU HD23 H N N 237 
LEU HXT  H N N 238 
LYS N    N N N 239 
LYS CA   C N S 240 
LYS C    C N N 241 
LYS O    O N N 242 
LYS CB   C N N 243 
LYS CG   C N N 244 
LYS CD   C N N 245 
LYS CE   C N N 246 
LYS NZ   N N N 247 
LYS OXT  O N N 248 
LYS H    H N N 249 
LYS H2   H N N 250 
LYS HA   H N N 251 
LYS HB2  H N N 252 
LYS HB3  H N N 253 
LYS HG2  H N N 254 
LYS HG3  H N N 255 
LYS HD2  H N N 256 
LYS HD3  H N N 257 
LYS HE2  H N N 258 
LYS HE3  H N N 259 
LYS HZ1  H N N 260 
LYS HZ2  H N N 261 
LYS HZ3  H N N 262 
LYS HXT  H N N 263 
MET N    N N N 264 
MET CA   C N S 265 
MET C    C N N 266 
MET O    O N N 267 
MET CB   C N N 268 
MET CG   C N N 269 
MET SD   S N N 270 
MET CE   C N N 271 
MET OXT  O N N 272 
MET H    H N N 273 
MET H2   H N N 274 
MET HA   H N N 275 
MET HB2  H N N 276 
MET HB3  H N N 277 
MET HG2  H N N 278 
MET HG3  H N N 279 
MET HE1  H N N 280 
MET HE2  H N N 281 
MET HE3  H N N 282 
MET HXT  H N N 283 
NAP PA   P N R 284 
NAP O1A  O N N 285 
NAP O2A  O N N 286 
NAP O5B  O N N 287 
NAP C5B  C N N 288 
NAP C4B  C N R 289 
NAP O4B  O N N 290 
NAP C3B  C N R 291 
NAP O3B  O N N 292 
NAP C2B  C N R 293 
NAP O2B  O N N 294 
NAP C1B  C N R 295 
NAP N9A  N Y N 296 
NAP C8A  C Y N 297 
NAP N7A  N Y N 298 
NAP C5A  C Y N 299 
NAP C6A  C Y N 300 
NAP N6A  N N N 301 
NAP N1A  N Y N 302 
NAP C2A  C Y N 303 
NAP N3A  N Y N 304 
NAP C4A  C Y N 305 
NAP O3   O N N 306 
NAP PN   P N N 307 
NAP O1N  O N N 308 
NAP O2N  O N N 309 
NAP O5D  O N N 310 
NAP C5D  C N N 311 
NAP C4D  C N R 312 
NAP O4D  O N N 313 
NAP C3D  C N S 314 
NAP O3D  O N N 315 
NAP C2D  C N R 316 
NAP O2D  O N N 317 
NAP C1D  C N R 318 
NAP N1N  N Y N 319 
NAP C2N  C Y N 320 
NAP C3N  C Y N 321 
NAP C7N  C N N 322 
NAP O7N  O N N 323 
NAP N7N  N N N 324 
NAP C4N  C Y N 325 
NAP C5N  C Y N 326 
NAP C6N  C Y N 327 
NAP P2B  P N N 328 
NAP O1X  O N N 329 
NAP O2X  O N N 330 
NAP O3X  O N N 331 
NAP HOA2 H N N 332 
NAP H51A H N N 333 
NAP H52A H N N 334 
NAP H4B  H N N 335 
NAP H3B  H N N 336 
NAP HO3A H N N 337 
NAP H2B  H N N 338 
NAP H1B  H N N 339 
NAP H8A  H N N 340 
NAP H61A H N N 341 
NAP H62A H N N 342 
NAP H2A  H N N 343 
NAP H51N H N N 344 
NAP H52N H N N 345 
NAP H4D  H N N 346 
NAP H3D  H N N 347 
NAP HO3N H N N 348 
NAP H2D  H N N 349 
NAP HO2N H N N 350 
NAP H1D  H N N 351 
NAP H2N  H N N 352 
NAP H71N H N N 353 
NAP H72N H N N 354 
NAP H4N  H N N 355 
NAP H5N  H N N 356 
NAP H6N  H N N 357 
NAP HOP2 H N N 358 
NAP HOP3 H N N 359 
PHE N    N N N 360 
PHE CA   C N S 361 
PHE C    C N N 362 
PHE O    O N N 363 
PHE CB   C N N 364 
PHE CG   C Y N 365 
PHE CD1  C Y N 366 
PHE CD2  C Y N 367 
PHE CE1  C Y N 368 
PHE CE2  C Y N 369 
PHE CZ   C Y N 370 
PHE OXT  O N N 371 
PHE H    H N N 372 
PHE H2   H N N 373 
PHE HA   H N N 374 
PHE HB2  H N N 375 
PHE HB3  H N N 376 
PHE HD1  H N N 377 
PHE HD2  H N N 378 
PHE HE1  H N N 379 
PHE HE2  H N N 380 
PHE HZ   H N N 381 
PHE HXT  H N N 382 
PRO N    N N N 383 
PRO CA   C N S 384 
PRO C    C N N 385 
PRO O    O N N 386 
PRO CB   C N N 387 
PRO CG   C N N 388 
PRO CD   C N N 389 
PRO OXT  O N N 390 
PRO H    H N N 391 
PRO HA   H N N 392 
PRO HB2  H N N 393 
PRO HB3  H N N 394 
PRO HG2  H N N 395 
PRO HG3  H N N 396 
PRO HD2  H N N 397 
PRO HD3  H N N 398 
PRO HXT  H N N 399 
SER N    N N N 400 
SER CA   C N S 401 
SER C    C N N 402 
SER O    O N N 403 
SER CB   C N N 404 
SER OG   O N N 405 
SER OXT  O N N 406 
SER H    H N N 407 
SER H2   H N N 408 
SER HA   H N N 409 
SER HB2  H N N 410 
SER HB3  H N N 411 
SER HG   H N N 412 
SER HXT  H N N 413 
THR N    N N N 414 
THR CA   C N S 415 
THR C    C N N 416 
THR O    O N N 417 
THR CB   C N R 418 
THR OG1  O N N 419 
THR CG2  C N N 420 
THR OXT  O N N 421 
THR H    H N N 422 
THR H2   H N N 423 
THR HA   H N N 424 
THR HB   H N N 425 
THR HG1  H N N 426 
THR HG21 H N N 427 
THR HG22 H N N 428 
THR HG23 H N N 429 
THR HXT  H N N 430 
TRP N    N N N 431 
TRP CA   C N S 432 
TRP C    C N N 433 
TRP O    O N N 434 
TRP CB   C N N 435 
TRP CG   C Y N 436 
TRP CD1  C Y N 437 
TRP CD2  C Y N 438 
TRP NE1  N Y N 439 
TRP CE2  C Y N 440 
TRP CE3  C Y N 441 
TRP CZ2  C Y N 442 
TRP CZ3  C Y N 443 
TRP CH2  C Y N 444 
TRP OXT  O N N 445 
TRP H    H N N 446 
TRP H2   H N N 447 
TRP HA   H N N 448 
TRP HB2  H N N 449 
TRP HB3  H N N 450 
TRP HD1  H N N 451 
TRP HE1  H N N 452 
TRP HE3  H N N 453 
TRP HZ2  H N N 454 
TRP HZ3  H N N 455 
TRP HH2  H N N 456 
TRP HXT  H N N 457 
TYR N    N N N 458 
TYR CA   C N S 459 
TYR C    C N N 460 
TYR O    O N N 461 
TYR CB   C N N 462 
TYR CG   C Y N 463 
TYR CD1  C Y N 464 
TYR CD2  C Y N 465 
TYR CE1  C Y N 466 
TYR CE2  C Y N 467 
TYR CZ   C Y N 468 
TYR OH   O N N 469 
TYR OXT  O N N 470 
TYR H    H N N 471 
TYR H2   H N N 472 
TYR HA   H N N 473 
TYR HB2  H N N 474 
TYR HB3  H N N 475 
TYR HD1  H N N 476 
TYR HD2  H N N 477 
TYR HE1  H N N 478 
TYR HE2  H N N 479 
TYR HH   H N N 480 
TYR HXT  H N N 481 
VAL N    N N N 482 
VAL CA   C N S 483 
VAL C    C N N 484 
VAL O    O N N 485 
VAL CB   C N N 486 
VAL CG1  C N N 487 
VAL CG2  C N N 488 
VAL OXT  O N N 489 
VAL H    H N N 490 
VAL H2   H N N 491 
VAL HA   H N N 492 
VAL HB   H N N 493 
VAL HG11 H N N 494 
VAL HG12 H N N 495 
VAL HG13 H N N 496 
VAL HG21 H N N 497 
VAL HG22 H N N 498 
VAL HG23 H N N 499 
VAL HXT  H N N 500 
# 
loop_
_chem_comp_bond.comp_id 
_chem_comp_bond.atom_id_1 
_chem_comp_bond.atom_id_2 
_chem_comp_bond.value_order 
_chem_comp_bond.pdbx_aromatic_flag 
_chem_comp_bond.pdbx_stereo_config 
_chem_comp_bond.pdbx_ordinal 
ALA N   CA   sing N N 1   
ALA N   H    sing N N 2   
ALA N   H2   sing N N 3   
ALA CA  C    sing N N 4   
ALA CA  CB   sing N N 5   
ALA CA  HA   sing N N 6   
ALA C   O    doub N N 7   
ALA C   OXT  sing N N 8   
ALA CB  HB1  sing N N 9   
ALA CB  HB2  sing N N 10  
ALA CB  HB3  sing N N 11  
ALA OXT HXT  sing N N 12  
ARG N   CA   sing N N 13  
ARG N   H    sing N N 14  
ARG N   H2   sing N N 15  
ARG CA  C    sing N N 16  
ARG CA  CB   sing N N 17  
ARG CA  HA   sing N N 18  
ARG C   O    doub N N 19  
ARG C   OXT  sing N N 20  
ARG CB  CG   sing N N 21  
ARG CB  HB2  sing N N 22  
ARG CB  HB3  sing N N 23  
ARG CG  CD   sing N N 24  
ARG CG  HG2  sing N N 25  
ARG CG  HG3  sing N N 26  
ARG CD  NE   sing N N 27  
ARG CD  HD2  sing N N 28  
ARG CD  HD3  sing N N 29  
ARG NE  CZ   sing N N 30  
ARG NE  HE   sing N N 31  
ARG CZ  NH1  sing N N 32  
ARG CZ  NH2  doub N N 33  
ARG NH1 HH11 sing N N 34  
ARG NH1 HH12 sing N N 35  
ARG NH2 HH21 sing N N 36  
ARG NH2 HH22 sing N N 37  
ARG OXT HXT  sing N N 38  
ASN N   CA   sing N N 39  
ASN N   H    sing N N 40  
ASN N   H2   sing N N 41  
ASN CA  C    sing N N 42  
ASN CA  CB   sing N N 43  
ASN CA  HA   sing N N 44  
ASN C   O    doub N N 45  
ASN C   OXT  sing N N 46  
ASN CB  CG   sing N N 47  
ASN CB  HB2  sing N N 48  
ASN CB  HB3  sing N N 49  
ASN CG  OD1  doub N N 50  
ASN CG  ND2  sing N N 51  
ASN ND2 HD21 sing N N 52  
ASN ND2 HD22 sing N N 53  
ASN OXT HXT  sing N N 54  
ASP N   CA   sing N N 55  
ASP N   H    sing N N 56  
ASP N   H2   sing N N 57  
ASP CA  C    sing N N 58  
ASP CA  CB   sing N N 59  
ASP CA  HA   sing N N 60  
ASP C   O    doub N N 61  
ASP C   OXT  sing N N 62  
ASP CB  CG   sing N N 63  
ASP CB  HB2  sing N N 64  
ASP CB  HB3  sing N N 65  
ASP CG  OD1  doub N N 66  
ASP CG  OD2  sing N N 67  
ASP OD2 HD2  sing N N 68  
ASP OXT HXT  sing N N 69  
GLN N   CA   sing N N 70  
GLN N   H    sing N N 71  
GLN N   H2   sing N N 72  
GLN CA  C    sing N N 73  
GLN CA  CB   sing N N 74  
GLN CA  HA   sing N N 75  
GLN C   O    doub N N 76  
GLN C   OXT  sing N N 77  
GLN CB  CG   sing N N 78  
GLN CB  HB2  sing N N 79  
GLN CB  HB3  sing N N 80  
GLN CG  CD   sing N N 81  
GLN CG  HG2  sing N N 82  
GLN CG  HG3  sing N N 83  
GLN CD  OE1  doub N N 84  
GLN CD  NE2  sing N N 85  
GLN NE2 HE21 sing N N 86  
GLN NE2 HE22 sing N N 87  
GLN OXT HXT  sing N N 88  
GLU N   CA   sing N N 89  
GLU N   H    sing N N 90  
GLU N   H2   sing N N 91  
GLU CA  C    sing N N 92  
GLU CA  CB   sing N N 93  
GLU CA  HA   sing N N 94  
GLU C   O    doub N N 95  
GLU C   OXT  sing N N 96  
GLU CB  CG   sing N N 97  
GLU CB  HB2  sing N N 98  
GLU CB  HB3  sing N N 99  
GLU CG  CD   sing N N 100 
GLU CG  HG2  sing N N 101 
GLU CG  HG3  sing N N 102 
GLU CD  OE1  doub N N 103 
GLU CD  OE2  sing N N 104 
GLU OE2 HE2  sing N N 105 
GLU OXT HXT  sing N N 106 
GLY N   CA   sing N N 107 
GLY N   H    sing N N 108 
GLY N   H2   sing N N 109 
GLY CA  C    sing N N 110 
GLY CA  HA2  sing N N 111 
GLY CA  HA3  sing N N 112 
GLY C   O    doub N N 113 
GLY C   OXT  sing N N 114 
GLY OXT HXT  sing N N 115 
HIS N   CA   sing N N 116 
HIS N   H    sing N N 117 
HIS N   H2   sing N N 118 
HIS CA  C    sing N N 119 
HIS CA  CB   sing N N 120 
HIS CA  HA   sing N N 121 
HIS C   O    doub N N 122 
HIS C   OXT  sing N N 123 
HIS CB  CG   sing N N 124 
HIS CB  HB2  sing N N 125 
HIS CB  HB3  sing N N 126 
HIS CG  ND1  sing Y N 127 
HIS CG  CD2  doub Y N 128 
HIS ND1 CE1  doub Y N 129 
HIS ND1 HD1  sing N N 130 
HIS CD2 NE2  sing Y N 131 
HIS CD2 HD2  sing N N 132 
HIS CE1 NE2  sing Y N 133 
HIS CE1 HE1  sing N N 134 
HIS NE2 HE2  sing N N 135 
HIS OXT HXT  sing N N 136 
HOH O   H1   sing N N 137 
HOH O   H2   sing N N 138 
I2H N7  C6   sing N N 139 
I2H C25 C26  sing N N 140 
I2H C25 C24  sing N N 141 
I2H N5  C6   sing Y N 142 
I2H N5  C3   doub Y N 143 
I2H C6  C8   doub Y N 144 
I2H C28 C27  doub N N 145 
I2H C28 C14  sing N N 146 
I2H C27 C11  sing N N 147 
I2H N4  C3   sing N N 148 
I2H C26 C24  sing N N 149 
I2H C3  N2   sing Y N 150 
I2H C8  C9   sing N N 151 
I2H C8  C1   sing Y N 152 
I2H C24 C14  sing N N 153 
I2H C9  C10  sing N N 154 
I2H C14 O13  sing N N 155 
I2H N2  C1   doub Y N 156 
I2H C11 C10  sing Y N 157 
I2H C11 C12  doub Y N 158 
I2H C10 C21  doub Y N 159 
I2H O13 C12  sing N N 160 
I2H C12 C15  sing Y N 161 
I2H C21 C18  sing Y N 162 
I2H C15 C18  doub Y N 163 
I2H C15 O16  sing N N 164 
I2H C18 O19  sing N N 165 
I2H C17 O16  sing N N 166 
I2H O19 C20  sing N N 167 
I2H N7  H1   sing N N 168 
I2H N7  H2   sing N N 169 
I2H N4  H3   sing N N 170 
I2H N4  H4   sing N N 171 
I2H C1  H5   sing N N 172 
I2H C9  H6   sing N N 173 
I2H C9  H7   sing N N 174 
I2H C21 H8   sing N N 175 
I2H C20 H9   sing N N 176 
I2H C20 H10  sing N N 177 
I2H C20 H11  sing N N 178 
I2H C17 H12  sing N N 179 
I2H C17 H13  sing N N 180 
I2H C17 H14  sing N N 181 
I2H C27 H15  sing N N 182 
I2H C28 H17  sing N N 183 
I2H C14 H19  sing N N 184 
I2H C24 H20  sing N N 185 
I2H C26 H21  sing N N 186 
I2H C26 H22  sing N N 187 
I2H C25 H23  sing N N 188 
I2H C25 H24  sing N N 189 
ILE N   CA   sing N N 190 
ILE N   H    sing N N 191 
ILE N   H2   sing N N 192 
ILE CA  C    sing N N 193 
ILE CA  CB   sing N N 194 
ILE CA  HA   sing N N 195 
ILE C   O    doub N N 196 
ILE C   OXT  sing N N 197 
ILE CB  CG1  sing N N 198 
ILE CB  CG2  sing N N 199 
ILE CB  HB   sing N N 200 
ILE CG1 CD1  sing N N 201 
ILE CG1 HG12 sing N N 202 
ILE CG1 HG13 sing N N 203 
ILE CG2 HG21 sing N N 204 
ILE CG2 HG22 sing N N 205 
ILE CG2 HG23 sing N N 206 
ILE CD1 HD11 sing N N 207 
ILE CD1 HD12 sing N N 208 
ILE CD1 HD13 sing N N 209 
ILE OXT HXT  sing N N 210 
LEU N   CA   sing N N 211 
LEU N   H    sing N N 212 
LEU N   H2   sing N N 213 
LEU CA  C    sing N N 214 
LEU CA  CB   sing N N 215 
LEU CA  HA   sing N N 216 
LEU C   O    doub N N 217 
LEU C   OXT  sing N N 218 
LEU CB  CG   sing N N 219 
LEU CB  HB2  sing N N 220 
LEU CB  HB3  sing N N 221 
LEU CG  CD1  sing N N 222 
LEU CG  CD2  sing N N 223 
LEU CG  HG   sing N N 224 
LEU CD1 HD11 sing N N 225 
LEU CD1 HD12 sing N N 226 
LEU CD1 HD13 sing N N 227 
LEU CD2 HD21 sing N N 228 
LEU CD2 HD22 sing N N 229 
LEU CD2 HD23 sing N N 230 
LEU OXT HXT  sing N N 231 
LYS N   CA   sing N N 232 
LYS N   H    sing N N 233 
LYS N   H2   sing N N 234 
LYS CA  C    sing N N 235 
LYS CA  CB   sing N N 236 
LYS CA  HA   sing N N 237 
LYS C   O    doub N N 238 
LYS C   OXT  sing N N 239 
LYS CB  CG   sing N N 240 
LYS CB  HB2  sing N N 241 
LYS CB  HB3  sing N N 242 
LYS CG  CD   sing N N 243 
LYS CG  HG2  sing N N 244 
LYS CG  HG3  sing N N 245 
LYS CD  CE   sing N N 246 
LYS CD  HD2  sing N N 247 
LYS CD  HD3  sing N N 248 
LYS CE  NZ   sing N N 249 
LYS CE  HE2  sing N N 250 
LYS CE  HE3  sing N N 251 
LYS NZ  HZ1  sing N N 252 
LYS NZ  HZ2  sing N N 253 
LYS NZ  HZ3  sing N N 254 
LYS OXT HXT  sing N N 255 
MET N   CA   sing N N 256 
MET N   H    sing N N 257 
MET N   H2   sing N N 258 
MET CA  C    sing N N 259 
MET CA  CB   sing N N 260 
MET CA  HA   sing N N 261 
MET C   O    doub N N 262 
MET C   OXT  sing N N 263 
MET CB  CG   sing N N 264 
MET CB  HB2  sing N N 265 
MET CB  HB3  sing N N 266 
MET CG  SD   sing N N 267 
MET CG  HG2  sing N N 268 
MET CG  HG3  sing N N 269 
MET SD  CE   sing N N 270 
MET CE  HE1  sing N N 271 
MET CE  HE2  sing N N 272 
MET CE  HE3  sing N N 273 
MET OXT HXT  sing N N 274 
NAP PA  O1A  doub N N 275 
NAP PA  O2A  sing N N 276 
NAP PA  O5B  sing N N 277 
NAP PA  O3   sing N N 278 
NAP O2A HOA2 sing N N 279 
NAP O5B C5B  sing N N 280 
NAP C5B C4B  sing N N 281 
NAP C5B H51A sing N N 282 
NAP C5B H52A sing N N 283 
NAP C4B O4B  sing N N 284 
NAP C4B C3B  sing N N 285 
NAP C4B H4B  sing N N 286 
NAP O4B C1B  sing N N 287 
NAP C3B O3B  sing N N 288 
NAP C3B C2B  sing N N 289 
NAP C3B H3B  sing N N 290 
NAP O3B HO3A sing N N 291 
NAP C2B O2B  sing N N 292 
NAP C2B C1B  sing N N 293 
NAP C2B H2B  sing N N 294 
NAP O2B P2B  sing N N 295 
NAP C1B N9A  sing N N 296 
NAP C1B H1B  sing N N 297 
NAP N9A C8A  sing Y N 298 
NAP N9A C4A  sing Y N 299 
NAP C8A N7A  doub Y N 300 
NAP C8A H8A  sing N N 301 
NAP N7A C5A  sing Y N 302 
NAP C5A C6A  sing Y N 303 
NAP C5A C4A  doub Y N 304 
NAP C6A N6A  sing N N 305 
NAP C6A N1A  doub Y N 306 
NAP N6A H61A sing N N 307 
NAP N6A H62A sing N N 308 
NAP N1A C2A  sing Y N 309 
NAP C2A N3A  doub Y N 310 
NAP C2A H2A  sing N N 311 
NAP N3A C4A  sing Y N 312 
NAP O3  PN   sing N N 313 
NAP PN  O1N  doub N N 314 
NAP PN  O2N  sing N N 315 
NAP PN  O5D  sing N N 316 
NAP O5D C5D  sing N N 317 
NAP C5D C4D  sing N N 318 
NAP C5D H51N sing N N 319 
NAP C5D H52N sing N N 320 
NAP C4D O4D  sing N N 321 
NAP C4D C3D  sing N N 322 
NAP C4D H4D  sing N N 323 
NAP O4D C1D  sing N N 324 
NAP C3D O3D  sing N N 325 
NAP C3D C2D  sing N N 326 
NAP C3D H3D  sing N N 327 
NAP O3D HO3N sing N N 328 
NAP C2D O2D  sing N N 329 
NAP C2D C1D  sing N N 330 
NAP C2D H2D  sing N N 331 
NAP O2D HO2N sing N N 332 
NAP C1D N1N  sing N N 333 
NAP C1D H1D  sing N N 334 
NAP N1N C2N  sing Y N 335 
NAP N1N C6N  doub Y N 336 
NAP C2N C3N  doub Y N 337 
NAP C2N H2N  sing N N 338 
NAP C3N C7N  sing N N 339 
NAP C3N C4N  sing Y N 340 
NAP C7N O7N  doub N N 341 
NAP C7N N7N  sing N N 342 
NAP N7N H71N sing N N 343 
NAP N7N H72N sing N N 344 
NAP C4N C5N  doub Y N 345 
NAP C4N H4N  sing N N 346 
NAP C5N C6N  sing Y N 347 
NAP C5N H5N  sing N N 348 
NAP C6N H6N  sing N N 349 
NAP P2B O1X  doub N N 350 
NAP P2B O2X  sing N N 351 
NAP P2B O3X  sing N N 352 
NAP O2X HOP2 sing N N 353 
NAP O3X HOP3 sing N N 354 
PHE N   CA   sing N N 355 
PHE N   H    sing N N 356 
PHE N   H2   sing N N 357 
PHE CA  C    sing N N 358 
PHE CA  CB   sing N N 359 
PHE CA  HA   sing N N 360 
PHE C   O    doub N N 361 
PHE C   OXT  sing N N 362 
PHE CB  CG   sing N N 363 
PHE CB  HB2  sing N N 364 
PHE CB  HB3  sing N N 365 
PHE CG  CD1  doub Y N 366 
PHE CG  CD2  sing Y N 367 
PHE CD1 CE1  sing Y N 368 
PHE CD1 HD1  sing N N 369 
PHE CD2 CE2  doub Y N 370 
PHE CD2 HD2  sing N N 371 
PHE CE1 CZ   doub Y N 372 
PHE CE1 HE1  sing N N 373 
PHE CE2 CZ   sing Y N 374 
PHE CE2 HE2  sing N N 375 
PHE CZ  HZ   sing N N 376 
PHE OXT HXT  sing N N 377 
PRO N   CA   sing N N 378 
PRO N   CD   sing N N 379 
PRO N   H    sing N N 380 
PRO CA  C    sing N N 381 
PRO CA  CB   sing N N 382 
PRO CA  HA   sing N N 383 
PRO C   O    doub N N 384 
PRO C   OXT  sing N N 385 
PRO CB  CG   sing N N 386 
PRO CB  HB2  sing N N 387 
PRO CB  HB3  sing N N 388 
PRO CG  CD   sing N N 389 
PRO CG  HG2  sing N N 390 
PRO CG  HG3  sing N N 391 
PRO CD  HD2  sing N N 392 
PRO CD  HD3  sing N N 393 
PRO OXT HXT  sing N N 394 
SER N   CA   sing N N 395 
SER N   H    sing N N 396 
SER N   H2   sing N N 397 
SER CA  C    sing N N 398 
SER CA  CB   sing N N 399 
SER CA  HA   sing N N 400 
SER C   O    doub N N 401 
SER C   OXT  sing N N 402 
SER CB  OG   sing N N 403 
SER CB  HB2  sing N N 404 
SER CB  HB3  sing N N 405 
SER OG  HG   sing N N 406 
SER OXT HXT  sing N N 407 
THR N   CA   sing N N 408 
THR N   H    sing N N 409 
THR N   H2   sing N N 410 
THR CA  C    sing N N 411 
THR CA  CB   sing N N 412 
THR CA  HA   sing N N 413 
THR C   O    doub N N 414 
THR C   OXT  sing N N 415 
THR CB  OG1  sing N N 416 
THR CB  CG2  sing N N 417 
THR CB  HB   sing N N 418 
THR OG1 HG1  sing N N 419 
THR CG2 HG21 sing N N 420 
THR CG2 HG22 sing N N 421 
THR CG2 HG23 sing N N 422 
THR OXT HXT  sing N N 423 
TRP N   CA   sing N N 424 
TRP N   H    sing N N 425 
TRP N   H2   sing N N 426 
TRP CA  C    sing N N 427 
TRP CA  CB   sing N N 428 
TRP CA  HA   sing N N 429 
TRP C   O    doub N N 430 
TRP C   OXT  sing N N 431 
TRP CB  CG   sing N N 432 
TRP CB  HB2  sing N N 433 
TRP CB  HB3  sing N N 434 
TRP CG  CD1  doub Y N 435 
TRP CG  CD2  sing Y N 436 
TRP CD1 NE1  sing Y N 437 
TRP CD1 HD1  sing N N 438 
TRP CD2 CE2  doub Y N 439 
TRP CD2 CE3  sing Y N 440 
TRP NE1 CE2  sing Y N 441 
TRP NE1 HE1  sing N N 442 
TRP CE2 CZ2  sing Y N 443 
TRP CE3 CZ3  doub Y N 444 
TRP CE3 HE3  sing N N 445 
TRP CZ2 CH2  doub Y N 446 
TRP CZ2 HZ2  sing N N 447 
TRP CZ3 CH2  sing Y N 448 
TRP CZ3 HZ3  sing N N 449 
TRP CH2 HH2  sing N N 450 
TRP OXT HXT  sing N N 451 
TYR N   CA   sing N N 452 
TYR N   H    sing N N 453 
TYR N   H2   sing N N 454 
TYR CA  C    sing N N 455 
TYR CA  CB   sing N N 456 
TYR CA  HA   sing N N 457 
TYR C   O    doub N N 458 
TYR C   OXT  sing N N 459 
TYR CB  CG   sing N N 460 
TYR CB  HB2  sing N N 461 
TYR CB  HB3  sing N N 462 
TYR CG  CD1  doub Y N 463 
TYR CG  CD2  sing Y N 464 
TYR CD1 CE1  sing Y N 465 
TYR CD1 HD1  sing N N 466 
TYR CD2 CE2  doub Y N 467 
TYR CD2 HD2  sing N N 468 
TYR CE1 CZ   doub Y N 469 
TYR CE1 HE1  sing N N 470 
TYR CE2 CZ   sing Y N 471 
TYR CE2 HE2  sing N N 472 
TYR CZ  OH   sing N N 473 
TYR OH  HH   sing N N 474 
TYR OXT HXT  sing N N 475 
VAL N   CA   sing N N 476 
VAL N   H    sing N N 477 
VAL N   H2   sing N N 478 
VAL CA  C    sing N N 479 
VAL CA  CB   sing N N 480 
VAL CA  HA   sing N N 481 
VAL C   O    doub N N 482 
VAL C   OXT  sing N N 483 
VAL CB  CG1  sing N N 484 
VAL CB  CG2  sing N N 485 
VAL CB  HB   sing N N 486 
VAL CG1 HG11 sing N N 487 
VAL CG1 HG12 sing N N 488 
VAL CG1 HG13 sing N N 489 
VAL CG2 HG21 sing N N 490 
VAL CG2 HG22 sing N N 491 
VAL CG2 HG23 sing N N 492 
VAL OXT HXT  sing N N 493 
# 
_atom_sites.entry_id                    3FRA 
_atom_sites.fract_transf_matrix[1][1]   0.01048605 
_atom_sites.fract_transf_matrix[1][2]   0.00035130 
_atom_sites.fract_transf_matrix[1][3]   0.01012321 
_atom_sites.fract_transf_matrix[2][1]   0.01227775 
_atom_sites.fract_transf_matrix[2][2]   -0.00761676 
_atom_sites.fract_transf_matrix[2][3]   -0.00195403 
_atom_sites.fract_transf_matrix[3][1]   0.00382499 
_atom_sites.fract_transf_matrix[3][2]   0.00724660 
_atom_sites.fract_transf_matrix[3][3]   -0.00421356 
_atom_sites.fract_transf_vector[1]      0.400134 
_atom_sites.fract_transf_vector[2]      0.173865 
_atom_sites.fract_transf_vector[3]      0.356022 
# 
loop_
_atom_type.symbol 
C 
N 
O 
P 
S 
# 
loop_
_atom_site.group_PDB 
_atom_site.id 
_atom_site.type_symbol 
_atom_site.label_atom_id 
_atom_site.label_alt_id 
_atom_site.label_comp_id 
_atom_site.label_asym_id 
_atom_site.label_entity_id 
_atom_site.label_seq_id 
_atom_site.pdbx_PDB_ins_code 
_atom_site.Cartn_x 
_atom_site.Cartn_y 
_atom_site.Cartn_z 
_atom_site.occupancy 
_atom_site.B_iso_or_equiv 
_atom_site.pdbx_formal_charge 
_atom_site.auth_seq_id 
_atom_site.auth_comp_id 
_atom_site.auth_asym_id 
_atom_site.auth_atom_id 
_atom_site.pdbx_PDB_model_num 
ATOM   1    N N   . THR A 1 1   ? -7.294  -13.069 4.883   1.00 38.71 ? 1   THR X N   1 
ATOM   2    C CA  . THR A 1 1   ? -7.674  -11.933 3.997   1.00 38.32 ? 1   THR X CA  1 
ATOM   3    C C   . THR A 1 1   ? -6.445  -11.220 3.450   1.00 38.01 ? 1   THR X C   1 
ATOM   4    O O   . THR A 1 1   ? -5.515  -10.888 4.185   1.00 37.66 ? 1   THR X O   1 
ATOM   5    C CB  . THR A 1 1   ? -8.530  -10.906 4.741   1.00 39.03 ? 1   THR X CB  1 
ATOM   6    O OG1 . THR A 1 1   ? -9.343  -11.583 5.708   1.00 39.73 ? 1   THR X OG1 1 
ATOM   7    C CG2 . THR A 1 1   ? -9.417  -10.123 3.758   1.00 38.75 ? 1   THR X CG2 1 
ATOM   8    N N   . LEU A 1 2   ? -6.464  -10.990 2.143   1.00 37.29 ? 2   LEU X N   1 
ATOM   9    C CA  . LEU A 1 2   ? -5.334  -10.444 1.429   1.00 36.48 ? 2   LEU X CA  1 
ATOM   10   C C   . LEU A 1 2   ? -5.820  -9.175  0.751   1.00 35.82 ? 2   LEU X C   1 
ATOM   11   O O   . LEU A 1 2   ? -6.694  -9.227  -0.114  1.00 35.74 ? 2   LEU X O   1 
ATOM   12   C CB  . LEU A 1 2   ? -4.831  -11.457 0.397   1.00 36.59 ? 2   LEU X CB  1 
ATOM   13   C CG  . LEU A 1 2   ? -3.481  -11.175 -0.271  1.00 36.87 ? 2   LEU X CG  1 
ATOM   14   C CD1 . LEU A 1 2   ? -2.412  -10.845 0.768   1.00 36.82 ? 2   LEU X CD1 1 
ATOM   15   C CD2 . LEU A 1 2   ? -3.055  -12.357 -1.132  1.00 36.61 ? 2   LEU X CD2 1 
ATOM   16   N N   . SER A 1 3   ? -5.268  -8.035  1.160   1.00 34.85 ? 3   SER X N   1 
ATOM   17   C CA  . SER A 1 3   ? -5.705  -6.740  0.641   1.00 34.07 ? 3   SER X CA  1 
ATOM   18   C C   . SER A 1 3   ? -4.508  -5.912  0.177   1.00 33.40 ? 3   SER X C   1 
ATOM   19   O O   . SER A 1 3   ? -3.428  -5.995  0.755   1.00 33.26 ? 3   SER X O   1 
ATOM   20   C CB  . SER A 1 3   ? -6.487  -5.972  1.706   1.00 33.78 ? 3   SER X CB  1 
ATOM   21   O OG  . SER A 1 3   ? -7.530  -6.767  2.240   1.00 33.60 ? 3   SER X OG  1 
ATOM   22   N N   . ILE A 1 4   ? -4.713  -5.112  -0.865  1.00 32.64 ? 4   ILE X N   1 
ATOM   23   C CA  . ILE A 1 4   ? -3.767  -4.061  -1.224  1.00 32.18 ? 4   ILE X CA  1 
ATOM   24   C C   . ILE A 1 4   ? -4.059  -2.764  -0.466  1.00 31.59 ? 4   ILE X C   1 
ATOM   25   O O   . ILE A 1 4   ? -5.210  -2.350  -0.332  1.00 30.81 ? 4   ILE X O   1 
ATOM   26   C CB  . ILE A 1 4   ? -3.804  -3.773  -2.736  1.00 31.93 ? 4   ILE X CB  1 
ATOM   27   C CG1 . ILE A 1 4   ? -2.738  -4.597  -3.462  1.00 31.98 ? 4   ILE X CG1 1 
ATOM   28   C CG2 . ILE A 1 4   ? -3.597  -2.285  -3.001  1.00 31.85 ? 4   ILE X CG2 1 
ATOM   29   C CD1 . ILE A 1 4   ? -2.916  -4.640  -4.971  1.00 31.93 ? 4   ILE X CD1 1 
ATOM   30   N N   . LEU A 1 5   ? -3.002  -2.123  0.023   1.00 31.43 ? 5   LEU X N   1 
ATOM   31   C CA  . LEU A 1 5   ? -3.095  -0.767  0.538   1.00 31.28 ? 5   LEU X CA  1 
ATOM   32   C C   . LEU A 1 5   ? -2.249  0.167   -0.319  1.00 30.76 ? 5   LEU X C   1 
ATOM   33   O O   . LEU A 1 5   ? -1.047  -0.035  -0.451  1.00 31.45 ? 5   LEU X O   1 
ATOM   34   C CB  . LEU A 1 5   ? -2.620  -0.732  1.990   1.00 31.45 ? 5   LEU X CB  1 
ATOM   35   C CG  . LEU A 1 5   ? -3.207  0.344   2.907   1.00 31.94 ? 5   LEU X CG  1 
ATOM   36   C CD1 . LEU A 1 5   ? -4.717  0.502   2.700   1.00 32.10 ? 5   LEU X CD1 1 
ATOM   37   C CD2 . LEU A 1 5   ? -2.888  0.028   4.376   1.00 31.76 ? 5   LEU X CD2 1 
ATOM   38   N N   . VAL A 1 6   ? -2.870  1.180   -0.910  1.00 29.72 ? 6   VAL X N   1 
ATOM   39   C CA  . VAL A 1 6   ? -2.165  2.040   -1.862  1.00 29.61 ? 6   VAL X CA  1 
ATOM   40   C C   . VAL A 1 6   ? -2.763  3.443   -1.946  1.00 29.03 ? 6   VAL X C   1 
ATOM   41   O O   . VAL A 1 6   ? -3.977  3.636   -1.837  1.00 28.46 ? 6   VAL X O   1 
ATOM   42   C CB  . VAL A 1 6   ? -2.134  1.415   -3.279  1.00 29.42 ? 6   VAL X CB  1 
ATOM   43   C CG1 . VAL A 1 6   ? -3.494  1.540   -3.959  1.00 29.08 ? 6   VAL X CG1 1 
ATOM   44   C CG2 . VAL A 1 6   ? -1.044  2.064   -4.119  1.00 29.14 ? 6   VAL X CG2 1 
ATOM   45   N N   . ALA A 1 7   ? -1.897  4.425   -2.145  1.00 28.74 ? 7   ALA X N   1 
ATOM   46   C CA  . ALA A 1 7   ? -2.337  5.757   -2.515  1.00 28.75 ? 7   ALA X CA  1 
ATOM   47   C C   . ALA A 1 7   ? -1.760  6.118   -3.882  1.00 28.73 ? 7   ALA X C   1 
ATOM   48   O O   . ALA A 1 7   ? -0.550  6.016   -4.105  1.00 28.85 ? 7   ALA X O   1 
ATOM   49   C CB  . ALA A 1 7   ? -1.900  6.762   -1.470  1.00 28.04 ? 7   ALA X CB  1 
ATOM   50   N N   . HIS A 1 8   ? -2.624  6.538   -4.797  1.00 28.43 ? 8   HIS X N   1 
ATOM   51   C CA  . HIS A 1 8   ? -2.165  6.898   -6.123  1.00 28.30 ? 8   HIS X CA  1 
ATOM   52   C C   . HIS A 1 8   ? -2.937  8.066   -6.693  1.00 28.48 ? 8   HIS X C   1 
ATOM   53   O O   . HIS A 1 8   ? -4.093  8.301   -6.336  1.00 28.99 ? 8   HIS X O   1 
ATOM   54   C CB  . HIS A 1 8   ? -2.222  5.689   -7.066  1.00 28.37 ? 8   HIS X CB  1 
ATOM   55   C CG  . HIS A 1 8   ? -3.589  5.378   -7.595  1.00 28.13 ? 8   HIS X CG  1 
ATOM   56   N ND1 . HIS A 1 8   ? -4.248  6.194   -8.490  1.00 28.21 ? 8   HIS X ND1 1 
ATOM   57   C CD2 . HIS A 1 8   ? -4.400  4.312   -7.392  1.00 28.17 ? 8   HIS X CD2 1 
ATOM   58   C CE1 . HIS A 1 8   ? -5.416  5.657   -8.795  1.00 28.17 ? 8   HIS X CE1 1 
ATOM   59   N NE2 . HIS A 1 8   ? -5.534  4.514   -8.142  1.00 28.33 ? 8   HIS X NE2 1 
ATOM   60   N N   . ASP A 1 9   ? -2.281  8.812   -7.573  1.00 27.96 ? 9   ASP X N   1 
ATOM   61   C CA  . ASP A 1 9   ? -2.865  10.021  -8.115  1.00 28.01 ? 9   ASP X CA  1 
ATOM   62   C C   . ASP A 1 9   ? -3.583  9.686   -9.417  1.00 28.17 ? 9   ASP X C   1 
ATOM   63   O O   . ASP A 1 9   ? -3.798  8.507   -9.732  1.00 27.47 ? 9   ASP X O   1 
ATOM   64   C CB  . ASP A 1 9   ? -1.788  11.098  -8.316  1.00 27.22 ? 9   ASP X CB  1 
ATOM   65   C CG  . ASP A 1 9   ? -1.022  10.931  -9.615  1.00 26.73 ? 9   ASP X CG  1 
ATOM   66   O OD1 . ASP A 1 9   ? -1.201  9.895   -10.295 1.00 26.01 ? 9   ASP X OD1 1 
ATOM   67   O OD2 . ASP A 1 9   ? -0.241  11.846  -9.952  1.00 25.89 ? 9   ASP X OD2 1 
ATOM   68   N N   . LEU A 1 10  ? -3.979  10.715  -10.159 1.00 28.59 ? 10  LEU X N   1 
ATOM   69   C CA  . LEU A 1 10  ? -4.974  10.541  -11.216 1.00 29.19 ? 10  LEU X CA  1 
ATOM   70   C C   . LEU A 1 10  ? -4.384  9.780   -12.397 1.00 29.60 ? 10  LEU X C   1 
ATOM   71   O O   . LEU A 1 10  ? -5.116  9.245   -13.228 1.00 29.57 ? 10  LEU X O   1 
ATOM   72   C CB  . LEU A 1 10  ? -5.505  11.892  -11.678 1.00 29.06 ? 10  LEU X CB  1 
ATOM   73   C CG  . LEU A 1 10  ? -6.364  12.584  -10.619 1.00 29.56 ? 10  LEU X CG  1 
ATOM   74   C CD1 . LEU A 1 10  ? -6.540  14.062  -10.947 1.00 29.77 ? 10  LEU X CD1 1 
ATOM   75   C CD2 . LEU A 1 10  ? -7.719  11.877  -10.473 1.00 29.24 ? 10  LEU X CD2 1 
ATOM   76   N N   . GLN A 1 11  ? -3.057  9.727   -12.461 1.00 29.92 ? 11  GLN X N   1 
ATOM   77   C CA  . GLN A 1 11  ? -2.377  8.928   -13.472 1.00 30.41 ? 11  GLN X CA  1 
ATOM   78   C C   . GLN A 1 11  ? -1.635  7.758   -12.830 1.00 30.05 ? 11  GLN X C   1 
ATOM   79   O O   . GLN A 1 11  ? -0.719  7.181   -13.422 1.00 30.08 ? 11  GLN X O   1 
ATOM   80   C CB  . GLN A 1 11  ? -1.411  9.808   -14.262 1.00 31.09 ? 11  GLN X CB  1 
ATOM   81   C CG  . GLN A 1 11  ? -2.043  11.100  -14.751 1.00 31.88 ? 11  GLN X CG  1 
ATOM   82   C CD  . GLN A 1 11  ? -1.028  12.053  -15.343 1.00 32.18 ? 11  GLN X CD  1 
ATOM   83   O OE1 . GLN A 1 11  ? -1.177  12.508  -16.478 1.00 33.34 ? 11  GLN X OE1 1 
ATOM   84   N NE2 . GLN A 1 11  ? 0.014   12.362  -14.578 1.00 32.83 ? 11  GLN X NE2 1 
ATOM   85   N N   . ARG A 1 12  ? -2.044  7.426   -11.611 1.00 29.56 ? 12  ARG X N   1 
ATOM   86   C CA  . ARG A 1 12  ? -1.623  6.202   -10.942 1.00 29.29 ? 12  ARG X CA  1 
ATOM   87   C C   . ARG A 1 12  ? -0.169  6.248   -10.497 1.00 28.75 ? 12  ARG X C   1 
ATOM   88   O O   . ARG A 1 12  ? 0.445   5.209   -10.292 1.00 29.03 ? 12  ARG X O   1 
ATOM   89   C CB  . ARG A 1 12  ? -1.841  4.998   -11.852 1.00 29.39 ? 12  ARG X CB  1 
ATOM   90   C CG  . ARG A 1 12  ? -3.091  4.211   -11.518 1.00 29.64 ? 12  ARG X CG  1 
ATOM   91   C CD  . ARG A 1 12  ? -3.346  3.111   -12.535 1.00 29.67 ? 12  ARG X CD  1 
ATOM   92   N NE  . ARG A 1 12  ? -3.412  3.629   -13.892 1.00 29.42 ? 12  ARG X NE  1 
ATOM   93   C CZ  . ARG A 1 12  ? -2.373  3.695   -14.720 1.00 30.19 ? 12  ARG X CZ  1 
ATOM   94   N NH1 . ARG A 1 12  ? -1.166  3.273   -14.331 1.00 29.89 ? 12  ARG X NH1 1 
ATOM   95   N NH2 . ARG A 1 12  ? -2.541  4.186   -15.949 1.00 30.27 ? 12  ARG X NH2 1 
ATOM   96   N N   . VAL A 1 13  ? 0.381   7.447   -10.340 1.00 28.49 ? 13  VAL X N   1 
ATOM   97   C CA  . VAL A 1 13  ? 1.664   7.605   -9.662  1.00 28.37 ? 13  VAL X CA  1 
ATOM   98   C C   . VAL A 1 13  ? 1.544   7.211   -8.190  1.00 28.29 ? 13  VAL X C   1 
ATOM   99   O O   . VAL A 1 13  ? 0.547   7.511   -7.531  1.00 27.97 ? 13  VAL X O   1 
ATOM   100  C CB  . VAL A 1 13  ? 2.196   9.057   -9.766  1.00 28.14 ? 13  VAL X CB  1 
ATOM   101  C CG1 . VAL A 1 13  ? 3.345   9.275   -8.802  1.00 27.63 ? 13  VAL X CG1 1 
ATOM   102  C CG2 . VAL A 1 13  ? 2.629   9.377   -11.200 1.00 27.71 ? 13  VAL X CG2 1 
ATOM   103  N N   . ILE A 1 14  ? 2.564   6.530   -7.680  1.00 28.66 ? 14  ILE X N   1 
ATOM   104  C CA  . ILE A 1 14  ? 2.588   6.125   -6.280  1.00 28.86 ? 14  ILE X CA  1 
ATOM   105  C C   . ILE A 1 14  ? 3.871   6.592   -5.595  1.00 29.35 ? 14  ILE X C   1 
ATOM   106  O O   . ILE A 1 14  ? 3.942   6.660   -4.370  1.00 29.74 ? 14  ILE X O   1 
ATOM   107  C CB  . ILE A 1 14  ? 2.433   4.592   -6.125  1.00 28.81 ? 14  ILE X CB  1 
ATOM   108  C CG1 . ILE A 1 14  ? 3.528   3.844   -6.896  1.00 28.71 ? 14  ILE X CG1 1 
ATOM   109  C CG2 . ILE A 1 14  ? 1.057   4.141   -6.602  1.00 28.56 ? 14  ILE X CG2 1 
ATOM   110  C CD1 . ILE A 1 14  ? 3.845   2.477   -6.313  1.00 28.28 ? 14  ILE X CD1 1 
ATOM   111  N N   . GLY A 1 15  ? 4.879   6.926   -6.391  1.00 29.59 ? 15  GLY X N   1 
ATOM   112  C CA  . GLY A 1 15  ? 6.226   7.122   -5.868  1.00 29.81 ? 15  GLY X CA  1 
ATOM   113  C C   . GLY A 1 15  ? 7.018   8.133   -6.677  1.00 29.77 ? 15  GLY X C   1 
ATOM   114  O O   . GLY A 1 15  ? 6.849   8.240   -7.888  1.00 29.53 ? 15  GLY X O   1 
ATOM   115  N N   . PHE A 1 16  ? 7.883   8.879   -5.999  1.00 30.22 ? 16  PHE X N   1 
ATOM   116  C CA  . PHE A 1 16  ? 8.968   9.580   -6.670  1.00 30.89 ? 16  PHE X CA  1 
ATOM   117  C C   . PHE A 1 16  ? 10.250  9.532   -5.852  1.00 31.29 ? 16  PHE X C   1 
ATOM   118  O O   . PHE A 1 16  ? 10.287  9.963   -4.702  1.00 30.69 ? 16  PHE X O   1 
ATOM   119  C CB  . PHE A 1 16  ? 8.590   11.038  -6.953  1.00 30.69 ? 16  PHE X CB  1 
ATOM   120  C CG  . PHE A 1 16  ? 9.604   11.771  -7.789  1.00 30.58 ? 16  PHE X CG  1 
ATOM   121  C CD1 . PHE A 1 16  ? 10.248  12.894  -7.296  1.00 30.69 ? 16  PHE X CD1 1 
ATOM   122  C CD2 . PHE A 1 16  ? 9.921   11.328  -9.062  1.00 30.65 ? 16  PHE X CD2 1 
ATOM   123  C CE1 . PHE A 1 16  ? 11.189  13.568  -8.057  1.00 30.81 ? 16  PHE X CE1 1 
ATOM   124  C CE2 . PHE A 1 16  ? 10.857  11.999  -9.836  1.00 30.67 ? 16  PHE X CE2 1 
ATOM   125  C CZ  . PHE A 1 16  ? 11.496  13.118  -9.334  1.00 30.74 ? 16  PHE X CZ  1 
ATOM   126  N N   . GLU A 1 17  ? 11.301  9.006   -6.469  1.00 32.30 ? 17  GLU X N   1 
ATOM   127  C CA  . GLU A 1 17  ? 12.591  8.864   -5.812  1.00 32.52 ? 17  GLU X CA  1 
ATOM   128  C C   . GLU A 1 17  ? 12.398  8.285   -4.425  1.00 32.86 ? 17  GLU X C   1 
ATOM   129  O O   . GLU A 1 17  ? 12.904  8.821   -3.445  1.00 33.36 ? 17  GLU X O   1 
ATOM   130  C CB  . GLU A 1 17  ? 13.311  10.213  -5.754  1.00 32.65 ? 17  GLU X CB  1 
ATOM   131  C CG  . GLU A 1 17  ? 13.437  10.867  -7.127  1.00 32.78 ? 17  GLU X CG  1 
ATOM   132  C CD  . GLU A 1 17  ? 14.383  12.054  -7.150  1.00 32.91 ? 17  GLU X CD  1 
ATOM   133  O OE1 . GLU A 1 17  ? 14.327  12.898  -6.230  1.00 32.72 ? 17  GLU X OE1 1 
ATOM   134  O OE2 . GLU A 1 17  ? 15.179  12.146  -8.103  1.00 33.32 ? 17  GLU X OE2 1 
ATOM   135  N N   . ASN A 1 18  ? 11.653  7.185   -4.355  1.00 33.29 ? 18  ASN X N   1 
ATOM   136  C CA  . ASN A 1 18  ? 11.632  6.339   -3.167  1.00 33.43 ? 18  ASN X CA  1 
ATOM   137  C C   . ASN A 1 18  ? 10.938  7.050   -2.010  1.00 33.46 ? 18  ASN X C   1 
ATOM   138  O O   . ASN A 1 18  ? 11.015  6.619   -0.860  1.00 33.23 ? 18  ASN X O   1 
ATOM   139  C CB  . ASN A 1 18  ? 13.055  5.936   -2.767  1.00 33.46 ? 18  ASN X CB  1 
ATOM   140  C CG  . ASN A 1 18  ? 13.603  4.786   -3.604  1.00 33.85 ? 18  ASN X CG  1 
ATOM   141  O OD1 . ASN A 1 18  ? 12.853  4.049   -4.259  1.00 33.81 ? 18  ASN X OD1 1 
ATOM   142  N ND2 . ASN A 1 18  ? 14.923  4.624   -3.582  1.00 34.12 ? 18  ASN X ND2 1 
ATOM   143  N N   . GLN A 1 19  ? 10.247  8.138   -2.326  1.00 34.03 ? 19  GLN X N   1 
ATOM   144  C CA  . GLN A 1 19  ? 9.339   8.778   -1.382  1.00 34.43 ? 19  GLN X CA  1 
ATOM   145  C C   . GLN A 1 19  ? 7.929   8.914   -1.955  1.00 34.38 ? 19  GLN X C   1 
ATOM   146  O O   . GLN A 1 19  ? 7.700   8.632   -3.130  1.00 34.24 ? 19  GLN X O   1 
ATOM   147  C CB  . GLN A 1 19  ? 9.873   10.157  -1.006  1.00 35.33 ? 19  GLN X CB  1 
ATOM   148  C CG  . GLN A 1 19  ? 11.139  10.111  -0.191  1.00 36.18 ? 19  GLN X CG  1 
ATOM   149  C CD  . GLN A 1 19  ? 11.029  10.932  1.075   1.00 37.36 ? 19  GLN X CD  1 
ATOM   150  O OE1 . GLN A 1 19  ? 10.346  10.538  2.030   1.00 37.96 ? 19  GLN X OE1 1 
ATOM   151  N NE2 . GLN A 1 19  ? 11.702  12.085  1.096   1.00 37.74 ? 19  GLN X NE2 1 
ATOM   152  N N   . LEU A 1 20  ? 6.993   9.347   -1.115  1.00 34.21 ? 20  LEU X N   1 
ATOM   153  C CA  . LEU A 1 20  ? 5.673   9.778   -1.568  1.00 34.37 ? 20  LEU X CA  1 
ATOM   154  C C   . LEU A 1 20  ? 5.728   11.206  -2.093  1.00 34.50 ? 20  LEU X C   1 
ATOM   155  O O   . LEU A 1 20  ? 6.257   12.091  -1.430  1.00 34.67 ? 20  LEU X O   1 
ATOM   156  C CB  . LEU A 1 20  ? 4.657   9.710   -0.418  1.00 34.28 ? 20  LEU X CB  1 
ATOM   157  C CG  . LEU A 1 20  ? 4.372   8.344   0.215   1.00 34.19 ? 20  LEU X CG  1 
ATOM   158  C CD1 . LEU A 1 20  ? 3.596   8.500   1.521   1.00 34.13 ? 20  LEU X CD1 1 
ATOM   159  C CD2 . LEU A 1 20  ? 3.611   7.456   -0.754  1.00 34.30 ? 20  LEU X CD2 1 
ATOM   160  N N   . PRO A 1 21  ? 5.170   11.433  -3.288  1.00 34.78 ? 21  PRO X N   1 
ATOM   161  C CA  . PRO A 1 21  ? 5.213   12.735  -3.945  1.00 34.56 ? 21  PRO X CA  1 
ATOM   162  C C   . PRO A 1 21  ? 4.386   13.792  -3.223  1.00 34.54 ? 21  PRO X C   1 
ATOM   163  O O   . PRO A 1 21  ? 4.558   14.985  -3.469  1.00 34.29 ? 21  PRO X O   1 
ATOM   164  C CB  . PRO A 1 21  ? 4.627   12.448  -5.334  1.00 34.67 ? 21  PRO X CB  1 
ATOM   165  C CG  . PRO A 1 21  ? 4.661   10.959  -5.484  1.00 34.77 ? 21  PRO X CG  1 
ATOM   166  C CD  . PRO A 1 21  ? 4.472   10.432  -4.109  1.00 34.74 ? 21  PRO X CD  1 
ATOM   167  N N   . TRP A 1 22  ? 3.493   13.356  -2.343  1.00 34.69 ? 22  TRP X N   1 
ATOM   168  C CA  . TRP A 1 22  ? 2.553   14.261  -1.697  1.00 34.86 ? 22  TRP X CA  1 
ATOM   169  C C   . TRP A 1 22  ? 2.687   14.167  -0.189  1.00 35.54 ? 22  TRP X C   1 
ATOM   170  O O   . TRP A 1 22  ? 3.107   13.141  0.352   1.00 35.20 ? 22  TRP X O   1 
ATOM   171  C CB  . TRP A 1 22  ? 1.123   13.910  -2.091  1.00 34.02 ? 22  TRP X CB  1 
ATOM   172  C CG  . TRP A 1 22  ? 0.870   12.445  -2.021  1.00 33.76 ? 22  TRP X CG  1 
ATOM   173  C CD1 . TRP A 1 22  ? 0.623   11.708  -0.899  1.00 33.72 ? 22  TRP X CD1 1 
ATOM   174  C CD2 . TRP A 1 22  ? 0.864   11.526  -3.114  1.00 33.71 ? 22  TRP X CD2 1 
ATOM   175  N NE1 . TRP A 1 22  ? 0.455   10.388  -1.226  1.00 33.57 ? 22  TRP X NE1 1 
ATOM   176  C CE2 . TRP A 1 22  ? 0.598   10.247  -2.580  1.00 33.55 ? 22  TRP X CE2 1 
ATOM   177  C CE3 . TRP A 1 22  ? 1.051   11.659  -4.494  1.00 33.66 ? 22  TRP X CE3 1 
ATOM   178  C CZ2 . TRP A 1 22  ? 0.515   9.111   -3.377  1.00 33.54 ? 22  TRP X CZ2 1 
ATOM   179  C CZ3 . TRP A 1 22  ? 0.965   10.527  -5.284  1.00 33.69 ? 22  TRP X CZ3 1 
ATOM   180  C CH2 . TRP A 1 22  ? 0.703   9.270   -4.723  1.00 33.76 ? 22  TRP X CH2 1 
ATOM   181  N N   . HIS A 1 23  ? 2.310   15.246  0.485   1.00 36.76 ? 23  HIS X N   1 
ATOM   182  C CA  . HIS A 1 23  ? 2.190   15.245  1.931   1.00 36.92 ? 23  HIS X CA  1 
ATOM   183  C C   . HIS A 1 23  ? 0.720   15.275  2.317   1.00 37.26 ? 23  HIS X C   1 
ATOM   184  O O   . HIS A 1 23  ? 0.049   16.281  2.123   1.00 37.39 ? 23  HIS X O   1 
ATOM   185  C CB  . HIS A 1 23  ? 2.906   16.463  2.516   1.00 37.43 ? 23  HIS X CB  1 
ATOM   186  C CG  . HIS A 1 23  ? 2.788   16.575  4.002   1.00 37.68 ? 23  HIS X CG  1 
ATOM   187  N ND1 . HIS A 1 23  ? 3.183   15.568  4.858   1.00 38.16 ? 23  HIS X ND1 1 
ATOM   188  C CD2 . HIS A 1 23  ? 2.315   17.572  4.787   1.00 38.18 ? 23  HIS X CD2 1 
ATOM   189  C CE1 . HIS A 1 23  ? 2.957   15.940  6.106   1.00 38.30 ? 23  HIS X CE1 1 
ATOM   190  N NE2 . HIS A 1 23  ? 2.435   17.154  6.091   1.00 38.30 ? 23  HIS X NE2 1 
ATOM   191  N N   . LEU A 1 24  ? 0.219   14.166  2.852   1.00 37.43 ? 24  LEU X N   1 
ATOM   192  C CA  . LEU A 1 24  ? -1.212  14.020  3.099   1.00 37.72 ? 24  LEU X CA  1 
ATOM   193  C C   . LEU A 1 24  ? -1.465  13.203  4.357   1.00 37.73 ? 24  LEU X C   1 
ATOM   194  O O   . LEU A 1 24  ? -1.628  11.990  4.292   1.00 37.63 ? 24  LEU X O   1 
ATOM   195  C CB  . LEU A 1 24  ? -1.902  13.358  1.903   1.00 37.75 ? 24  LEU X CB  1 
ATOM   196  C CG  . LEU A 1 24  ? -3.423  13.527  1.825   1.00 37.57 ? 24  LEU X CG  1 
ATOM   197  C CD1 . LEU A 1 24  ? -3.817  14.989  1.970   1.00 37.41 ? 24  LEU X CD1 1 
ATOM   198  C CD2 . LEU A 1 24  ? -3.956  12.954  0.518   1.00 37.64 ? 24  LEU X CD2 1 
ATOM   199  N N   . PRO A 1 25  ? -1.485  13.874  5.514   1.00 38.25 ? 25  PRO X N   1 
ATOM   200  C CA  . PRO A 1 25  ? -1.604  13.237  6.826   1.00 38.55 ? 25  PRO X CA  1 
ATOM   201  C C   . PRO A 1 25  ? -2.808  12.306  6.939   1.00 38.87 ? 25  PRO X C   1 
ATOM   202  O O   . PRO A 1 25  ? -2.688  11.212  7.489   1.00 38.80 ? 25  PRO X O   1 
ATOM   203  C CB  . PRO A 1 25  ? -1.752  14.426  7.777   1.00 38.45 ? 25  PRO X CB  1 
ATOM   204  C CG  . PRO A 1 25  ? -1.064  15.547  7.083   1.00 38.45 ? 25  PRO X CG  1 
ATOM   205  C CD  . PRO A 1 25  ? -1.353  15.338  5.621   1.00 38.45 ? 25  PRO X CD  1 
ATOM   206  N N   . ASN A 1 26  ? -3.955  12.747  6.424   1.00 39.49 ? 26  ASN X N   1 
ATOM   207  C CA  . ASN A 1 26  ? -5.165  11.928  6.405   1.00 39.66 ? 26  ASN X CA  1 
ATOM   208  C C   . ASN A 1 26  ? -4.893  10.510  5.918   1.00 39.62 ? 26  ASN X C   1 
ATOM   209  O O   . ASN A 1 26  ? -5.283  9.541   6.565   1.00 39.66 ? 26  ASN X O   1 
ATOM   210  C CB  . ASN A 1 26  ? -6.228  12.559  5.507   1.00 40.62 ? 26  ASN X CB  1 
ATOM   211  C CG  . ASN A 1 26  ? -6.904  13.749  6.148   1.00 41.32 ? 26  ASN X CG  1 
ATOM   212  O OD1 . ASN A 1 26  ? -7.683  14.453  5.503   1.00 42.06 ? 26  ASN X OD1 1 
ATOM   213  N ND2 . ASN A 1 26  ? -6.602  13.992  7.420   1.00 41.81 ? 26  ASN X ND2 1 
ATOM   214  N N   . ASP A 1 27  ? -4.240  10.398  4.764   1.00 39.29 ? 27  ASP X N   1 
ATOM   215  C CA  . ASP A 1 27  ? -3.960  9.096   4.168   1.00 39.23 ? 27  ASP X CA  1 
ATOM   216  C C   . ASP A 1 27  ? -3.149  8.247   5.137   1.00 38.97 ? 27  ASP X C   1 
ATOM   217  O O   . ASP A 1 27  ? -3.391  7.050   5.288   1.00 38.08 ? 27  ASP X O   1 
ATOM   218  C CB  . ASP A 1 27  ? -3.189  9.260   2.857   1.00 39.07 ? 27  ASP X CB  1 
ATOM   219  C CG  . ASP A 1 27  ? -2.731  7.933   2.275   1.00 39.12 ? 27  ASP X CG  1 
ATOM   220  O OD1 . ASP A 1 27  ? -1.506  7.744   2.122   1.00 39.05 ? 27  ASP X OD1 1 
ATOM   221  O OD2 . ASP A 1 27  ? -3.595  7.080   1.964   1.00 38.96 ? 27  ASP X OD2 1 
ATOM   222  N N   . LEU A 1 28  ? -2.185  8.882   5.792   1.00 39.13 ? 28  LEU X N   1 
ATOM   223  C CA  . LEU A 1 28  ? -1.263  8.175   6.667   1.00 39.51 ? 28  LEU X CA  1 
ATOM   224  C C   . LEU A 1 28  ? -1.982  7.696   7.926   1.00 39.64 ? 28  LEU X C   1 
ATOM   225  O O   . LEU A 1 28  ? -1.719  6.600   8.419   1.00 39.31 ? 28  LEU X O   1 
ATOM   226  C CB  . LEU A 1 28  ? -0.082  9.078   7.034   1.00 39.42 ? 28  LEU X CB  1 
ATOM   227  C CG  . LEU A 1 28  ? 0.804   9.505   5.854   1.00 39.54 ? 28  LEU X CG  1 
ATOM   228  C CD1 . LEU A 1 28  ? 1.881   10.494  6.301   1.00 39.19 ? 28  LEU X CD1 1 
ATOM   229  C CD2 . LEU A 1 28  ? 1.426   8.291   5.175   1.00 39.26 ? 28  LEU X CD2 1 
ATOM   230  N N   . LYS A 1 29  ? -2.899  8.516   8.433   1.00 40.12 ? 29  LYS X N   1 
ATOM   231  C CA  . LYS A 1 29  ? -3.803  8.095   9.503   1.00 40.71 ? 29  LYS X CA  1 
ATOM   232  C C   . LYS A 1 29  ? -4.692  6.927   9.063   1.00 40.67 ? 29  LYS X C   1 
ATOM   233  O O   . LYS A 1 29  ? -4.927  5.992   9.830   1.00 40.58 ? 29  LYS X O   1 
ATOM   234  C CB  . LYS A 1 29  ? -4.668  9.273   9.964   1.00 41.11 ? 29  LYS X CB  1 
ATOM   235  C CG  . LYS A 1 29  ? -3.990  10.183  10.988  1.00 41.70 ? 29  LYS X CG  1 
ATOM   236  C CD  . LYS A 1 29  ? -4.779  11.478  11.221  1.00 41.82 ? 29  LYS X CD  1 
ATOM   237  C CE  . LYS A 1 29  ? -5.759  11.342  12.396  1.00 42.33 ? 29  LYS X CE  1 
ATOM   238  N NZ  . LYS A 1 29  ? -6.004  12.640  13.114  1.00 42.28 ? 29  LYS X NZ  1 
ATOM   239  N N   . HIS A 1 30  ? -5.178  6.987   7.828   1.00 40.84 ? 30  HIS X N   1 
ATOM   240  C CA  . HIS A 1 30  ? -5.966  5.900   7.253   1.00 40.96 ? 30  HIS X CA  1 
ATOM   241  C C   . HIS A 1 30  ? -5.193  4.584   7.276   1.00 41.03 ? 30  HIS X C   1 
ATOM   242  O O   . HIS A 1 30  ? -5.656  3.592   7.834   1.00 41.42 ? 30  HIS X O   1 
ATOM   243  C CB  . HIS A 1 30  ? -6.367  6.244   5.816   1.00 41.04 ? 30  HIS X CB  1 
ATOM   244  C CG  . HIS A 1 30  ? -7.536  5.455   5.308   1.00 41.18 ? 30  HIS X CG  1 
ATOM   245  N ND1 . HIS A 1 30  ? -7.608  4.980   4.016   1.00 41.30 ? 30  HIS X ND1 1 
ATOM   246  C CD2 . HIS A 1 30  ? -8.681  5.061   5.916   1.00 41.28 ? 30  HIS X CD2 1 
ATOM   247  C CE1 . HIS A 1 30  ? -8.745  4.329   3.850   1.00 41.19 ? 30  HIS X CE1 1 
ATOM   248  N NE2 . HIS A 1 30  ? -9.413  4.361   4.989   1.00 41.27 ? 30  HIS X NE2 1 
ATOM   249  N N   . VAL A 1 31  ? -4.015  4.588   6.664   1.00 41.10 ? 31  VAL X N   1 
ATOM   250  C CA  . VAL A 1 31  ? -3.092  3.455   6.707   1.00 41.06 ? 31  VAL X CA  1 
ATOM   251  C C   . VAL A 1 31  ? -2.947  2.879   8.115   1.00 41.10 ? 31  VAL X C   1 
ATOM   252  O O   . VAL A 1 31  ? -3.108  1.676   8.319   1.00 40.77 ? 31  VAL X O   1 
ATOM   253  C CB  . VAL A 1 31  ? -1.687  3.872   6.198   1.00 40.90 ? 31  VAL X CB  1 
ATOM   254  C CG1 . VAL A 1 31  ? -0.657  2.782   6.479   1.00 40.74 ? 31  VAL X CG1 1 
ATOM   255  C CG2 . VAL A 1 31  ? -1.734  4.195   4.717   1.00 40.79 ? 31  VAL X CG2 1 
ATOM   256  N N   . LYS A 1 32  ? -2.624  3.741   9.074   1.00 41.45 ? 32  LYS X N   1 
ATOM   257  C CA  . LYS A 1 32  ? -2.514  3.343   10.476  1.00 41.64 ? 32  LYS X CA  1 
ATOM   258  C C   . LYS A 1 32  ? -3.781  2.629   10.938  1.00 41.58 ? 32  LYS X C   1 
ATOM   259  O O   . LYS A 1 32  ? -3.736  1.471   11.347  1.00 41.28 ? 32  LYS X O   1 
ATOM   260  C CB  . LYS A 1 32  ? -2.263  4.571   11.355  1.00 42.16 ? 32  LYS X CB  1 
ATOM   261  C CG  . LYS A 1 32  ? -1.031  4.468   12.247  1.00 42.48 ? 32  LYS X CG  1 
ATOM   262  C CD  . LYS A 1 32  ? -1.340  4.896   13.679  1.00 42.60 ? 32  LYS X CD  1 
ATOM   263  C CE  . LYS A 1 32  ? -0.098  5.432   14.395  1.00 42.71 ? 32  LYS X CE  1 
ATOM   264  N NZ  . LYS A 1 32  ? -0.351  5.720   15.851  1.00 42.90 ? 32  LYS X NZ  1 
ATOM   265  N N   . LYS A 1 33  ? -4.908  3.329   10.866  1.00 41.80 ? 33  LYS X N   1 
ATOM   266  C CA  . LYS A 1 33  ? -6.187  2.791   11.324  1.00 41.56 ? 33  LYS X CA  1 
ATOM   267  C C   . LYS A 1 33  ? -6.432  1.403   10.745  1.00 41.27 ? 33  LYS X C   1 
ATOM   268  O O   . LYS A 1 33  ? -6.705  0.453   11.474  1.00 41.16 ? 33  LYS X O   1 
ATOM   269  C CB  . LYS A 1 33  ? -7.323  3.734   10.925  1.00 42.09 ? 33  LYS X CB  1 
ATOM   270  C CG  . LYS A 1 33  ? -8.719  3.254   11.309  1.00 42.25 ? 33  LYS X CG  1 
ATOM   271  C CD  . LYS A 1 33  ? -9.320  4.127   12.395  1.00 42.37 ? 33  LYS X CD  1 
ATOM   272  C CE  . LYS A 1 33  ? -10.836 3.990   12.465  1.00 42.48 ? 33  LYS X CE  1 
ATOM   273  N NZ  . LYS A 1 33  ? -11.362 4.338   13.825  1.00 42.49 ? 33  LYS X NZ  1 
ATOM   274  N N   . LEU A 1 34  ? -6.321  1.288   9.427   1.00 41.00 ? 34  LEU X N   1 
ATOM   275  C CA  . LEU A 1 34  ? -6.651  0.045   8.739   1.00 40.75 ? 34  LEU X CA  1 
ATOM   276  C C   . LEU A 1 34  ? -5.808  -1.130  9.231   1.00 40.41 ? 34  LEU X C   1 
ATOM   277  O O   . LEU A 1 34  ? -6.325  -2.232  9.423   1.00 40.40 ? 34  LEU X O   1 
ATOM   278  C CB  . LEU A 1 34  ? -6.480  0.215   7.226   1.00 40.67 ? 34  LEU X CB  1 
ATOM   279  C CG  . LEU A 1 34  ? -7.686  0.802   6.491   1.00 40.57 ? 34  LEU X CG  1 
ATOM   280  C CD1 . LEU A 1 34  ? -7.436  0.857   4.991   1.00 40.37 ? 34  LEU X CD1 1 
ATOM   281  C CD2 . LEU A 1 34  ? -8.946  0.001   6.802   1.00 40.56 ? 34  LEU X CD2 1 
ATOM   282  N N   . SER A 1 35  ? -4.513  -0.901  9.428   1.00 40.31 ? 35  SER X N   1 
ATOM   283  C CA  . SER A 1 35  ? -3.546  -2.001  9.508   1.00 40.30 ? 35  SER X CA  1 
ATOM   284  C C   . SER A 1 35  ? -3.062  -2.271  10.937  1.00 40.30 ? 35  SER X C   1 
ATOM   285  O O   . SER A 1 35  ? -2.263  -3.179  11.161  1.00 40.19 ? 35  SER X O   1 
ATOM   286  C CB  . SER A 1 35  ? -2.339  -1.733  8.594   1.00 40.00 ? 35  SER X CB  1 
ATOM   287  O OG  . SER A 1 35  ? -1.729  -0.487  8.883   1.00 39.69 ? 35  SER X OG  1 
ATOM   288  N N   . THR A 1 36  ? -3.546  -1.497  11.902  1.00 40.49 ? 36  THR X N   1 
ATOM   289  C CA  . THR A 1 36  ? -3.272  -1.799  13.306  1.00 40.49 ? 36  THR X CA  1 
ATOM   290  C C   . THR A 1 36  ? -3.633  -3.245  13.634  1.00 40.21 ? 36  THR X C   1 
ATOM   291  O O   . THR A 1 36  ? -4.745  -3.698  13.352  1.00 40.07 ? 36  THR X O   1 
ATOM   292  C CB  . THR A 1 36  ? -4.053  -0.884  14.265  1.00 41.04 ? 36  THR X CB  1 
ATOM   293  O OG1 . THR A 1 36  ? -3.865  0.491   13.898  1.00 41.58 ? 36  THR X OG1 1 
ATOM   294  C CG2 . THR A 1 36  ? -3.564  -1.092  15.693  1.00 41.03 ? 36  THR X CG2 1 
ATOM   295  N N   . GLY A 1 37  ? -2.686  -3.962  14.232  1.00 39.70 ? 37  GLY X N   1 
ATOM   296  C CA  . GLY A 1 37  ? -2.956  -5.284  14.784  1.00 39.27 ? 37  GLY X CA  1 
ATOM   297  C C   . GLY A 1 37  ? -2.930  -6.349  13.712  1.00 38.97 ? 37  GLY X C   1 
ATOM   298  O O   . GLY A 1 37  ? -3.340  -7.481  13.940  1.00 38.89 ? 37  GLY X O   1 
ATOM   299  N N   . HIS A 1 38  ? -2.441  -5.983  12.534  1.00 39.01 ? 38  HIS X N   1 
ATOM   300  C CA  . HIS A 1 38  ? -2.463  -6.878  11.381  1.00 38.88 ? 38  HIS X CA  1 
ATOM   301  C C   . HIS A 1 38  ? -1.070  -6.965  10.771  1.00 38.58 ? 38  HIS X C   1 
ATOM   302  O O   . HIS A 1 38  ? -0.082  -6.655  11.431  1.00 38.85 ? 38  HIS X O   1 
ATOM   303  C CB  . HIS A 1 38  ? -3.478  -6.381  10.346  1.00 38.80 ? 38  HIS X CB  1 
ATOM   304  C CG  . HIS A 1 38  ? -4.888  -6.371  10.847  1.00 38.90 ? 38  HIS X CG  1 
ATOM   305  N ND1 . HIS A 1 38  ? -5.545  -5.212  11.203  1.00 38.95 ? 38  HIS X ND1 1 
ATOM   306  C CD2 . HIS A 1 38  ? -5.764  -7.382  11.065  1.00 38.92 ? 38  HIS X CD2 1 
ATOM   307  C CE1 . HIS A 1 38  ? -6.766  -5.509  11.614  1.00 38.74 ? 38  HIS X CE1 1 
ATOM   308  N NE2 . HIS A 1 38  ? -6.924  -6.818  11.538  1.00 38.74 ? 38  HIS X NE2 1 
ATOM   309  N N   . THR A 1 39  ? -0.992  -7.375  9.510   1.00 38.56 ? 39  THR X N   1 
ATOM   310  C CA  . THR A 1 39  ? 0.293   -7.656  8.880   1.00 38.51 ? 39  THR X CA  1 
ATOM   311  C C   . THR A 1 39  ? 0.480   -6.835  7.602   1.00 38.54 ? 39  THR X C   1 
ATOM   312  O O   . THR A 1 39  ? -0.403  -6.789  6.745   1.00 38.67 ? 39  THR X O   1 
ATOM   313  C CB  . THR A 1 39  ? 0.435   -9.160  8.558   1.00 38.52 ? 39  THR X CB  1 
ATOM   314  O OG1 . THR A 1 39  ? 0.335   -9.918  9.770   1.00 38.39 ? 39  THR X OG1 1 
ATOM   315  C CG2 . THR A 1 39  ? 1.771   -9.452  7.886   1.00 38.45 ? 39  THR X CG2 1 
ATOM   316  N N   . LEU A 1 40  ? 1.635   -6.182  7.490   1.00 38.37 ? 40  LEU X N   1 
ATOM   317  C CA  . LEU A 1 40  ? 2.033   -5.513  6.252   1.00 37.89 ? 40  LEU X CA  1 
ATOM   318  C C   . LEU A 1 40  ? 3.109   -6.319  5.532   1.00 37.81 ? 40  LEU X C   1 
ATOM   319  O O   . LEU A 1 40  ? 4.133   -6.668  6.120   1.00 37.96 ? 40  LEU X O   1 
ATOM   320  C CB  . LEU A 1 40  ? 2.568   -4.108  6.540   1.00 37.71 ? 40  LEU X CB  1 
ATOM   321  C CG  . LEU A 1 40  ? 1.652   -3.110  7.256   1.00 37.42 ? 40  LEU X CG  1 
ATOM   322  C CD1 . LEU A 1 40  ? 2.445   -1.874  7.643   1.00 37.23 ? 40  LEU X CD1 1 
ATOM   323  C CD2 . LEU A 1 40  ? 0.461   -2.731  6.393   1.00 37.00 ? 40  LEU X CD2 1 
ATOM   324  N N   . VAL A 1 41  ? 2.871   -6.607  4.257   1.00 37.41 ? 41  VAL X N   1 
ATOM   325  C CA  . VAL A 1 41  ? 3.918   -7.091  3.369   1.00 36.98 ? 41  VAL X CA  1 
ATOM   326  C C   . VAL A 1 41  ? 4.387   -5.976  2.440   1.00 36.63 ? 41  VAL X C   1 
ATOM   327  O O   . VAL A 1 41  ? 3.601   -5.134  2.009   1.00 36.63 ? 41  VAL X O   1 
ATOM   328  C CB  . VAL A 1 41  ? 3.428   -8.292  2.529   1.00 36.90 ? 41  VAL X CB  1 
ATOM   329  C CG1 . VAL A 1 41  ? 4.370   -8.557  1.363   1.00 36.78 ? 41  VAL X CG1 1 
ATOM   330  C CG2 . VAL A 1 41  ? 3.300   -9.528  3.402   1.00 36.78 ? 41  VAL X CG2 1 
ATOM   331  N N   . MET A 1 42  ? 5.675   -5.974  2.133   1.00 36.17 ? 42  MET X N   1 
ATOM   332  C CA  . MET A 1 42  ? 6.294   -4.834  1.477   1.00 35.96 ? 42  MET X CA  1 
ATOM   333  C C   . MET A 1 42  ? 7.664   -5.214  0.934   1.00 35.63 ? 42  MET X C   1 
ATOM   334  O O   . MET A 1 42  ? 8.398   -5.980  1.552   1.00 35.79 ? 42  MET X O   1 
ATOM   335  C CB  . MET A 1 42  ? 6.434   -3.676  2.462   1.00 35.84 ? 42  MET X CB  1 
ATOM   336  C CG  . MET A 1 42  ? 7.767   -3.650  3.170   1.00 35.71 ? 42  MET X CG  1 
ATOM   337  S SD  . MET A 1 42  ? 7.831   -2.408  4.457   1.00 35.62 ? 42  MET X SD  1 
ATOM   338  C CE  . MET A 1 42  ? 6.387   -2.836  5.430   1.00 35.47 ? 42  MET X CE  1 
ATOM   339  N N   . GLY A 1 43  ? 8.004   -4.670  -0.225  1.00 35.48 ? 43  GLY X N   1 
ATOM   340  C CA  . GLY A 1 43  ? 9.303   -4.912  -0.835  1.00 35.34 ? 43  GLY X CA  1 
ATOM   341  C C   . GLY A 1 43  ? 10.417  -4.103  -0.199  1.00 34.90 ? 43  GLY X C   1 
ATOM   342  O O   . GLY A 1 43  ? 10.178  -3.088  0.444   1.00 34.54 ? 43  GLY X O   1 
ATOM   343  N N   . ARG A 1 44  ? 11.644  -4.566  -0.393  1.00 35.10 ? 44  ARG X N   1 
ATOM   344  C CA  . ARG A 1 44  ? 12.798  -4.046  0.324   1.00 35.29 ? 44  ARG X CA  1 
ATOM   345  C C   . ARG A 1 44  ? 12.945  -2.528  0.175   1.00 35.26 ? 44  ARG X C   1 
ATOM   346  O O   . ARG A 1 44  ? 13.287  -1.832  1.134   1.00 34.91 ? 44  ARG X O   1 
ATOM   347  C CB  . ARG A 1 44  ? 14.063  -4.750  -0.166  1.00 34.99 ? 44  ARG X CB  1 
ATOM   348  C CG  . ARG A 1 44  ? 15.321  -4.328  0.558   1.00 35.13 ? 44  ARG X CG  1 
ATOM   349  C CD  . ARG A 1 44  ? 16.049  -3.222  -0.191  1.00 35.03 ? 44  ARG X CD  1 
ATOM   350  N NE  . ARG A 1 44  ? 16.299  -3.583  -1.582  1.00 34.99 ? 44  ARG X NE  1 
ATOM   351  C CZ  . ARG A 1 44  ? 16.915  -2.794  -2.457  1.00 34.97 ? 44  ARG X CZ  1 
ATOM   352  N NH1 . ARG A 1 44  ? 17.342  -1.599  -2.083  1.00 34.95 ? 44  ARG X NH1 1 
ATOM   353  N NH2 . ARG A 1 44  ? 17.098  -3.199  -3.706  1.00 34.85 ? 44  ARG X NH2 1 
ATOM   354  N N   . LYS A 1 45  ? 12.691  -2.018  -1.026  1.00 35.70 ? 45  LYS X N   1 
ATOM   355  C CA  . LYS A 1 45  ? 12.887  -0.598  -1.305  1.00 36.14 ? 45  LYS X CA  1 
ATOM   356  C C   . LYS A 1 45  ? 11.918  0.234   -0.479  1.00 36.19 ? 45  LYS X C   1 
ATOM   357  O O   . LYS A 1 45  ? 12.294  1.237   0.116   1.00 35.87 ? 45  LYS X O   1 
ATOM   358  C CB  . LYS A 1 45  ? 12.678  -0.304  -2.792  1.00 36.28 ? 45  LYS X CB  1 
ATOM   359  C CG  . LYS A 1 45  ? 13.599  -1.074  -3.722  1.00 36.41 ? 45  LYS X CG  1 
ATOM   360  C CD  . LYS A 1 45  ? 13.805  -0.332  -5.036  1.00 36.41 ? 45  LYS X CD  1 
ATOM   361  C CE  . LYS A 1 45  ? 15.112  -0.742  -5.706  1.00 36.65 ? 45  LYS X CE  1 
ATOM   362  N NZ  . LYS A 1 45  ? 15.115  -0.497  -7.178  1.00 36.71 ? 45  LYS X NZ  1 
ATOM   363  N N   . THR A 1 46  ? 10.664  -0.196  -0.441  1.00 36.66 ? 46  THR X N   1 
ATOM   364  C CA  . THR A 1 46  ? 9.652   0.496   0.343   1.00 37.23 ? 46  THR X CA  1 
ATOM   365  C C   . THR A 1 46  ? 10.004  0.499   1.832   1.00 37.51 ? 46  THR X C   1 
ATOM   366  O O   . THR A 1 46  ? 9.829   1.506   2.518   1.00 36.94 ? 46  THR X O   1 
ATOM   367  C CB  . THR A 1 46  ? 8.261   -0.138  0.136   1.00 37.16 ? 46  THR X CB  1 
ATOM   368  O OG1 . THR A 1 46  ? 7.800   0.149   -1.190  1.00 36.98 ? 46  THR X OG1 1 
ATOM   369  C CG2 . THR A 1 46  ? 7.263   0.407   1.153   1.00 37.00 ? 46  THR X CG2 1 
ATOM   370  N N   . PHE A 1 47  ? 10.505  -0.628  2.327   1.00 38.35 ? 47  PHE X N   1 
ATOM   371  C CA  . PHE A 1 47  ? 10.880  -0.724  3.729   1.00 38.86 ? 47  PHE X CA  1 
ATOM   372  C C   . PHE A 1 47  ? 12.033  0.217   4.052   1.00 39.17 ? 47  PHE X C   1 
ATOM   373  O O   . PHE A 1 47  ? 12.043  0.866   5.102   1.00 38.43 ? 47  PHE X O   1 
ATOM   374  C CB  . PHE A 1 47  ? 11.274  -2.152  4.098   1.00 39.02 ? 47  PHE X CB  1 
ATOM   375  C CG  . PHE A 1 47  ? 11.947  -2.257  5.437   1.00 38.97 ? 47  PHE X CG  1 
ATOM   376  C CD1 . PHE A 1 47  ? 13.317  -2.445  5.527   1.00 38.95 ? 47  PHE X CD1 1 
ATOM   377  C CD2 . PHE A 1 47  ? 11.213  -2.141  6.607   1.00 39.20 ? 47  PHE X CD2 1 
ATOM   378  C CE1 . PHE A 1 47  ? 13.939  -2.535  6.757   1.00 39.12 ? 47  PHE X CE1 1 
ATOM   379  C CE2 . PHE A 1 47  ? 11.829  -2.230  7.842   1.00 39.32 ? 47  PHE X CE2 1 
ATOM   380  C CZ  . PHE A 1 47  ? 13.196  -2.425  7.917   1.00 39.18 ? 47  PHE X CZ  1 
ATOM   381  N N   . GLU A 1 48  ? 13.006  0.283   3.151   1.00 40.00 ? 48  GLU X N   1 
ATOM   382  C CA  . GLU A 1 48  ? 14.182  1.119   3.371   1.00 40.86 ? 48  GLU X CA  1 
ATOM   383  C C   . GLU A 1 48  ? 13.808  2.581   3.223   1.00 40.98 ? 48  GLU X C   1 
ATOM   384  O O   . GLU A 1 48  ? 14.449  3.461   3.788   1.00 40.72 ? 48  GLU X O   1 
ATOM   385  C CB  . GLU A 1 48  ? 15.304  0.752   2.398   1.00 41.45 ? 48  GLU X CB  1 
ATOM   386  C CG  . GLU A 1 48  ? 16.408  -0.083  3.041   1.00 42.07 ? 48  GLU X CG  1 
ATOM   387  C CD  . GLU A 1 48  ? 16.825  0.468   4.393   1.00 42.82 ? 48  GLU X CD  1 
ATOM   388  O OE1 . GLU A 1 48  ? 17.281  -0.317  5.253   1.00 43.22 ? 48  GLU X OE1 1 
ATOM   389  O OE2 . GLU A 1 48  ? 16.687  1.696   4.596   1.00 43.73 ? 48  GLU X OE2 1 
ATOM   390  N N   . SER A 1 49  ? 12.744  2.828   2.472   1.00 41.74 ? 49  SER X N   1 
ATOM   391  C CA  . SER A 1 49  ? 12.114  4.139   2.445   1.00 42.20 ? 49  SER X CA  1 
ATOM   392  C C   . SER A 1 49  ? 11.570  4.530   3.817   1.00 42.49 ? 49  SER X C   1 
ATOM   393  O O   . SER A 1 49  ? 11.679  5.688   4.227   1.00 42.62 ? 49  SER X O   1 
ATOM   394  C CB  . SER A 1 49  ? 10.989  4.154   1.410   1.00 42.40 ? 49  SER X CB  1 
ATOM   395  O OG  . SER A 1 49  ? 10.386  5.434   1.348   1.00 43.05 ? 49  SER X OG  1 
ATOM   396  N N   . ILE A 1 50  ? 10.982  3.573   4.528   1.00 42.93 ? 50  ILE X N   1 
ATOM   397  C CA  . ILE A 1 50  ? 10.358  3.869   5.815   1.00 43.34 ? 50  ILE X CA  1 
ATOM   398  C C   . ILE A 1 50  ? 11.359  3.757   6.958   1.00 43.65 ? 50  ILE X C   1 
ATOM   399  O O   . ILE A 1 50  ? 11.237  4.449   7.968   1.00 43.85 ? 50  ILE X O   1 
ATOM   400  C CB  . ILE A 1 50  ? 9.177   2.930   6.119   1.00 43.34 ? 50  ILE X CB  1 
ATOM   401  C CG1 . ILE A 1 50  ? 8.270   2.796   4.899   1.00 43.38 ? 50  ILE X CG1 1 
ATOM   402  C CG2 . ILE A 1 50  ? 8.374   3.464   7.293   1.00 43.11 ? 50  ILE X CG2 1 
ATOM   403  C CD1 . ILE A 1 50  ? 6.965   2.106   5.202   1.00 43.38 ? 50  ILE X CD1 1 
ATOM   404  N N   . GLY A 1 51  ? 12.340  2.876   6.801   1.00 44.03 ? 51  GLY X N   1 
ATOM   405  C CA  . GLY A 1 51  ? 13.588  2.984   7.546   1.00 44.43 ? 51  GLY X CA  1 
ATOM   406  C C   . GLY A 1 51  ? 13.539  2.298   8.901   1.00 44.84 ? 51  GLY X C   1 
ATOM   407  O O   . GLY A 1 51  ? 14.566  2.112   9.549   1.00 45.30 ? 51  GLY X O   1 
ATOM   408  N N   . LYS A 1 52  ? 12.345  1.921   9.339   1.00 45.10 ? 52  LYS X N   1 
ATOM   409  C CA  . LYS A 1 52  ? 12.206  1.122   10.551  1.00 45.11 ? 52  LYS X CA  1 
ATOM   410  C C   . LYS A 1 52  ? 10.831  0.482   10.602  1.00 44.91 ? 52  LYS X C   1 
ATOM   411  O O   . LYS A 1 52  ? 9.884   0.991   10.008  1.00 45.27 ? 52  LYS X O   1 
ATOM   412  C CB  . LYS A 1 52  ? 12.421  1.987   11.793  1.00 45.50 ? 52  LYS X CB  1 
ATOM   413  C CG  . LYS A 1 52  ? 11.309  2.997   12.064  1.00 45.72 ? 52  LYS X CG  1 
ATOM   414  C CD  . LYS A 1 52  ? 11.743  4.033   13.099  1.00 45.77 ? 52  LYS X CD  1 
ATOM   415  C CE  . LYS A 1 52  ? 10.889  3.960   14.363  1.00 46.15 ? 52  LYS X CE  1 
ATOM   416  N NZ  . LYS A 1 52  ? 11.554  4.580   15.550  1.00 46.23 ? 52  LYS X NZ  1 
ATOM   417  N N   . PRO A 1 53  ? 10.715  -0.645  11.313  1.00 44.65 ? 53  PRO X N   1 
ATOM   418  C CA  . PRO A 1 53  ? 9.431   -1.329  11.371  1.00 44.43 ? 53  PRO X CA  1 
ATOM   419  C C   . PRO A 1 53  ? 8.323   -0.361  11.762  1.00 44.06 ? 53  PRO X C   1 
ATOM   420  O O   . PRO A 1 53  ? 8.562   0.581   12.511  1.00 44.17 ? 53  PRO X O   1 
ATOM   421  C CB  . PRO A 1 53  ? 9.646   -2.388  12.455  1.00 44.42 ? 53  PRO X CB  1 
ATOM   422  C CG  . PRO A 1 53  ? 11.120  -2.646  12.444  1.00 44.45 ? 53  PRO X CG  1 
ATOM   423  C CD  . PRO A 1 53  ? 11.757  -1.334  12.097  1.00 44.59 ? 53  PRO X CD  1 
ATOM   424  N N   . LEU A 1 54  ? 7.126   -0.584  11.240  1.00 43.86 ? 54  LEU X N   1 
ATOM   425  C CA  . LEU A 1 54  ? 5.954   0.138   11.703  1.00 43.58 ? 54  LEU X CA  1 
ATOM   426  C C   . LEU A 1 54  ? 5.414   -0.518  12.971  1.00 43.31 ? 54  LEU X C   1 
ATOM   427  O O   . LEU A 1 54  ? 5.085   -1.702  12.968  1.00 42.94 ? 54  LEU X O   1 
ATOM   428  C CB  . LEU A 1 54  ? 4.882   0.163   10.609  1.00 43.53 ? 54  LEU X CB  1 
ATOM   429  C CG  . LEU A 1 54  ? 4.900   1.393   9.692   1.00 43.44 ? 54  LEU X CG  1 
ATOM   430  C CD1 . LEU A 1 54  ? 6.033   2.332   10.072  1.00 43.62 ? 54  LEU X CD1 1 
ATOM   431  C CD2 . LEU A 1 54  ? 5.015   0.986   8.238   1.00 43.25 ? 54  LEU X CD2 1 
ATOM   432  N N   . PRO A 1 55  ? 5.336   0.259   14.063  1.00 43.26 ? 55  PRO X N   1 
ATOM   433  C CA  . PRO A 1 55  ? 4.898   -0.208  15.382  1.00 43.06 ? 55  PRO X CA  1 
ATOM   434  C C   . PRO A 1 55  ? 3.510   -0.842  15.359  1.00 42.81 ? 55  PRO X C   1 
ATOM   435  O O   . PRO A 1 55  ? 2.649   -0.427  14.584  1.00 42.68 ? 55  PRO X O   1 
ATOM   436  C CB  . PRO A 1 55  ? 4.872   1.074   16.222  1.00 43.25 ? 55  PRO X CB  1 
ATOM   437  C CG  . PRO A 1 55  ? 5.799   2.017   15.521  1.00 43.39 ? 55  PRO X CG  1 
ATOM   438  C CD  . PRO A 1 55  ? 5.690   1.689   14.066  1.00 43.34 ? 55  PRO X CD  1 
ATOM   439  N N   . ASN A 1 56  ? 3.302   -1.840  16.211  1.00 42.52 ? 56  ASN X N   1 
ATOM   440  C CA  . ASN A 1 56  ? 1.959   -2.285  16.557  1.00 42.06 ? 56  ASN X CA  1 
ATOM   441  C C   . ASN A 1 56  ? 1.338   -3.061  15.415  1.00 41.85 ? 56  ASN X C   1 
ATOM   442  O O   . ASN A 1 56  ? 0.112   -3.152  15.298  1.00 41.99 ? 56  ASN X O   1 
ATOM   443  C CB  . ASN A 1 56  ? 1.078   -1.091  16.904  1.00 42.18 ? 56  ASN X CB  1 
ATOM   444  C CG  . ASN A 1 56  ? 1.365   -0.542  18.281  1.00 42.26 ? 56  ASN X CG  1 
ATOM   445  O OD1 . ASN A 1 56  ? 1.417   0.674   18.479  1.00 42.57 ? 56  ASN X OD1 1 
ATOM   446  N ND2 . ASN A 1 56  ? 1.553   -1.435  19.245  1.00 42.34 ? 56  ASN X ND2 1 
ATOM   447  N N   . ARG A 1 57  ? 2.193   -3.621  14.567  1.00 41.35 ? 57  ARG X N   1 
ATOM   448  C CA  . ARG A 1 57  ? 1.749   -4.577  13.572  1.00 41.19 ? 57  ARG X CA  1 
ATOM   449  C C   . ARG A 1 57  ? 2.926   -5.411  13.090  1.00 40.43 ? 57  ARG X C   1 
ATOM   450  O O   . ARG A 1 57  ? 4.080   -5.026  13.261  1.00 39.85 ? 57  ARG X O   1 
ATOM   451  C CB  . ARG A 1 57  ? 1.087   -3.849  12.399  1.00 41.52 ? 57  ARG X CB  1 
ATOM   452  C CG  . ARG A 1 57  ? 2.066   -3.221  11.423  1.00 41.99 ? 57  ARG X CG  1 
ATOM   453  C CD  . ARG A 1 57  ? 1.572   -1.872  10.929  1.00 42.39 ? 57  ARG X CD  1 
ATOM   454  N NE  . ARG A 1 57  ? 1.290   -0.957  12.031  1.00 42.78 ? 57  ARG X NE  1 
ATOM   455  C CZ  . ARG A 1 57  ? 1.046   0.341   11.880  1.00 43.11 ? 57  ARG X CZ  1 
ATOM   456  N NH1 . ARG A 1 57  ? 1.047   0.890   10.674  1.00 43.24 ? 57  ARG X NH1 1 
ATOM   457  N NH2 . ARG A 1 57  ? 0.799   1.096   12.941  1.00 43.34 ? 57  ARG X NH2 1 
ATOM   458  N N   . ARG A 1 58  ? 2.622   -6.559  12.496  1.00 39.87 ? 58  ARG X N   1 
ATOM   459  C CA  . ARG A 1 58  ? 3.640   -7.398  11.878  1.00 39.73 ? 58  ARG X CA  1 
ATOM   460  C C   . ARG A 1 58  ? 4.138   -6.795  10.558  1.00 39.51 ? 58  ARG X C   1 
ATOM   461  O O   . ARG A 1 58  ? 3.381   -6.662  9.589   1.00 39.35 ? 58  ARG X O   1 
ATOM   462  C CB  . ARG A 1 58  ? 3.082   -8.799  11.640  1.00 39.63 ? 58  ARG X CB  1 
ATOM   463  C CG  . ARG A 1 58  ? 4.124   -9.892  11.681  1.00 39.59 ? 58  ARG X CG  1 
ATOM   464  C CD  . ARG A 1 58  ? 3.630   -11.138 10.977  1.00 39.72 ? 58  ARG X CD  1 
ATOM   465  N NE  . ARG A 1 58  ? 4.717   -12.058 10.673  1.00 39.76 ? 58  ARG X NE  1 
ATOM   466  C CZ  . ARG A 1 58  ? 4.545   -13.334 10.348  1.00 39.90 ? 58  ARG X CZ  1 
ATOM   467  N NH1 . ARG A 1 58  ? 3.324   -13.843 10.276  1.00 39.94 ? 58  ARG X NH1 1 
ATOM   468  N NH2 . ARG A 1 58  ? 5.593   -14.103 10.093  1.00 40.05 ? 58  ARG X NH2 1 
ATOM   469  N N   . ASN A 1 59  ? 5.416   -6.429  10.540  1.00 39.05 ? 59  ASN X N   1 
ATOM   470  C CA  . ASN A 1 59  ? 6.100   -6.010  9.327   1.00 38.59 ? 59  ASN X CA  1 
ATOM   471  C C   . ASN A 1 59  ? 6.838   -7.169  8.666   1.00 38.32 ? 59  ASN X C   1 
ATOM   472  O O   . ASN A 1 59  ? 7.773   -7.730  9.241   1.00 38.36 ? 59  ASN X O   1 
ATOM   473  C CB  . ASN A 1 59  ? 7.105   -4.906  9.646   1.00 38.54 ? 59  ASN X CB  1 
ATOM   474  C CG  . ASN A 1 59  ? 6.472   -3.717  10.327  1.00 38.63 ? 59  ASN X CG  1 
ATOM   475  O OD1 . ASN A 1 59  ? 6.514   -2.603  9.808   1.00 38.81 ? 59  ASN X OD1 1 
ATOM   476  N ND2 . ASN A 1 59  ? 5.896   -3.937  11.505  1.00 38.60 ? 59  ASN X ND2 1 
ATOM   477  N N   . VAL A 1 60  ? 6.430   -7.511  7.450   1.00 37.92 ? 60  VAL X N   1 
ATOM   478  C CA  . VAL A 1 60  ? 7.141   -8.504  6.654   1.00 37.50 ? 60  VAL X CA  1 
ATOM   479  C C   . VAL A 1 60  ? 7.750   -7.870  5.408   1.00 37.20 ? 60  VAL X C   1 
ATOM   480  O O   . VAL A 1 60  ? 7.057   -7.220  4.635   1.00 36.54 ? 60  VAL X O   1 
ATOM   481  C CB  . VAL A 1 60  ? 6.197   -9.640  6.230   1.00 37.22 ? 60  VAL X CB  1 
ATOM   482  C CG1 . VAL A 1 60  ? 6.842   -10.494 5.140   1.00 37.15 ? 60  VAL X CG1 1 
ATOM   483  C CG2 . VAL A 1 60  ? 5.808   -10.482 7.442   1.00 36.87 ? 60  VAL X CG2 1 
ATOM   484  N N   . VAL A 1 61  ? 9.054   -8.055  5.219   1.00 37.54 ? 61  VAL X N   1 
ATOM   485  C CA  . VAL A 1 61  ? 9.748   -7.452  4.079   1.00 37.45 ? 61  VAL X CA  1 
ATOM   486  C C   . VAL A 1 61  ? 10.186  -8.515  3.073   1.00 37.44 ? 61  VAL X C   1 
ATOM   487  O O   . VAL A 1 61  ? 10.918  -9.443  3.413   1.00 37.71 ? 61  VAL X O   1 
ATOM   488  C CB  . VAL A 1 61  ? 10.975  -6.634  4.526   1.00 37.15 ? 61  VAL X CB  1 
ATOM   489  C CG1 . VAL A 1 61  ? 11.788  -6.199  3.322   1.00 37.32 ? 61  VAL X CG1 1 
ATOM   490  C CG2 . VAL A 1 61  ? 10.541  -5.427  5.335   1.00 37.01 ? 61  VAL X CG2 1 
ATOM   491  N N   . LEU A 1 62  ? 9.726   -8.372  1.834   1.00 37.49 ? 62  LEU X N   1 
ATOM   492  C CA  . LEU A 1 62  ? 10.080  -9.299  0.769   1.00 37.65 ? 62  LEU X CA  1 
ATOM   493  C C   . LEU A 1 62  ? 11.350  -8.832  0.073   1.00 37.76 ? 62  LEU X C   1 
ATOM   494  O O   . LEU A 1 62  ? 11.426  -7.702  -0.408  1.00 37.58 ? 62  LEU X O   1 
ATOM   495  C CB  . LEU A 1 62  ? 8.928   -9.414  -0.239  1.00 37.63 ? 62  LEU X CB  1 
ATOM   496  C CG  . LEU A 1 62  ? 9.198   -10.254 -1.491  1.00 37.62 ? 62  LEU X CG  1 
ATOM   497  C CD1 . LEU A 1 62  ? 9.330   -11.733 -1.148  1.00 37.51 ? 62  LEU X CD1 1 
ATOM   498  C CD2 . LEU A 1 62  ? 8.098   -10.041 -2.523  1.00 37.74 ? 62  LEU X CD2 1 
ATOM   499  N N   . THR A 1 63  ? 12.354  -9.705  0.036   1.00 38.21 ? 63  THR X N   1 
ATOM   500  C CA  . THR A 1 63  ? 13.650  -9.366  -0.541  1.00 38.40 ? 63  THR X CA  1 
ATOM   501  C C   . THR A 1 63  ? 14.363  -10.614 -1.047  1.00 38.68 ? 63  THR X C   1 
ATOM   502  O O   . THR A 1 63  ? 14.104  -11.722 -0.569  1.00 39.17 ? 63  THR X O   1 
ATOM   503  C CB  . THR A 1 63  ? 14.560  -8.677  0.490   1.00 38.22 ? 63  THR X CB  1 
ATOM   504  O OG1 . THR A 1 63  ? 15.835  -8.410  -0.104  1.00 37.95 ? 63  THR X OG1 1 
ATOM   505  C CG2 . THR A 1 63  ? 14.751  -9.558  1.710   1.00 38.24 ? 63  THR X CG2 1 
ATOM   506  N N   . SER A 1 64  ? 15.271  -10.432 -2.001  1.00 38.67 ? 64  SER X N   1 
ATOM   507  C CA  . SER A 1 64  ? 16.103  -11.533 -2.477  1.00 38.92 ? 64  SER X CA  1 
ATOM   508  C C   . SER A 1 64  ? 17.365  -11.695 -1.636  1.00 39.51 ? 64  SER X C   1 
ATOM   509  O O   . SER A 1 64  ? 18.162  -12.600 -1.880  1.00 39.89 ? 64  SER X O   1 
ATOM   510  C CB  . SER A 1 64  ? 16.485  -11.330 -3.945  1.00 38.34 ? 64  SER X CB  1 
ATOM   511  O OG  . SER A 1 64  ? 17.430  -10.289 -4.089  1.00 37.52 ? 64  SER X OG  1 
ATOM   512  N N   . ASP A 1 65  ? 17.547  -10.825 -0.647  1.00 40.08 ? 65  ASP X N   1 
ATOM   513  C CA  . ASP A 1 65  ? 18.818  -10.742 0.070   1.00 40.30 ? 65  ASP X CA  1 
ATOM   514  C C   . ASP A 1 65  ? 18.804  -11.587 1.339   1.00 40.66 ? 65  ASP X C   1 
ATOM   515  O O   . ASP A 1 65  ? 18.057  -11.310 2.269   1.00 40.83 ? 65  ASP X O   1 
ATOM   516  C CB  . ASP A 1 65  ? 19.135  -9.290  0.434   1.00 40.29 ? 65  ASP X CB  1 
ATOM   517  C CG  . ASP A 1 65  ? 20.357  -9.170  1.333   1.00 40.21 ? 65  ASP X CG  1 
ATOM   518  O OD1 . ASP A 1 65  ? 20.737  -8.032  1.676   1.00 40.05 ? 65  ASP X OD1 1 
ATOM   519  O OD2 . ASP A 1 65  ? 20.935  -10.219 1.694   1.00 40.10 ? 65  ASP X OD2 1 
ATOM   520  N N   . THR A 1 66  ? 19.650  -12.610 1.382   1.00 41.38 ? 66  THR X N   1 
ATOM   521  C CA  . THR A 1 66  ? 19.594  -13.595 2.455   1.00 41.56 ? 66  THR X CA  1 
ATOM   522  C C   . THR A 1 66  ? 20.407  -13.153 3.667   1.00 41.81 ? 66  THR X C   1 
ATOM   523  O O   . THR A 1 66  ? 20.494  -13.872 4.669   1.00 41.87 ? 66  THR X O   1 
ATOM   524  C CB  . THR A 1 66  ? 20.097  -14.967 1.983   1.00 42.13 ? 66  THR X CB  1 
ATOM   525  O OG1 . THR A 1 66  ? 21.303  -14.808 1.221   1.00 42.47 ? 66  THR X OG1 1 
ATOM   526  C CG2 . THR A 1 66  ? 19.037  -15.654 1.125   1.00 42.20 ? 66  THR X CG2 1 
ATOM   527  N N   . SER A 1 67  ? 20.986  -11.961 3.580   1.00 41.72 ? 67  SER X N   1 
ATOM   528  C CA  . SER A 1 67  ? 21.636  -11.346 4.730   1.00 41.63 ? 67  SER X CA  1 
ATOM   529  C C   . SER A 1 67  ? 20.686  -10.412 5.471   1.00 41.55 ? 67  SER X C   1 
ATOM   530  O O   . SER A 1 67  ? 21.047  -9.832  6.492   1.00 40.92 ? 67  SER X O   1 
ATOM   531  C CB  . SER A 1 67  ? 22.869  -10.566 4.280   1.00 41.66 ? 67  SER X CB  1 
ATOM   532  O OG  . SER A 1 67  ? 23.853  -11.440 3.763   1.00 41.87 ? 67  SER X OG  1 
ATOM   533  N N   . PHE A 1 68  ? 19.474  -10.260 4.949   1.00 41.65 ? 68  PHE X N   1 
ATOM   534  C CA  . PHE A 1 68  ? 18.477  -9.419  5.598   1.00 41.90 ? 68  PHE X CA  1 
ATOM   535  C C   . PHE A 1 68  ? 18.031  -10.059 6.905   1.00 41.98 ? 68  PHE X C   1 
ATOM   536  O O   . PHE A 1 68  ? 17.483  -11.152 6.910   1.00 42.05 ? 68  PHE X O   1 
ATOM   537  C CB  . PHE A 1 68  ? 17.275  -9.200  4.679   1.00 41.50 ? 68  PHE X CB  1 
ATOM   538  C CG  . PHE A 1 68  ? 16.356  -8.105  5.136   1.00 41.35 ? 68  PHE X CG  1 
ATOM   539  C CD1 . PHE A 1 68  ? 16.437  -6.842  4.585   1.00 41.30 ? 68  PHE X CD1 1 
ATOM   540  C CD2 . PHE A 1 68  ? 15.413  -8.340  6.122   1.00 41.36 ? 68  PHE X CD2 1 
ATOM   541  C CE1 . PHE A 1 68  ? 15.595  -5.831  5.001   1.00 41.39 ? 68  PHE X CE1 1 
ATOM   542  C CE2 . PHE A 1 68  ? 14.568  -7.335  6.546   1.00 41.49 ? 68  PHE X CE2 1 
ATOM   543  C CZ  . PHE A 1 68  ? 14.659  -6.077  5.984   1.00 41.46 ? 68  PHE X CZ  1 
ATOM   544  N N   . ASN A 1 69  ? 18.278  -9.375  8.016   1.00 42.89 ? 69  ASN X N   1 
ATOM   545  C CA  . ASN A 1 69  ? 17.753  -9.802  9.307   1.00 43.36 ? 69  ASN X CA  1 
ATOM   546  C C   . ASN A 1 69  ? 17.614  -8.630  10.263  1.00 43.90 ? 69  ASN X C   1 
ATOM   547  O O   . ASN A 1 69  ? 18.471  -8.411  11.120  1.00 44.25 ? 69  ASN X O   1 
ATOM   548  C CB  . ASN A 1 69  ? 18.650  -10.873 9.933   1.00 43.33 ? 69  ASN X CB  1 
ATOM   549  C CG  . ASN A 1 69  ? 18.113  -11.376 11.265  1.00 43.41 ? 69  ASN X CG  1 
ATOM   550  O OD1 . ASN A 1 69  ? 16.964  -11.112 11.620  1.00 43.88 ? 69  ASN X OD1 1 
ATOM   551  N ND2 . ASN A 1 69  ? 18.943  -12.099 12.008  1.00 43.28 ? 69  ASN X ND2 1 
ATOM   552  N N   . VAL A 1 70  ? 16.527  -7.880  10.108  1.00 44.25 ? 70  VAL X N   1 
ATOM   553  C CA  . VAL A 1 70  ? 16.342  -6.636  10.832  1.00 44.49 ? 70  VAL X CA  1 
ATOM   554  C C   . VAL A 1 70  ? 15.482  -6.894  12.059  1.00 44.98 ? 70  VAL X C   1 
ATOM   555  O O   . VAL A 1 70  ? 14.524  -7.661  12.005  1.00 45.28 ? 70  VAL X O   1 
ATOM   556  C CB  . VAL A 1 70  ? 15.675  -5.571  9.936   1.00 44.56 ? 70  VAL X CB  1 
ATOM   557  C CG1 . VAL A 1 70  ? 15.356  -4.307  10.736  1.00 44.29 ? 70  VAL X CG1 1 
ATOM   558  C CG2 . VAL A 1 70  ? 16.574  -5.249  8.740   1.00 44.30 ? 70  VAL X CG2 1 
ATOM   559  N N   . GLU A 1 71  ? 15.833  -6.274  13.177  1.00 45.67 ? 71  GLU X N   1 
ATOM   560  C CA  . GLU A 1 71  ? 15.030  -6.420  14.383  1.00 45.91 ? 71  GLU X CA  1 
ATOM   561  C C   . GLU A 1 71  ? 13.676  -5.754  14.190  1.00 45.90 ? 71  GLU X C   1 
ATOM   562  O O   . GLU A 1 71  ? 13.591  -4.608  13.740  1.00 45.92 ? 71  GLU X O   1 
ATOM   563  C CB  . GLU A 1 71  ? 15.742  -5.820  15.593  1.00 46.74 ? 71  GLU X CB  1 
ATOM   564  C CG  . GLU A 1 71  ? 15.552  -6.630  16.868  1.00 47.51 ? 71  GLU X CG  1 
ATOM   565  C CD  . GLU A 1 71  ? 14.089  -6.808  17.237  1.00 48.34 ? 71  GLU X CD  1 
ATOM   566  O OE1 . GLU A 1 71  ? 13.650  -7.969  17.411  1.00 49.06 ? 71  GLU X OE1 1 
ATOM   567  O OE2 . GLU A 1 71  ? 13.376  -5.786  17.359  1.00 49.01 ? 71  GLU X OE2 1 
ATOM   568  N N   . GLY A 1 72  ? 12.619  -6.486  14.525  1.00 45.62 ? 72  GLY X N   1 
ATOM   569  C CA  . GLY A 1 72  ? 11.262  -5.990  14.362  1.00 45.36 ? 72  GLY X CA  1 
ATOM   570  C C   . GLY A 1 72  ? 10.613  -6.511  13.098  1.00 45.08 ? 72  GLY X C   1 
ATOM   571  O O   . GLY A 1 72  ? 9.415   -6.333  12.893  1.00 45.54 ? 72  GLY X O   1 
ATOM   572  N N   . VAL A 1 73  ? 11.403  -7.155  12.246  1.00 44.58 ? 73  VAL X N   1 
ATOM   573  C CA  . VAL A 1 73  ? 10.997  -7.403  10.867  1.00 44.33 ? 73  VAL X CA  1 
ATOM   574  C C   . VAL A 1 73  ? 11.176  -8.870  10.500  1.00 44.14 ? 73  VAL X C   1 
ATOM   575  O O   . VAL A 1 73  ? 12.241  -9.447  10.715  1.00 44.28 ? 73  VAL X O   1 
ATOM   576  C CB  . VAL A 1 73  ? 11.800  -6.532  9.877   1.00 43.95 ? 73  VAL X CB  1 
ATOM   577  C CG1 . VAL A 1 73  ? 11.541  -6.970  8.443   1.00 43.65 ? 73  VAL X CG1 1 
ATOM   578  C CG2 . VAL A 1 73  ? 11.449  -5.071  10.058  1.00 43.77 ? 73  VAL X CG2 1 
ATOM   579  N N   . ASP A 1 74  ? 10.129  -9.466  9.943   1.00 44.07 ? 74  ASP X N   1 
ATOM   580  C CA  . ASP A 1 74  ? 10.205  -10.816 9.403   1.00 44.16 ? 74  ASP X CA  1 
ATOM   581  C C   . ASP A 1 74  ? 10.453  -10.780 7.901   1.00 44.21 ? 74  ASP X C   1 
ATOM   582  O O   . ASP A 1 74  ? 9.884   -9.955  7.187   1.00 44.63 ? 74  ASP X O   1 
ATOM   583  C CB  . ASP A 1 74  ? 8.909   -11.578 9.688   1.00 44.14 ? 74  ASP X CB  1 
ATOM   584  C CG  . ASP A 1 74  ? 8.550   -11.593 11.157  1.00 44.12 ? 74  ASP X CG  1 
ATOM   585  O OD1 . ASP A 1 74  ? 7.349   -11.742 11.474  1.00 44.37 ? 74  ASP X OD1 1 
ATOM   586  O OD2 . ASP A 1 74  ? 9.466   -11.457 11.996  1.00 43.98 ? 74  ASP X OD2 1 
ATOM   587  N N   . VAL A 1 75  ? 11.300  -11.684 7.426   1.00 44.14 ? 75  VAL X N   1 
ATOM   588  C CA  . VAL A 1 75  ? 11.741  -11.659 6.042   1.00 44.27 ? 75  VAL X CA  1 
ATOM   589  C C   . VAL A 1 75  ? 11.131  -12.824 5.280   1.00 44.50 ? 75  VAL X C   1 
ATOM   590  O O   . VAL A 1 75  ? 10.971  -13.915 5.826   1.00 44.44 ? 75  VAL X O   1 
ATOM   591  C CB  . VAL A 1 75  ? 13.272  -11.752 5.930   1.00 44.16 ? 75  VAL X CB  1 
ATOM   592  C CG1 . VAL A 1 75  ? 13.705  -13.203 5.764   1.00 43.92 ? 75  VAL X CG1 1 
ATOM   593  C CG2 . VAL A 1 75  ? 13.762  -10.918 4.768   1.00 44.21 ? 75  VAL X CG2 1 
ATOM   594  N N   . ILE A 1 76  ? 10.794  -12.585 4.016   1.00 44.78 ? 76  ILE X N   1 
ATOM   595  C CA  . ILE A 1 76  ? 10.479  -13.663 3.091   1.00 44.92 ? 76  ILE X CA  1 
ATOM   596  C C   . ILE A 1 76  ? 11.185  -13.435 1.764   1.00 45.07 ? 76  ILE X C   1 
ATOM   597  O O   . ILE A 1 76  ? 11.580  -12.316 1.445   1.00 44.69 ? 76  ILE X O   1 
ATOM   598  C CB  . ILE A 1 76  ? 8.960   -13.770 2.836   1.00 44.89 ? 76  ILE X CB  1 
ATOM   599  C CG1 . ILE A 1 76  ? 8.370   -12.386 2.532   1.00 44.92 ? 76  ILE X CG1 1 
ATOM   600  C CG2 . ILE A 1 76  ? 8.267   -14.398 4.038   1.00 44.85 ? 76  ILE X CG2 1 
ATOM   601  C CD1 . ILE A 1 76  ? 7.167   -12.413 1.603   1.00 44.85 ? 76  ILE X CD1 1 
ATOM   602  N N   . HIS A 1 77  ? 11.336  -14.506 0.993   1.00 45.58 ? 77  HIS X N   1 
ATOM   603  C CA  . HIS A 1 77  ? 12.146  -14.478 -0.214  1.00 45.80 ? 77  HIS X CA  1 
ATOM   604  C C   . HIS A 1 77  ? 11.332  -14.935 -1.412  1.00 45.78 ? 77  HIS X C   1 
ATOM   605  O O   . HIS A 1 77  ? 11.824  -14.956 -2.536  1.00 45.78 ? 77  HIS X O   1 
ATOM   606  C CB  . HIS A 1 77  ? 13.366  -15.376 -0.045  1.00 46.20 ? 77  HIS X CB  1 
ATOM   607  C CG  . HIS A 1 77  ? 14.261  -14.966 1.082   1.00 46.47 ? 77  HIS X CG  1 
ATOM   608  N ND1 . HIS A 1 77  ? 14.904  -13.747 1.113   1.00 46.57 ? 77  HIS X ND1 1 
ATOM   609  C CD2 . HIS A 1 77  ? 14.617  -15.610 2.218   1.00 46.49 ? 77  HIS X CD2 1 
ATOM   610  C CE1 . HIS A 1 77  ? 15.622  -13.660 2.218   1.00 46.66 ? 77  HIS X CE1 1 
ATOM   611  N NE2 . HIS A 1 77  ? 15.464  -14.777 2.907   1.00 46.63 ? 77  HIS X NE2 1 
ATOM   612  N N   . SER A 1 78  ? 10.080  -15.305 -1.159  1.00 46.07 ? 78  SER X N   1 
ATOM   613  C CA  . SER A 1 78  ? 9.169   -15.719 -2.217  1.00 46.36 ? 78  SER X CA  1 
ATOM   614  C C   . SER A 1 78  ? 7.837   -14.996 -2.069  1.00 46.29 ? 78  SER X C   1 
ATOM   615  O O   . SER A 1 78  ? 7.370   -14.770 -0.957  1.00 46.35 ? 78  SER X O   1 
ATOM   616  C CB  . SER A 1 78  ? 8.954   -17.234 -2.165  1.00 46.75 ? 78  SER X CB  1 
ATOM   617  O OG  . SER A 1 78  ? 8.001   -17.655 -3.127  1.00 47.29 ? 78  SER X OG  1 
ATOM   618  N N   . ILE A 1 79  ? 7.235   -14.629 -3.195  1.00 46.52 ? 79  ILE X N   1 
ATOM   619  C CA  . ILE A 1 79  ? 5.833   -14.216 -3.229  1.00 46.60 ? 79  ILE X CA  1 
ATOM   620  C C   . ILE A 1 79  ? 4.922   -15.229 -2.533  1.00 46.61 ? 79  ILE X C   1 
ATOM   621  O O   . ILE A 1 79  ? 3.957   -14.854 -1.859  1.00 46.42 ? 79  ILE X O   1 
ATOM   622  C CB  . ILE A 1 79  ? 5.338   -14.051 -4.675  1.00 46.69 ? 79  ILE X CB  1 
ATOM   623  C CG1 . ILE A 1 79  ? 5.658   -12.648 -5.196  1.00 46.74 ? 79  ILE X CG1 1 
ATOM   624  C CG2 . ILE A 1 79  ? 3.844   -14.319 -4.747  1.00 46.99 ? 79  ILE X CG2 1 
ATOM   625  C CD1 . ILE A 1 79  ? 5.264   -11.531 -4.249  1.00 46.71 ? 79  ILE X CD1 1 
ATOM   626  N N   . GLU A 1 80  ? 5.235   -16.510 -2.705  1.00 46.59 ? 80  GLU X N   1 
ATOM   627  C CA  . GLU A 1 80  ? 4.359   -17.586 -2.256  1.00 46.58 ? 80  GLU X CA  1 
ATOM   628  C C   . GLU A 1 80  ? 4.260   -17.617 -0.734  1.00 46.18 ? 80  GLU X C   1 
ATOM   629  O O   . GLU A 1 80  ? 3.281   -18.113 -0.178  1.00 46.01 ? 80  GLU X O   1 
ATOM   630  C CB  . GLU A 1 80  ? 4.872   -18.934 -2.763  1.00 47.07 ? 80  GLU X CB  1 
ATOM   631  C CG  . GLU A 1 80  ? 4.921   -19.050 -4.271  1.00 47.60 ? 80  GLU X CG  1 
ATOM   632  C CD  . GLU A 1 80  ? 3.542   -19.015 -4.903  1.00 48.34 ? 80  GLU X CD  1 
ATOM   633  O OE1 . GLU A 1 80  ? 3.402   -18.412 -5.992  1.00 48.41 ? 80  GLU X OE1 1 
ATOM   634  O OE2 . GLU A 1 80  ? 2.598   -19.592 -4.312  1.00 48.98 ? 80  GLU X OE2 1 
ATOM   635  N N   . ASP A 1 81  ? 5.279   -17.087 -0.067  1.00 45.96 ? 81  ASP X N   1 
ATOM   636  C CA  . ASP A 1 81  ? 5.310   -17.065 1.389   1.00 45.93 ? 81  ASP X CA  1 
ATOM   637  C C   . ASP A 1 81  ? 4.205   -16.179 1.948   1.00 45.67 ? 81  ASP X C   1 
ATOM   638  O O   . ASP A 1 81  ? 3.805   -16.328 3.101   1.00 45.33 ? 81  ASP X O   1 
ATOM   639  C CB  . ASP A 1 81  ? 6.661   -16.559 1.886   1.00 46.15 ? 81  ASP X CB  1 
ATOM   640  C CG  . ASP A 1 81  ? 7.818   -17.362 1.342   1.00 46.34 ? 81  ASP X CG  1 
ATOM   641  O OD1 . ASP A 1 81  ? 7.650   -18.584 1.124   1.00 46.73 ? 81  ASP X OD1 1 
ATOM   642  O OD2 . ASP A 1 81  ? 8.896   -16.771 1.133   1.00 46.42 ? 81  ASP X OD2 1 
ATOM   643  N N   . ILE A 1 82  ? 3.719   -15.252 1.129   1.00 45.65 ? 82  ILE X N   1 
ATOM   644  C CA  . ILE A 1 82  ? 2.647   -14.357 1.550   1.00 45.65 ? 82  ILE X CA  1 
ATOM   645  C C   . ILE A 1 82  ? 1.411   -15.164 1.952   1.00 45.54 ? 82  ILE X C   1 
ATOM   646  O O   . ILE A 1 82  ? 0.749   -14.846 2.935   1.00 45.67 ? 82  ILE X O   1 
ATOM   647  C CB  . ILE A 1 82  ? 2.289   -13.340 0.444   1.00 45.67 ? 82  ILE X CB  1 
ATOM   648  C CG1 . ILE A 1 82  ? 3.436   -12.343 0.255   1.00 45.62 ? 82  ILE X CG1 1 
ATOM   649  C CG2 . ILE A 1 82  ? 1.004   -12.593 0.791   1.00 45.58 ? 82  ILE X CG2 1 
ATOM   650  C CD1 . ILE A 1 82  ? 3.541   -11.771 -1.143  1.00 45.53 ? 82  ILE X CD1 1 
ATOM   651  N N   . TYR A 1 83  ? 1.122   -16.224 1.204   1.00 45.68 ? 83  TYR X N   1 
ATOM   652  C CA  . TYR A 1 83  ? -0.075  -17.038 1.437   1.00 45.77 ? 83  TYR X CA  1 
ATOM   653  C C   . TYR A 1 83  ? 0.052   -17.923 2.674   1.00 45.88 ? 83  TYR X C   1 
ATOM   654  O O   . TYR A 1 83  ? -0.923  -18.529 3.113   1.00 46.15 ? 83  TYR X O   1 
ATOM   655  C CB  . TYR A 1 83  ? -0.361  -17.909 0.211   1.00 45.69 ? 83  TYR X CB  1 
ATOM   656  C CG  . TYR A 1 83  ? -0.341  -17.127 -1.080  1.00 45.56 ? 83  TYR X CG  1 
ATOM   657  C CD1 . TYR A 1 83  ? -1.282  -16.140 -1.324  1.00 45.64 ? 83  TYR X CD1 1 
ATOM   658  C CD2 . TYR A 1 83  ? 0.630   -17.359 -2.042  1.00 45.51 ? 83  TYR X CD2 1 
ATOM   659  C CE1 . TYR A 1 83  ? -1.268  -15.409 -2.497  1.00 45.78 ? 83  TYR X CE1 1 
ATOM   660  C CE2 . TYR A 1 83  ? 0.656   -16.634 -3.219  1.00 45.74 ? 83  TYR X CE2 1 
ATOM   661  C CZ  . TYR A 1 83  ? -0.298  -15.658 -3.441  1.00 45.68 ? 83  TYR X CZ  1 
ATOM   662  O OH  . TYR A 1 83  ? -0.286  -14.930 -4.607  1.00 45.61 ? 83  TYR X OH  1 
ATOM   663  N N   . GLN A 1 84  ? 1.256   -17.994 3.231   1.00 45.83 ? 84  GLN X N   1 
ATOM   664  C CA  . GLN A 1 84  ? 1.474   -18.690 4.494   1.00 45.86 ? 84  GLN X CA  1 
ATOM   665  C C   . GLN A 1 84  ? 1.064   -17.830 5.686   1.00 45.57 ? 84  GLN X C   1 
ATOM   666  O O   . GLN A 1 84  ? 0.688   -18.352 6.729   1.00 45.91 ? 84  GLN X O   1 
ATOM   667  C CB  . GLN A 1 84  ? 2.948   -19.083 4.635   1.00 46.41 ? 84  GLN X CB  1 
ATOM   668  C CG  . GLN A 1 84  ? 3.308   -20.381 3.945   1.00 46.73 ? 84  GLN X CG  1 
ATOM   669  C CD  . GLN A 1 84  ? 2.351   -20.724 2.826   1.00 46.94 ? 84  GLN X CD  1 
ATOM   670  O OE1 . GLN A 1 84  ? 1.293   -21.313 3.054   1.00 47.03 ? 84  GLN X OE1 1 
ATOM   671  N NE2 . GLN A 1 84  ? 2.717   -20.358 1.601   1.00 47.32 ? 84  GLN X NE2 1 
ATOM   672  N N   . LEU A 1 85  ? 1.147   -16.514 5.531   1.00 45.06 ? 85  LEU X N   1 
ATOM   673  C CA  . LEU A 1 85  ? 0.939   -15.605 6.656   1.00 44.69 ? 85  LEU X CA  1 
ATOM   674  C C   . LEU A 1 85  ? -0.500  -15.680 7.152   1.00 44.24 ? 85  LEU X C   1 
ATOM   675  O O   . LEU A 1 85  ? -1.435  -15.668 6.357   1.00 44.34 ? 85  LEU X O   1 
ATOM   676  C CB  . LEU A 1 85  ? 1.273   -14.167 6.254   1.00 44.71 ? 85  LEU X CB  1 
ATOM   677  C CG  . LEU A 1 85  ? 2.630   -13.976 5.577   1.00 44.70 ? 85  LEU X CG  1 
ATOM   678  C CD1 . LEU A 1 85  ? 2.775   -12.542 5.082   1.00 44.74 ? 85  LEU X CD1 1 
ATOM   679  C CD2 . LEU A 1 85  ? 3.749   -14.339 6.533   1.00 44.39 ? 85  LEU X CD2 1 
ATOM   680  N N   . PRO A 1 86  ? -0.678  -15.773 8.476   1.00 43.79 ? 86  PRO X N   1 
ATOM   681  C CA  . PRO A 1 86  ? -1.998  -15.725 9.098   1.00 43.27 ? 86  PRO X CA  1 
ATOM   682  C C   . PRO A 1 86  ? -2.553  -14.309 9.217   1.00 42.62 ? 86  PRO X C   1 
ATOM   683  O O   . PRO A 1 86  ? -1.787  -13.345 9.295   1.00 42.65 ? 86  PRO X O   1 
ATOM   684  C CB  . PRO A 1 86  ? -1.746  -16.318 10.486  1.00 43.52 ? 86  PRO X CB  1 
ATOM   685  C CG  . PRO A 1 86  ? -0.328  -15.992 10.783  1.00 43.49 ? 86  PRO X CG  1 
ATOM   686  C CD  . PRO A 1 86  ? 0.397   -15.966 9.464   1.00 43.65 ? 86  PRO X CD  1 
ATOM   687  N N   . GLY A 1 87  ? -3.878  -14.192 9.228   1.00 41.76 ? 87  GLY X N   1 
ATOM   688  C CA  . GLY A 1 87  ? -4.538  -12.952 9.626   1.00 41.15 ? 87  GLY X CA  1 
ATOM   689  C C   . GLY A 1 87  ? -4.857  -12.090 8.420   1.00 40.53 ? 87  GLY X C   1 
ATOM   690  O O   . GLY A 1 87  ? -4.805  -12.561 7.284   1.00 40.10 ? 87  GLY X O   1 
ATOM   691  N N   . HIS A 1 88  ? -5.182  -10.824 8.661   1.00 39.94 ? 88  HIS X N   1 
ATOM   692  C CA  . HIS A 1 88  ? -5.363  -9.879  7.564   1.00 39.42 ? 88  HIS X CA  1 
ATOM   693  C C   . HIS A 1 88  ? -4.013  -9.370  7.089   1.00 38.92 ? 88  HIS X C   1 
ATOM   694  O O   . HIS A 1 88  ? -3.280  -8.715  7.836   1.00 38.78 ? 88  HIS X O   1 
ATOM   695  C CB  . HIS A 1 88  ? -6.254  -8.708  7.983   1.00 39.42 ? 88  HIS X CB  1 
ATOM   696  C CG  . HIS A 1 88  ? -6.904  -8.007  6.829   1.00 39.56 ? 88  HIS X CG  1 
ATOM   697  N ND1 . HIS A 1 88  ? -7.743  -6.926  6.990   1.00 39.55 ? 88  HIS X ND1 1 
ATOM   698  C CD2 . HIS A 1 88  ? -6.837  -8.234  5.496   1.00 39.74 ? 88  HIS X CD2 1 
ATOM   699  C CE1 . HIS A 1 88  ? -8.164  -6.518  5.806   1.00 39.86 ? 88  HIS X CE1 1 
ATOM   700  N NE2 . HIS A 1 88  ? -7.628  -7.295  4.882   1.00 39.66 ? 88  HIS X NE2 1 
ATOM   701  N N   . VAL A 1 89  ? -3.689  -9.690  5.841   1.00 38.29 ? 89  VAL X N   1 
ATOM   702  C CA  . VAL A 1 89  ? -2.424  -9.286  5.241   1.00 37.68 ? 89  VAL X CA  1 
ATOM   703  C C   . VAL A 1 89  ? -2.655  -8.121  4.288   1.00 36.97 ? 89  VAL X C   1 
ATOM   704  O O   . VAL A 1 89  ? -3.426  -8.235  3.337   1.00 36.96 ? 89  VAL X O   1 
ATOM   705  C CB  . VAL A 1 89  ? -1.782  -10.454 4.472   1.00 37.96 ? 89  VAL X CB  1 
ATOM   706  C CG1 . VAL A 1 89  ? -0.570  -9.978  3.680   1.00 38.06 ? 89  VAL X CG1 1 
ATOM   707  C CG2 . VAL A 1 89  ? -1.391  -11.567 5.439   1.00 38.18 ? 89  VAL X CG2 1 
ATOM   708  N N   . PHE A 1 90  ? -1.988  -7.000  4.554   1.00 36.23 ? 90  PHE X N   1 
ATOM   709  C CA  . PHE A 1 90  ? -1.997  -5.856  3.635   1.00 35.51 ? 90  PHE X CA  1 
ATOM   710  C C   . PHE A 1 90  ? -0.717  -5.782  2.795   1.00 34.70 ? 90  PHE X C   1 
ATOM   711  O O   . PHE A 1 90  ? 0.389   -5.734  3.335   1.00 34.04 ? 90  PHE X O   1 
ATOM   712  C CB  . PHE A 1 90  ? -2.196  -4.558  4.422   1.00 35.36 ? 90  PHE X CB  1 
ATOM   713  C CG  . PHE A 1 90  ? -3.530  -4.473  5.114   1.00 35.48 ? 90  PHE X CG  1 
ATOM   714  C CD1 . PHE A 1 90  ? -4.637  -3.971  4.455   1.00 35.46 ? 90  PHE X CD1 1 
ATOM   715  C CD2 . PHE A 1 90  ? -3.679  -4.916  6.420   1.00 35.64 ? 90  PHE X CD2 1 
ATOM   716  C CE1 . PHE A 1 90  ? -5.863  -3.898  5.089   1.00 35.54 ? 90  PHE X CE1 1 
ATOM   717  C CE2 . PHE A 1 90  ? -4.901  -4.847  7.057   1.00 35.41 ? 90  PHE X CE2 1 
ATOM   718  C CZ  . PHE A 1 90  ? -5.994  -4.340  6.392   1.00 35.61 ? 90  PHE X CZ  1 
ATOM   719  N N   . ILE A 1 91  ? -0.881  -5.778  1.473   1.00 33.97 ? 91  ILE X N   1 
ATOM   720  C CA  . ILE A 1 91  ? 0.209   -5.431  0.552   1.00 33.50 ? 91  ILE X CA  1 
ATOM   721  C C   . ILE A 1 91  ? 0.471   -3.926  0.507   1.00 32.82 ? 91  ILE X C   1 
ATOM   722  O O   . ILE A 1 91  ? -0.371  -3.146  0.074   1.00 32.72 ? 91  ILE X O   1 
ATOM   723  C CB  . ILE A 1 91  ? -0.085  -5.917  -0.881  1.00 33.61 ? 91  ILE X CB  1 
ATOM   724  C CG1 . ILE A 1 91  ? -0.593  -7.366  -0.868  1.00 33.68 ? 91  ILE X CG1 1 
ATOM   725  C CG2 . ILE A 1 91  ? 1.162   -5.784  -1.758  1.00 33.47 ? 91  ILE X CG2 1 
ATOM   726  C CD1 . ILE A 1 91  ? 0.361   -8.360  -0.206  1.00 33.80 ? 91  ILE X CD1 1 
ATOM   727  N N   . PHE A 1 92  ? 1.657   -3.533  0.955   1.00 32.31 ? 92  PHE X N   1 
ATOM   728  C CA  . PHE A 1 92  ? 1.899   -2.195  1.475   1.00 32.20 ? 92  PHE X CA  1 
ATOM   729  C C   . PHE A 1 92  ? 2.694   -1.387  0.447   1.00 31.86 ? 92  PHE X C   1 
ATOM   730  O O   . PHE A 1 92  ? 2.907   -0.181  0.606   1.00 31.51 ? 92  PHE X O   1 
ATOM   731  C CB  . PHE A 1 92  ? 2.681   -2.297  2.787   1.00 32.01 ? 92  PHE X CB  1 
ATOM   732  C CG  . PHE A 1 92  ? 2.692   -1.032  3.606   1.00 31.94 ? 92  PHE X CG  1 
ATOM   733  C CD1 . PHE A 1 92  ? 3.892   -0.470  4.011   1.00 31.94 ? 92  PHE X CD1 1 
ATOM   734  C CD2 . PHE A 1 92  ? 1.508   -0.419  3.988   1.00 31.82 ? 92  PHE X CD2 1 
ATOM   735  C CE1 . PHE A 1 92  ? 3.913   0.692   4.785   1.00 32.01 ? 92  PHE X CE1 1 
ATOM   736  C CE2 . PHE A 1 92  ? 1.520   0.743   4.760   1.00 31.94 ? 92  PHE X CE2 1 
ATOM   737  C CZ  . PHE A 1 92  ? 2.721   1.296   5.159   1.00 31.77 ? 92  PHE X CZ  1 
ATOM   738  N N   . GLY A 1 93  ? 3.124   -2.067  -0.609  1.00 31.74 ? 93  GLY X N   1 
ATOM   739  C CA  . GLY A 1 93  ? 3.977   -1.461  -1.624  1.00 32.18 ? 93  GLY X CA  1 
ATOM   740  C C   . GLY A 1 93  ? 5.298   -2.191  -1.788  1.00 32.25 ? 93  GLY X C   1 
ATOM   741  O O   . GLY A 1 93  ? 5.628   -3.080  -1.001  1.00 32.53 ? 93  GLY X O   1 
ATOM   742  N N   . GLY A 1 94  ? 6.062   -1.815  -2.810  1.00 32.26 ? 94  GLY X N   1 
ATOM   743  C CA  . GLY A 1 94  ? 5.643   -0.791  -3.759  1.00 32.01 ? 94  GLY X CA  1 
ATOM   744  C C   . GLY A 1 94  ? 5.315   -1.390  -5.111  1.00 31.94 ? 94  GLY X C   1 
ATOM   745  O O   . GLY A 1 94  ? 4.642   -2.422  -5.202  1.00 31.90 ? 94  GLY X O   1 
ATOM   746  N N   . GLN A 1 95  ? 5.785   -0.745  -6.172  1.00 31.91 ? 95  GLN X N   1 
ATOM   747  C CA  . GLN A 1 95  ? 5.257   -1.022  -7.500  1.00 31.93 ? 95  GLN X CA  1 
ATOM   748  C C   . GLN A 1 95  ? 5.387   -2.499  -7.848  1.00 31.95 ? 95  GLN X C   1 
ATOM   749  O O   . GLN A 1 95  ? 4.465   -3.092  -8.410  1.00 31.88 ? 95  GLN X O   1 
ATOM   750  C CB  . GLN A 1 95  ? 5.965   -0.191  -8.569  1.00 31.83 ? 95  GLN X CB  1 
ATOM   751  C CG  . GLN A 1 95  ? 5.775   -0.776  -9.956  1.00 31.92 ? 95  GLN X CG  1 
ATOM   752  C CD  . GLN A 1 95  ? 6.235   0.144   -11.061 1.00 32.02 ? 95  GLN X CD  1 
ATOM   753  O OE1 . GLN A 1 95  ? 6.484   1.328   -10.841 1.00 32.29 ? 95  GLN X OE1 1 
ATOM   754  N NE2 . GLN A 1 95  ? 6.346   -0.399  -12.264 1.00 32.05 ? 95  GLN X NE2 1 
ATOM   755  N N   . THR A 1 96  ? 6.538   -3.094  -7.538  1.00 31.95 ? 96  THR X N   1 
ATOM   756  C CA  . THR A 1 96  ? 6.770   -4.493  -7.890  1.00 32.09 ? 96  THR X CA  1 
ATOM   757  C C   . THR A 1 96  ? 5.779   -5.412  -7.180  1.00 32.05 ? 96  THR X C   1 
ATOM   758  O O   . THR A 1 96  ? 5.248   -6.344  -7.780  1.00 31.82 ? 96  THR X O   1 
ATOM   759  C CB  . THR A 1 96  ? 8.215   -4.953  -7.556  1.00 32.22 ? 96  THR X CB  1 
ATOM   760  O OG1 . THR A 1 96  ? 8.427   -4.927  -6.135  1.00 31.95 ? 96  THR X OG1 1 
ATOM   761  C CG2 . THR A 1 96  ? 9.240   -4.061  -8.256  1.00 31.70 ? 96  THR X CG2 1 
ATOM   762  N N   . LEU A 1 97  ? 5.531   -5.145  -5.903  1.00 32.13 ? 97  LEU X N   1 
ATOM   763  C CA  . LEU A 1 97  ? 4.572   -5.930  -5.125  1.00 32.42 ? 97  LEU X CA  1 
ATOM   764  C C   . LEU A 1 97  ? 3.154   -5.808  -5.684  1.00 32.59 ? 97  LEU X C   1 
ATOM   765  O O   . LEU A 1 97  ? 2.451   -6.810  -5.855  1.00 32.89 ? 97  LEU X O   1 
ATOM   766  C CB  . LEU A 1 97  ? 4.580   -5.477  -3.665  1.00 32.47 ? 97  LEU X CB  1 
ATOM   767  C CG  . LEU A 1 97  ? 5.395   -6.328  -2.698  1.00 32.50 ? 97  LEU X CG  1 
ATOM   768  C CD1 . LEU A 1 97  ? 4.880   -7.757  -2.695  1.00 32.62 ? 97  LEU X CD1 1 
ATOM   769  C CD2 . LEU A 1 97  ? 6.874   -6.272  -3.068  1.00 32.80 ? 97  LEU X CD2 1 
ATOM   770  N N   . TYR A 1 98  ? 2.739   -4.576  -5.956  1.00 32.54 ? 98  TYR X N   1 
ATOM   771  C CA  . TYR A 1 98  ? 1.405   -4.316  -6.474  1.00 32.59 ? 98  TYR X CA  1 
ATOM   772  C C   . TYR A 1 98  ? 1.203   -5.085  -7.773  1.00 33.06 ? 98  TYR X C   1 
ATOM   773  O O   . TYR A 1 98  ? 0.156   -5.697  -7.995  1.00 33.15 ? 98  TYR X O   1 
ATOM   774  C CB  . TYR A 1 98  ? 1.208   -2.814  -6.707  1.00 31.57 ? 98  TYR X CB  1 
ATOM   775  C CG  . TYR A 1 98  ? 1.156   -1.979  -5.437  1.00 31.46 ? 98  TYR X CG  1 
ATOM   776  C CD1 . TYR A 1 98  ? 0.484   -2.430  -4.300  1.00 31.34 ? 98  TYR X CD1 1 
ATOM   777  C CD2 . TYR A 1 98  ? 1.779   -0.737  -5.377  1.00 31.26 ? 98  TYR X CD2 1 
ATOM   778  C CE1 . TYR A 1 98  ? 0.431   -1.663  -3.142  1.00 31.05 ? 98  TYR X CE1 1 
ATOM   779  C CE2 . TYR A 1 98  ? 1.740   0.029   -4.230  1.00 31.24 ? 98  TYR X CE2 1 
ATOM   780  C CZ  . TYR A 1 98  ? 1.061   -0.435  -3.115  1.00 31.33 ? 98  TYR X CZ  1 
ATOM   781  O OH  . TYR A 1 98  ? 1.022   0.347   -1.983  1.00 31.11 ? 98  TYR X OH  1 
ATOM   782  N N   . GLU A 1 99  ? 2.216   -5.067  -8.632  1.00 33.76 ? 99  GLU X N   1 
ATOM   783  C CA  . GLU A 1 99  ? 2.119   -5.748  -9.913  1.00 34.17 ? 99  GLU X CA  1 
ATOM   784  C C   . GLU A 1 99  ? 2.021   -7.252  -9.708  1.00 34.76 ? 99  GLU X C   1 
ATOM   785  O O   . GLU A 1 99  ? 1.328   -7.942  -10.451 1.00 35.43 ? 99  GLU X O   1 
ATOM   786  C CB  . GLU A 1 99  ? 3.316   -5.402  -10.795 1.00 34.00 ? 99  GLU X CB  1 
ATOM   787  C CG  . GLU A 1 99  ? 3.345   -3.944  -11.219 1.00 34.10 ? 99  GLU X CG  1 
ATOM   788  C CD  . GLU A 1 99  ? 4.560   -3.594  -12.047 1.00 34.15 ? 99  GLU X CD  1 
ATOM   789  O OE1 . GLU A 1 99  ? 4.613   -2.461  -12.579 1.00 33.96 ? 99  GLU X OE1 1 
ATOM   790  O OE2 . GLU A 1 99  ? 5.466   -4.448  -12.161 1.00 34.31 ? 99  GLU X OE2 1 
ATOM   791  N N   . GLU A 1 100 ? 2.708   -7.756  -8.692  1.00 35.27 ? 100 GLU X N   1 
ATOM   792  C CA  . GLU A 1 100 ? 2.789   -9.192  -8.473  1.00 35.82 ? 100 GLU X CA  1 
ATOM   793  C C   . GLU A 1 100 ? 1.515   -9.708  -7.800  1.00 36.23 ? 100 GLU X C   1 
ATOM   794  O O   . GLU A 1 100 ? 1.150   -10.865 -7.966  1.00 36.15 ? 100 GLU X O   1 
ATOM   795  C CB  . GLU A 1 100 ? 4.029   -9.535  -7.642  1.00 35.99 ? 100 GLU X CB  1 
ATOM   796  C CG  . GLU A 1 100 ? 5.318   -8.973  -8.227  1.00 36.42 ? 100 GLU X CG  1 
ATOM   797  C CD  . GLU A 1 100 ? 6.562   -9.372  -7.456  1.00 36.40 ? 100 GLU X CD  1 
ATOM   798  O OE1 . GLU A 1 100 ? 7.164   -10.401 -7.804  1.00 37.20 ? 100 GLU X OE1 1 
ATOM   799  O OE2 . GLU A 1 100 ? 6.952   -8.653  -6.514  1.00 36.83 ? 100 GLU X OE2 1 
ATOM   800  N N   . MET A 1 101 ? 0.831   -8.839  -7.060  1.00 36.76 ? 101 MET X N   1 
ATOM   801  C CA  . MET A 1 101 ? -0.199  -9.281  -6.124  1.00 37.02 ? 101 MET X CA  1 
ATOM   802  C C   . MET A 1 101 ? -1.602  -8.891  -6.591  1.00 37.23 ? 101 MET X C   1 
ATOM   803  O O   . MET A 1 101 ? -2.598  -9.420  -6.094  1.00 36.89 ? 101 MET X O   1 
ATOM   804  C CB  . MET A 1 101 ? 0.064   -8.690  -4.736  1.00 37.40 ? 101 MET X CB  1 
ATOM   805  C CG  . MET A 1 101 ? 1.181   -9.387  -3.970  1.00 37.69 ? 101 MET X CG  1 
ATOM   806  S SD  . MET A 1 101 ? 1.032   -11.188 -3.972  1.00 37.94 ? 101 MET X SD  1 
ATOM   807  C CE  . MET A 1 101 ? -0.281  -11.431 -2.774  1.00 37.31 ? 101 MET X CE  1 
ATOM   808  N N   . ILE A 1 102 ? -1.674  -7.966  -7.542  1.00 37.36 ? 102 ILE X N   1 
ATOM   809  C CA  . ILE A 1 102 ? -2.928  -7.283  -7.858  1.00 37.49 ? 102 ILE X CA  1 
ATOM   810  C C   . ILE A 1 102 ? -3.999  -8.247  -8.383  1.00 37.49 ? 102 ILE X C   1 
ATOM   811  O O   . ILE A 1 102 ? -5.195  -8.004  -8.221  1.00 37.33 ? 102 ILE X O   1 
ATOM   812  C CB  . ILE A 1 102 ? -2.701  -6.170  -8.901  1.00 37.86 ? 102 ILE X CB  1 
ATOM   813  C CG1 . ILE A 1 102 ? -3.798  -5.103  -8.794  1.00 38.27 ? 102 ILE X CG1 1 
ATOM   814  C CG2 . ILE A 1 102 ? -2.640  -6.757  -10.300 1.00 37.48 ? 102 ILE X CG2 1 
ATOM   815  C CD1 . ILE A 1 102 ? -5.147  -5.551  -9.299  1.00 38.35 ? 102 ILE X CD1 1 
ATOM   816  N N   . ASP A 1 103 ? -3.568  -9.338  -9.012  1.00 37.26 ? 103 ASP X N   1 
ATOM   817  C CA  . ASP A 1 103 ? -4.500  -10.345 -9.513  1.00 37.32 ? 103 ASP X CA  1 
ATOM   818  C C   . ASP A 1 103 ? -4.835  -11.394 -8.456  1.00 36.79 ? 103 ASP X C   1 
ATOM   819  O O   . ASP A 1 103 ? -5.533  -12.360 -8.749  1.00 36.70 ? 103 ASP X O   1 
ATOM   820  C CB  . ASP A 1 103 ? -3.923  -11.048 -10.745 1.00 37.80 ? 103 ASP X CB  1 
ATOM   821  C CG  . ASP A 1 103 ? -3.870  -10.148 -11.965 1.00 38.38 ? 103 ASP X CG  1 
ATOM   822  O OD1 . ASP A 1 103 ? -3.208  -10.537 -12.950 1.00 39.18 ? 103 ASP X OD1 1 
ATOM   823  O OD2 . ASP A 1 103 ? -4.485  -9.059  -11.948 1.00 38.70 ? 103 ASP X OD2 1 
ATOM   824  N N   . LYS A 1 104 ? -4.336  -11.208 -7.237  1.00 36.45 ? 104 LYS X N   1 
ATOM   825  C CA  . LYS A 1 104 ? -4.391  -12.254 -6.217  1.00 36.57 ? 104 LYS X CA  1 
ATOM   826  C C   . LYS A 1 104 ? -5.168  -11.795 -4.986  1.00 36.39 ? 104 LYS X C   1 
ATOM   827  O O   . LYS A 1 104 ? -5.775  -12.601 -4.279  1.00 36.43 ? 104 LYS X O   1 
ATOM   828  C CB  . LYS A 1 104 ? -2.977  -12.672 -5.794  1.00 37.22 ? 104 LYS X CB  1 
ATOM   829  C CG  . LYS A 1 104 ? -2.031  -12.979 -6.952  1.00 37.46 ? 104 LYS X CG  1 
ATOM   830  C CD  . LYS A 1 104 ? -2.418  -14.260 -7.667  1.00 37.57 ? 104 LYS X CD  1 
ATOM   831  C CE  . LYS A 1 104 ? -1.471  -14.550 -8.828  1.00 37.87 ? 104 LYS X CE  1 
ATOM   832  N NZ  . LYS A 1 104 ? -1.970  -15.658 -9.712  1.00 37.98 ? 104 LYS X NZ  1 
ATOM   833  N N   . VAL A 1 105 ? -5.139  -10.493 -4.721  1.00 36.24 ? 105 VAL X N   1 
ATOM   834  C CA  . VAL A 1 105 ? -5.756  -9.954  -3.517  1.00 35.72 ? 105 VAL X CA  1 
ATOM   835  C C   . VAL A 1 105 ? -7.284  -10.050 -3.592  1.00 35.48 ? 105 VAL X C   1 
ATOM   836  O O   . VAL A 1 105 ? -7.869  -10.073 -4.676  1.00 35.27 ? 105 VAL X O   1 
ATOM   837  C CB  . VAL A 1 105 ? -5.343  -8.489  -3.288  1.00 35.66 ? 105 VAL X CB  1 
ATOM   838  C CG1 . VAL A 1 105 ? -3.840  -8.391  -3.039  1.00 35.55 ? 105 VAL X CG1 1 
ATOM   839  C CG2 . VAL A 1 105 ? -5.752  -7.631  -4.473  1.00 35.48 ? 105 VAL X CG2 1 
ATOM   840  N N   . ASP A 1 106 ? -7.923  -10.107 -2.430  1.00 35.15 ? 106 ASP X N   1 
ATOM   841  C CA  . ASP A 1 106 ? -9.370  -10.156 -2.364  1.00 35.07 ? 106 ASP X CA  1 
ATOM   842  C C   . ASP A 1 106 ? -9.960  -8.766  -2.588  1.00 34.91 ? 106 ASP X C   1 
ATOM   843  O O   . ASP A 1 106 ? -10.967 -8.608  -3.283  1.00 35.19 ? 106 ASP X O   1 
ATOM   844  C CB  . ASP A 1 106 ? -9.808  -10.709 -1.009  1.00 35.75 ? 106 ASP X CB  1 
ATOM   845  C CG  . ASP A 1 106 ? -8.931  -11.854 -0.539  1.00 35.90 ? 106 ASP X CG  1 
ATOM   846  O OD1 . ASP A 1 106 ? -8.794  -12.848 -1.277  1.00 36.48 ? 106 ASP X OD1 1 
ATOM   847  O OD2 . ASP A 1 106 ? -8.368  -11.760 0.565   1.00 36.38 ? 106 ASP X OD2 1 
ATOM   848  N N   . ASP A 1 107 ? -9.318  -7.758  -2.008  1.00 34.04 ? 107 ASP X N   1 
ATOM   849  C CA  . ASP A 1 107 ? -9.784  -6.389  -2.150  1.00 33.39 ? 107 ASP X CA  1 
ATOM   850  C C   . ASP A 1 107 ? -8.624  -5.388  -2.115  1.00 32.98 ? 107 ASP X C   1 
ATOM   851  O O   . ASP A 1 107 ? -7.473  -5.754  -1.865  1.00 32.95 ? 107 ASP X O   1 
ATOM   852  C CB  . ASP A 1 107 ? -10.803 -6.062  -1.058  1.00 33.19 ? 107 ASP X CB  1 
ATOM   853  C CG  . ASP A 1 107 ? -10.266 -6.300  0.333   1.00 33.16 ? 107 ASP X CG  1 
ATOM   854  O OD1 . ASP A 1 107 ? -10.906 -5.841  1.301   1.00 34.09 ? 107 ASP X OD1 1 
ATOM   855  O OD2 . ASP A 1 107 ? -9.208  -6.943  0.469   1.00 32.67 ? 107 ASP X OD2 1 
ATOM   856  N N   . MET A 1 108 ? -8.939  -4.126  -2.387  1.00 31.99 ? 108 MET X N   1 
ATOM   857  C CA  . MET A 1 108 ? -7.948  -3.059  -2.355  1.00 31.46 ? 108 MET X CA  1 
ATOM   858  C C   . MET A 1 108 ? -8.535  -1.884  -1.584  1.00 30.92 ? 108 MET X C   1 
ATOM   859  O O   . MET A 1 108 ? -9.679  -1.479  -1.826  1.00 30.09 ? 108 MET X O   1 
ATOM   860  C CB  . MET A 1 108 ? -7.557  -2.636  -3.783  1.00 31.04 ? 108 MET X CB  1 
ATOM   861  C CG  . MET A 1 108 ? -7.343  -3.810  -4.749  1.00 31.04 ? 108 MET X CG  1 
ATOM   862  S SD  . MET A 1 108 ? -6.387  -3.424  -6.252  1.00 31.27 ? 108 MET X SD  1 
ATOM   863  C CE  . MET A 1 108 ? -7.627  -2.646  -7.285  1.00 30.01 ? 108 MET X CE  1 
ATOM   864  N N   . TYR A 1 109 ? -7.757  -1.352  -0.646  1.00 30.55 ? 109 TYR X N   1 
ATOM   865  C CA  . TYR A 1 109 ? -8.022  -0.030  -0.091  1.00 30.45 ? 109 TYR X CA  1 
ATOM   866  C C   . TYR A 1 109 ? -7.138  1.028   -0.751  1.00 29.97 ? 109 TYR X C   1 
ATOM   867  O O   . TYR A 1 109 ? -5.924  1.055   -0.558  1.00 29.29 ? 109 TYR X O   1 
ATOM   868  C CB  . TYR A 1 109 ? -7.795  -0.029  1.425   1.00 30.57 ? 109 TYR X CB  1 
ATOM   869  C CG  . TYR A 1 109 ? -8.686  -0.989  2.193   1.00 30.70 ? 109 TYR X CG  1 
ATOM   870  C CD1 . TYR A 1 109 ? -8.371  -2.335  2.290   1.00 30.73 ? 109 TYR X CD1 1 
ATOM   871  C CD2 . TYR A 1 109 ? -9.842  -0.541  2.826   1.00 30.79 ? 109 TYR X CD2 1 
ATOM   872  C CE1 . TYR A 1 109 ? -9.180  -3.209  2.989   1.00 30.57 ? 109 TYR X CE1 1 
ATOM   873  C CE2 . TYR A 1 109 ? -10.652 -1.408  3.527   1.00 30.63 ? 109 TYR X CE2 1 
ATOM   874  C CZ  . TYR A 1 109 ? -10.318 -2.737  3.607   1.00 30.63 ? 109 TYR X CZ  1 
ATOM   875  O OH  . TYR A 1 109 ? -11.129 -3.598  4.310   1.00 30.61 ? 109 TYR X OH  1 
ATOM   876  N N   . ILE A 1 110 ? -7.764  1.903   -1.526  1.00 30.21 ? 110 ILE X N   1 
ATOM   877  C CA  . ILE A 1 110 ? -7.043  2.854   -2.359  1.00 30.36 ? 110 ILE X CA  1 
ATOM   878  C C   . ILE A 1 110 ? -7.393  4.270   -1.927  1.00 30.45 ? 110 ILE X C   1 
ATOM   879  O O   . ILE A 1 110 ? -8.570  4.605   -1.779  1.00 30.76 ? 110 ILE X O   1 
ATOM   880  C CB  . ILE A 1 110 ? -7.416  2.689   -3.845  1.00 30.33 ? 110 ILE X CB  1 
ATOM   881  C CG1 . ILE A 1 110 ? -7.089  1.273   -4.318  1.00 30.20 ? 110 ILE X CG1 1 
ATOM   882  C CG2 . ILE A 1 110 ? -6.692  3.737   -4.701  1.00 30.16 ? 110 ILE X CG2 1 
ATOM   883  C CD1 . ILE A 1 110 ? -7.177  1.093   -5.838  1.00 30.30 ? 110 ILE X CD1 1 
ATOM   884  N N   . THR A 1 111 ? -6.372  5.093   -1.715  1.00 30.20 ? 111 THR X N   1 
ATOM   885  C CA  . THR A 1 111 ? -6.558  6.535   -1.697  1.00 30.45 ? 111 THR X CA  1 
ATOM   886  C C   . THR A 1 111 ? -6.234  7.111   -3.075  1.00 30.61 ? 111 THR X C   1 
ATOM   887  O O   . THR A 1 111 ? -5.080  7.118   -3.507  1.00 30.73 ? 111 THR X O   1 
ATOM   888  C CB  . THR A 1 111 ? -5.680  7.212   -0.618  1.00 30.39 ? 111 THR X CB  1 
ATOM   889  O OG1 . THR A 1 111 ? -5.818  6.513   0.626   1.00 30.58 ? 111 THR X OG1 1 
ATOM   890  C CG2 . THR A 1 111 ? -6.089  8.665   -0.417  1.00 30.13 ? 111 THR X CG2 1 
ATOM   891  N N   . VAL A 1 112 ? -7.265  7.577   -3.769  1.00 30.63 ? 112 VAL X N   1 
ATOM   892  C CA  . VAL A 1 112 ? -7.077  8.331   -4.998  1.00 30.87 ? 112 VAL X CA  1 
ATOM   893  C C   . VAL A 1 112 ? -6.758  9.785   -4.679  1.00 31.03 ? 112 VAL X C   1 
ATOM   894  O O   . VAL A 1 112 ? -7.576  10.518  -4.113  1.00 30.66 ? 112 VAL X O   1 
ATOM   895  C CB  . VAL A 1 112 ? -8.323  8.262   -5.913  1.00 30.67 ? 112 VAL X CB  1 
ATOM   896  C CG1 . VAL A 1 112 ? -7.993  8.799   -7.299  1.00 30.32 ? 112 VAL X CG1 1 
ATOM   897  C CG2 . VAL A 1 112 ? -8.839  6.839   -6.000  1.00 30.60 ? 112 VAL X CG2 1 
ATOM   898  N N   . ILE A 1 113 ? -5.547  10.189  -5.032  1.00 31.72 ? 113 ILE X N   1 
ATOM   899  C CA  . ILE A 1 113 ? -5.135  11.573  -4.889  1.00 31.98 ? 113 ILE X CA  1 
ATOM   900  C C   . ILE A 1 113 ? -5.521  12.327  -6.149  1.00 32.13 ? 113 ILE X C   1 
ATOM   901  O O   . ILE A 1 113 ? -5.004  12.056  -7.230  1.00 31.78 ? 113 ILE X O   1 
ATOM   902  C CB  . ILE A 1 113 ? -3.610  11.686  -4.666  1.00 32.23 ? 113 ILE X CB  1 
ATOM   903  C CG1 . ILE A 1 113 ? -3.117  10.575  -3.728  1.00 32.28 ? 113 ILE X CG1 1 
ATOM   904  C CG2 . ILE A 1 113 ? -3.257  13.049  -4.105  1.00 32.10 ? 113 ILE X CG2 1 
ATOM   905  C CD1 . ILE A 1 113 ? -3.401  10.837  -2.269  1.00 32.14 ? 113 ILE X CD1 1 
ATOM   906  N N   . GLU A 1 114 ? -6.447  13.267  -6.003  1.00 32.66 ? 114 GLU X N   1 
ATOM   907  C CA  . GLU A 1 114 ? -7.000  13.979  -7.137  1.00 33.00 ? 114 GLU X CA  1 
ATOM   908  C C   . GLU A 1 114 ? -6.042  15.092  -7.575  1.00 32.88 ? 114 GLU X C   1 
ATOM   909  O O   . GLU A 1 114 ? -6.411  16.261  -7.639  1.00 32.85 ? 114 GLU X O   1 
ATOM   910  C CB  . GLU A 1 114 ? -8.381  14.540  -6.775  1.00 33.69 ? 114 GLU X CB  1 
ATOM   911  C CG  . GLU A 1 114 ? -9.248  13.582  -5.948  1.00 34.14 ? 114 GLU X CG  1 
ATOM   912  C CD  . GLU A 1 114 ? -9.900  12.488  -6.787  1.00 34.98 ? 114 GLU X CD  1 
ATOM   913  O OE1 . GLU A 1 114 ? -9.852  12.581  -8.034  1.00 35.14 ? 114 GLU X OE1 1 
ATOM   914  O OE2 . GLU A 1 114 ? -10.464 11.531  -6.198  1.00 35.66 ? 114 GLU X OE2 1 
ATOM   915  N N   . GLY A 1 115 ? -4.805  14.710  -7.878  1.00 32.74 ? 115 GLY X N   1 
ATOM   916  C CA  . GLY A 1 115 ? -3.841  15.618  -8.497  1.00 32.86 ? 115 GLY X CA  1 
ATOM   917  C C   . GLY A 1 115 ? -2.988  14.908  -9.533  1.00 32.90 ? 115 GLY X C   1 
ATOM   918  O O   . GLY A 1 115 ? -3.050  13.686  -9.666  1.00 32.51 ? 115 GLY X O   1 
ATOM   919  N N   . LYS A 1 116 ? -2.195  15.668  -10.281 1.00 32.89 ? 116 LYS X N   1 
ATOM   920  C CA  . LYS A 1 116 ? -1.186  15.061  -11.149 1.00 33.05 ? 116 LYS X CA  1 
ATOM   921  C C   . LYS A 1 116 ? 0.216   15.416  -10.666 1.00 32.54 ? 116 LYS X C   1 
ATOM   922  O O   . LYS A 1 116 ? 0.595   16.584  -10.638 1.00 32.56 ? 116 LYS X O   1 
ATOM   923  C CB  . LYS A 1 116 ? -1.394  15.483  -12.607 1.00 33.30 ? 116 LYS X CB  1 
ATOM   924  C CG  . LYS A 1 116 ? -2.858  15.584  -13.002 1.00 33.92 ? 116 LYS X CG  1 
ATOM   925  C CD  . LYS A 1 116 ? -3.148  15.038  -14.400 1.00 34.11 ? 116 LYS X CD  1 
ATOM   926  C CE  . LYS A 1 116 ? -4.448  14.216  -14.406 1.00 34.25 ? 116 LYS X CE  1 
ATOM   927  N NZ  . LYS A 1 116 ? -4.704  13.499  -15.698 1.00 34.50 ? 116 LYS X NZ  1 
ATOM   928  N N   . PHE A 1 117 ? 0.973   14.399  -10.265 1.00 32.17 ? 117 PHE X N   1 
ATOM   929  C CA  . PHE A 1 117 ? 2.333   14.603  -9.768  1.00 32.10 ? 117 PHE X CA  1 
ATOM   930  C C   . PHE A 1 117 ? 3.353   13.987  -10.716 1.00 31.93 ? 117 PHE X C   1 
ATOM   931  O O   . PHE A 1 117 ? 3.023   13.087  -11.488 1.00 31.77 ? 117 PHE X O   1 
ATOM   932  C CB  . PHE A 1 117 ? 2.491   13.990  -8.373  1.00 31.37 ? 117 PHE X CB  1 
ATOM   933  C CG  . PHE A 1 117 ? 1.581   14.589  -7.336  1.00 31.34 ? 117 PHE X CG  1 
ATOM   934  C CD1 . PHE A 1 117 ? 2.090   15.377  -6.319  1.00 31.26 ? 117 PHE X CD1 1 
ATOM   935  C CD2 . PHE A 1 117 ? 0.218   14.352  -7.368  1.00 31.14 ? 117 PHE X CD2 1 
ATOM   936  C CE1 . PHE A 1 117 ? 1.255   15.928  -5.360  1.00 31.16 ? 117 PHE X CE1 1 
ATOM   937  C CE2 . PHE A 1 117 ? -0.618  14.902  -6.408  1.00 31.12 ? 117 PHE X CE2 1 
ATOM   938  C CZ  . PHE A 1 117 ? -0.096  15.690  -5.408  1.00 30.98 ? 117 PHE X CZ  1 
ATOM   939  N N   . ARG A 1 118 ? 4.593   14.467  -10.650 1.00 32.24 ? 118 ARG X N   1 
ATOM   940  C CA  . ARG A 1 118 ? 5.729   13.749  -11.225 1.00 32.46 ? 118 ARG X CA  1 
ATOM   941  C C   . ARG A 1 118 ? 6.102   12.520  -10.388 1.00 32.25 ? 118 ARG X C   1 
ATOM   942  O O   . ARG A 1 118 ? 6.353   12.628  -9.190  1.00 32.56 ? 118 ARG X O   1 
ATOM   943  C CB  . ARG A 1 118 ? 6.941   14.675  -11.349 1.00 32.92 ? 118 ARG X CB  1 
ATOM   944  C CG  . ARG A 1 118 ? 8.242   13.939  -11.645 1.00 33.49 ? 118 ARG X CG  1 
ATOM   945  C CD  . ARG A 1 118 ? 9.369   14.885  -12.041 1.00 34.35 ? 118 ARG X CD  1 
ATOM   946  N NE  . ARG A 1 118 ? 8.893   15.986  -12.872 1.00 35.21 ? 118 ARG X NE  1 
ATOM   947  C CZ  . ARG A 1 118 ? 8.861   17.258  -12.481 1.00 35.56 ? 118 ARG X CZ  1 
ATOM   948  N NH1 . ARG A 1 118 ? 9.280   17.588  -11.266 1.00 35.88 ? 118 ARG X NH1 1 
ATOM   949  N NH2 . ARG A 1 118 ? 8.408   18.198  -13.301 1.00 35.57 ? 118 ARG X NH2 1 
ATOM   950  N N   . GLY A 1 119 ? 6.138   11.356  -11.025 1.00 31.52 ? 119 GLY X N   1 
ATOM   951  C CA  . GLY A 1 119 ? 6.499   10.119  -10.338 1.00 31.53 ? 119 GLY X CA  1 
ATOM   952  C C   . GLY A 1 119 ? 7.497   9.295   -11.132 1.00 31.17 ? 119 GLY X C   1 
ATOM   953  O O   . GLY A 1 119 ? 7.782   9.596   -12.294 1.00 30.94 ? 119 GLY X O   1 
ATOM   954  N N   . ASP A 1 120 ? 8.034   8.254   -10.506 1.00 30.87 ? 120 ASP X N   1 
ATOM   955  C CA  . ASP A 1 120 ? 8.825   7.267   -11.235 1.00 30.93 ? 120 ASP X CA  1 
ATOM   956  C C   . ASP A 1 120 ? 8.373   5.853   -10.913 1.00 30.85 ? 120 ASP X C   1 
ATOM   957  O O   . ASP A 1 120 ? 8.969   4.880   -11.383 1.00 31.36 ? 120 ASP X O   1 
ATOM   958  C CB  . ASP A 1 120 ? 10.321  7.427   -10.927 1.00 30.98 ? 120 ASP X CB  1 
ATOM   959  C CG  . ASP A 1 120 ? 10.624  7.446   -9.433  1.00 31.13 ? 120 ASP X CG  1 
ATOM   960  O OD1 . ASP A 1 120 ? 11.657  8.024   -9.046  1.00 31.15 ? 120 ASP X OD1 1 
ATOM   961  O OD2 . ASP A 1 120 ? 9.834   6.884   -8.645  1.00 31.61 ? 120 ASP X OD2 1 
ATOM   962  N N   . THR A 1 121 ? 7.321   5.735   -10.113 1.00 30.60 ? 121 THR X N   1 
ATOM   963  C CA  . THR A 1 121 ? 6.694   4.440   -9.886  1.00 30.59 ? 121 THR X CA  1 
ATOM   964  C C   . THR A 1 121 ? 5.176   4.568   -9.960  1.00 30.74 ? 121 THR X C   1 
ATOM   965  O O   . THR A 1 121 ? 4.612   5.637   -9.673  1.00 30.39 ? 121 THR X O   1 
ATOM   966  C CB  . THR A 1 121 ? 7.093   3.843   -8.520  1.00 30.57 ? 121 THR X CB  1 
ATOM   967  O OG1 . THR A 1 121 ? 7.247   4.894   -7.561  1.00 30.96 ? 121 THR X OG1 1 
ATOM   968  C CG2 . THR A 1 121 ? 8.400   3.056   -8.624  1.00 30.12 ? 121 THR X CG2 1 
ATOM   969  N N   . PHE A 1 122 ? 4.523   3.477   -10.354 1.00 30.40 ? 122 PHE X N   1 
ATOM   970  C CA  . PHE A 1 122 ? 3.123   3.532   -10.759 1.00 30.49 ? 122 PHE X CA  1 
ATOM   971  C C   . PHE A 1 122 ? 2.320   2.357   -10.207 1.00 30.45 ? 122 PHE X C   1 
ATOM   972  O O   . PHE A 1 122 ? 2.849   1.264   -9.990  1.00 30.32 ? 122 PHE X O   1 
ATOM   973  C CB  . PHE A 1 122 ? 3.017   3.566   -12.282 1.00 30.48 ? 122 PHE X CB  1 
ATOM   974  C CG  . PHE A 1 122 ? 3.268   4.922   -12.867 1.00 30.47 ? 122 PHE X CG  1 
ATOM   975  C CD1 . PHE A 1 122 ? 2.213   5.745   -13.214 1.00 30.38 ? 122 PHE X CD1 1 
ATOM   976  C CD2 . PHE A 1 122 ? 4.564   5.381   -13.050 1.00 30.29 ? 122 PHE X CD2 1 
ATOM   977  C CE1 . PHE A 1 122 ? 2.442   6.999   -13.742 1.00 30.48 ? 122 PHE X CE1 1 
ATOM   978  C CE2 . PHE A 1 122 ? 4.801   6.627   -13.576 1.00 30.27 ? 122 PHE X CE2 1 
ATOM   979  C CZ  . PHE A 1 122 ? 3.738   7.439   -13.927 1.00 30.53 ? 122 PHE X CZ  1 
ATOM   980  N N   . PHE A 1 123 ? 1.033   2.590   -9.982  1.00 30.60 ? 123 PHE X N   1 
ATOM   981  C CA  . PHE A 1 123 ? 0.101   1.497   -9.765  1.00 30.58 ? 123 PHE X CA  1 
ATOM   982  C C   . PHE A 1 123 ? -0.331  0.943   -11.107 1.00 30.57 ? 123 PHE X C   1 
ATOM   983  O O   . PHE A 1 123 ? -0.600  1.709   -12.025 1.00 30.41 ? 123 PHE X O   1 
ATOM   984  C CB  . PHE A 1 123 ? -1.109  1.966   -8.965  1.00 30.33 ? 123 PHE X CB  1 
ATOM   985  C CG  . PHE A 1 123 ? -1.847  0.850   -8.281  1.00 30.37 ? 123 PHE X CG  1 
ATOM   986  C CD1 . PHE A 1 123 ? -1.278  0.179   -7.211  1.00 30.45 ? 123 PHE X CD1 1 
ATOM   987  C CD2 . PHE A 1 123 ? -3.103  0.469   -8.708  1.00 30.27 ? 123 PHE X CD2 1 
ATOM   988  C CE1 . PHE A 1 123 ? -1.952  -0.844  -6.575  1.00 30.34 ? 123 PHE X CE1 1 
ATOM   989  C CE2 . PHE A 1 123 ? -3.782  -0.556  -8.074  1.00 30.42 ? 123 PHE X CE2 1 
ATOM   990  C CZ  . PHE A 1 123 ? -3.203  -1.214  -7.009  1.00 30.24 ? 123 PHE X CZ  1 
ATOM   991  N N   . PRO A 1 124 ? -0.384  -0.395  -11.230 1.00 31.03 ? 124 PRO X N   1 
ATOM   992  C CA  . PRO A 1 124 ? -0.889  -1.021  -12.444 1.00 31.98 ? 124 PRO X CA  1 
ATOM   993  C C   . PRO A 1 124 ? -2.294  -0.538  -12.787 1.00 32.71 ? 124 PRO X C   1 
ATOM   994  O O   . PRO A 1 124 ? -3.114  -0.327  -11.888 1.00 33.47 ? 124 PRO X O   1 
ATOM   995  C CB  . PRO A 1 124 ? -0.893  -2.523  -12.112 1.00 31.85 ? 124 PRO X CB  1 
ATOM   996  C CG  . PRO A 1 124 ? -0.633  -2.630  -10.650 1.00 31.58 ? 124 PRO X CG  1 
ATOM   997  C CD  . PRO A 1 124 ? 0.036   -1.380  -10.221 1.00 31.29 ? 124 PRO X CD  1 
ATOM   998  N N   . PRO A 1 125 ? -2.568  -0.347  -14.082 1.00 33.34 ? 125 PRO X N   1 
ATOM   999  C CA  . PRO A 1 125 ? -3.928  -0.079  -14.539 1.00 33.59 ? 125 PRO X CA  1 
ATOM   1000 C C   . PRO A 1 125 ? -4.897  -1.175  -14.108 1.00 33.96 ? 125 PRO X C   1 
ATOM   1001 O O   . PRO A 1 125 ? -4.522  -2.345  -14.055 1.00 33.84 ? 125 PRO X O   1 
ATOM   1002 C CB  . PRO A 1 125 ? -3.795  -0.030  -16.067 1.00 33.46 ? 125 PRO X CB  1 
ATOM   1003 C CG  . PRO A 1 125 ? -2.440  -0.565  -16.381 1.00 33.61 ? 125 PRO X CG  1 
ATOM   1004 C CD  . PRO A 1 125 ? -1.595  -0.354  -15.185 1.00 33.51 ? 125 PRO X CD  1 
ATOM   1005 N N   . TYR A 1 126 ? -6.122  -0.781  -13.778 1.00 34.47 ? 126 TYR X N   1 
ATOM   1006 C CA  . TYR A 1 126 ? -7.166  -1.721  -13.381 1.00 35.01 ? 126 TYR X CA  1 
ATOM   1007 C C   . TYR A 1 126 ? -8.517  -1.171  -13.826 1.00 35.55 ? 126 TYR X C   1 
ATOM   1008 O O   . TYR A 1 126 ? -8.648  0.022   -14.078 1.00 35.34 ? 126 TYR X O   1 
ATOM   1009 C CB  . TYR A 1 126 ? -7.154  -1.947  -11.860 1.00 34.70 ? 126 TYR X CB  1 
ATOM   1010 C CG  . TYR A 1 126 ? -7.408  -0.697  -11.036 1.00 34.65 ? 126 TYR X CG  1 
ATOM   1011 C CD1 . TYR A 1 126 ? -8.696  -0.323  -10.677 1.00 34.59 ? 126 TYR X CD1 1 
ATOM   1012 C CD2 . TYR A 1 126 ? -6.353  0.110   -10.618 1.00 34.82 ? 126 TYR X CD2 1 
ATOM   1013 C CE1 . TYR A 1 126 ? -8.929  0.819   -9.923  1.00 34.58 ? 126 TYR X CE1 1 
ATOM   1014 C CE2 . TYR A 1 126 ? -6.573  1.249   -9.870  1.00 34.62 ? 126 TYR X CE2 1 
ATOM   1015 C CZ  . TYR A 1 126 ? -7.861  1.601   -9.525  1.00 34.75 ? 126 TYR X CZ  1 
ATOM   1016 O OH  . TYR A 1 126 ? -8.073  2.741   -8.781  1.00 34.70 ? 126 TYR X OH  1 
ATOM   1017 N N   . THR A 1 127 ? -9.516  -2.042  -13.923 1.00 36.64 ? 127 THR X N   1 
ATOM   1018 C CA  . THR A 1 127 ? -10.835 -1.639  -14.407 1.00 37.31 ? 127 THR X CA  1 
ATOM   1019 C C   . THR A 1 127 ? -11.905 -1.867  -13.350 1.00 37.79 ? 127 THR X C   1 
ATOM   1020 O O   . THR A 1 127 ? -11.922 -2.908  -12.693 1.00 37.64 ? 127 THR X O   1 
ATOM   1021 C CB  . THR A 1 127 ? -11.241 -2.431  -15.662 1.00 37.68 ? 127 THR X CB  1 
ATOM   1022 O OG1 . THR A 1 127 ? -10.179 -2.392  -16.624 1.00 37.80 ? 127 THR X OG1 1 
ATOM   1023 C CG2 . THR A 1 127 ? -12.509 -1.843  -16.270 1.00 37.38 ? 127 THR X CG2 1 
ATOM   1024 N N   . PHE A 1 128 ? -12.808 -0.900  -13.200 1.00 38.55 ? 128 PHE X N   1 
ATOM   1025 C CA  . PHE A 1 128 ? -13.980 -1.079  -12.344 1.00 39.15 ? 128 PHE X CA  1 
ATOM   1026 C C   . PHE A 1 128 ? -14.909 -2.133  -12.919 1.00 39.52 ? 128 PHE X C   1 
ATOM   1027 O O   . PHE A 1 128 ? -15.782 -2.651  -12.233 1.00 40.26 ? 128 PHE X O   1 
ATOM   1028 C CB  . PHE A 1 128 ? -14.724 0.243   -12.168 1.00 39.61 ? 128 PHE X CB  1 
ATOM   1029 C CG  . PHE A 1 128 ? -14.000 1.226   -11.290 1.00 39.85 ? 128 PHE X CG  1 
ATOM   1030 C CD1 . PHE A 1 128 ? -13.840 0.978   -9.939  1.00 39.78 ? 128 PHE X CD1 1 
ATOM   1031 C CD2 . PHE A 1 128 ? -13.467 2.391   -11.819 1.00 39.94 ? 128 PHE X CD2 1 
ATOM   1032 C CE1 . PHE A 1 128 ? -13.168 1.873   -9.135  1.00 39.69 ? 128 PHE X CE1 1 
ATOM   1033 C CE2 . PHE A 1 128 ? -12.797 3.288   -11.015 1.00 39.70 ? 128 PHE X CE2 1 
ATOM   1034 C CZ  . PHE A 1 128 ? -12.649 3.029   -9.675  1.00 39.69 ? 128 PHE X CZ  1 
ATOM   1035 N N   . GLU A 1 129 ? -14.701 -2.465  -14.182 1.00 40.00 ? 129 GLU X N   1 
ATOM   1036 C CA  . GLU A 1 129 ? -15.278 -3.671  -14.756 1.00 40.14 ? 129 GLU X CA  1 
ATOM   1037 C C   . GLU A 1 129 ? -14.887 -4.912  -13.964 1.00 39.89 ? 129 GLU X C   1 
ATOM   1038 O O   . GLU A 1 129 ? -15.588 -5.924  -13.998 1.00 39.87 ? 129 GLU X O   1 
ATOM   1039 C CB  . GLU A 1 129 ? -14.811 -3.820  -16.195 1.00 40.77 ? 129 GLU X CB  1 
ATOM   1040 C CG  . GLU A 1 129 ? -15.866 -4.333  -17.136 1.00 41.36 ? 129 GLU X CG  1 
ATOM   1041 C CD  . GLU A 1 129 ? -15.256 -4.882  -18.399 1.00 41.71 ? 129 GLU X CD  1 
ATOM   1042 O OE1 . GLU A 1 129 ? -14.296 -4.255  -18.904 1.00 42.41 ? 129 GLU X OE1 1 
ATOM   1043 O OE2 . GLU A 1 129 ? -15.726 -5.942  -18.874 1.00 42.41 ? 129 GLU X OE2 1 
ATOM   1044 N N   . ASP A 1 130 ? -13.764 -4.829  -13.257 1.00 39.43 ? 130 ASP X N   1 
ATOM   1045 C CA  . ASP A 1 130 ? -13.232 -5.966  -12.514 1.00 39.00 ? 130 ASP X CA  1 
ATOM   1046 C C   . ASP A 1 130 ? -13.482 -5.801  -11.019 1.00 38.47 ? 130 ASP X C   1 
ATOM   1047 O O   . ASP A 1 130 ? -13.410 -6.760  -10.256 1.00 38.53 ? 130 ASP X O   1 
ATOM   1048 C CB  . ASP A 1 130 ? -11.731 -6.097  -12.762 1.00 39.53 ? 130 ASP X CB  1 
ATOM   1049 C CG  . ASP A 1 130 ? -11.415 -6.795  -14.064 1.00 39.89 ? 130 ASP X CG  1 
ATOM   1050 O OD1 . ASP A 1 130 ? -10.218 -6.987  -14.365 1.00 39.90 ? 130 ASP X OD1 1 
ATOM   1051 O OD2 . ASP A 1 130 ? -12.370 -7.150  -14.786 1.00 40.50 ? 130 ASP X OD2 1 
ATOM   1052 N N   . TRP A 1 131 ? -13.760 -4.571  -10.604 1.00 37.83 ? 131 TRP X N   1 
ATOM   1053 C CA  . TRP A 1 131 ? -13.664 -4.195  -9.199  1.00 37.38 ? 131 TRP X CA  1 
ATOM   1054 C C   . TRP A 1 131 ? -14.863 -3.354  -8.811  1.00 36.94 ? 131 TRP X C   1 
ATOM   1055 O O   . TRP A 1 131 ? -15.210 -2.389  -9.490  1.00 37.00 ? 131 TRP X O   1 
ATOM   1056 C CB  . TRP A 1 131 ? -12.389 -3.396  -8.926  1.00 37.03 ? 131 TRP X CB  1 
ATOM   1057 C CG  . TRP A 1 131 ? -11.136 -4.177  -9.116  1.00 36.90 ? 131 TRP X CG  1 
ATOM   1058 C CD1 . TRP A 1 131 ? -10.378 -4.244  -10.246 1.00 36.89 ? 131 TRP X CD1 1 
ATOM   1059 C CD2 . TRP A 1 131 ? -10.491 -5.011  -8.148  1.00 36.89 ? 131 TRP X CD2 1 
ATOM   1060 N NE1 . TRP A 1 131 ? -9.297  -5.069  -10.041 1.00 36.98 ? 131 TRP X NE1 1 
ATOM   1061 C CE2 . TRP A 1 131 ? -9.344  -5.553  -8.760  1.00 36.79 ? 131 TRP X CE2 1 
ATOM   1062 C CE3 . TRP A 1 131 ? -10.773 -5.354  -6.822  1.00 36.84 ? 131 TRP X CE3 1 
ATOM   1063 C CZ2 . TRP A 1 131 ? -8.482  -6.412  -8.093  1.00 36.93 ? 131 TRP X CZ2 1 
ATOM   1064 C CZ3 . TRP A 1 131 ? -9.914  -6.210  -6.162  1.00 36.86 ? 131 TRP X CZ3 1 
ATOM   1065 C CH2 . TRP A 1 131 ? -8.785  -6.730  -6.796  1.00 36.85 ? 131 TRP X CH2 1 
ATOM   1066 N N   . GLU A 1 132 ? -15.482 -3.725  -7.703  1.00 36.60 ? 132 GLU X N   1 
ATOM   1067 C CA  . GLU A 1 132 ? -16.749 -3.158  -7.308  1.00 36.35 ? 132 GLU X CA  1 
ATOM   1068 C C   . GLU A 1 132 ? -16.541 -2.225  -6.118  1.00 35.89 ? 132 GLU X C   1 
ATOM   1069 O O   . GLU A 1 132 ? -15.740 -2.511  -5.230  1.00 35.55 ? 132 GLU X O   1 
ATOM   1070 C CB  . GLU A 1 132 ? -17.710 -4.288  -6.957  1.00 36.94 ? 132 GLU X CB  1 
ATOM   1071 C CG  . GLU A 1 132 ? -18.484 -4.080  -5.689  1.00 37.50 ? 132 GLU X CG  1 
ATOM   1072 C CD  . GLU A 1 132 ? -19.944 -4.399  -5.871  1.00 38.17 ? 132 GLU X CD  1 
ATOM   1073 O OE1 . GLU A 1 132 ? -20.549 -3.857  -6.826  1.00 38.59 ? 132 GLU X OE1 1 
ATOM   1074 O OE2 . GLU A 1 132 ? -20.483 -5.192  -5.065  1.00 38.56 ? 132 GLU X OE2 1 
ATOM   1075 N N   . VAL A 1 133 ? -17.254 -1.100  -6.118  1.00 35.33 ? 133 VAL X N   1 
ATOM   1076 C CA  . VAL A 1 133 ? -17.022 -0.046  -5.142  1.00 34.89 ? 133 VAL X CA  1 
ATOM   1077 C C   . VAL A 1 133 ? -17.846 -0.317  -3.882  1.00 34.72 ? 133 VAL X C   1 
ATOM   1078 O O   . VAL A 1 133 ? -19.030 0.032   -3.800  1.00 34.87 ? 133 VAL X O   1 
ATOM   1079 C CB  . VAL A 1 133 ? -17.367 1.346   -5.717  1.00 34.84 ? 133 VAL X CB  1 
ATOM   1080 C CG1 . VAL A 1 133 ? -17.052 2.436   -4.708  1.00 34.80 ? 133 VAL X CG1 1 
ATOM   1081 C CG2 . VAL A 1 133 ? -16.613 1.595   -7.020  1.00 34.54 ? 133 VAL X CG2 1 
ATOM   1082 N N   . ALA A 1 134 ? -17.214 -0.958  -2.905  1.00 34.13 ? 134 ALA X N   1 
ATOM   1083 C CA  . ALA A 1 134 ? -17.873 -1.264  -1.646  1.00 33.91 ? 134 ALA X CA  1 
ATOM   1084 C C   . ALA A 1 134 ? -18.077 0.006   -0.824  1.00 33.64 ? 134 ALA X C   1 
ATOM   1085 O O   . ALA A 1 134 ? -19.052 0.118   -0.078  1.00 33.60 ? 134 ALA X O   1 
ATOM   1086 C CB  . ALA A 1 134 ? -17.060 -2.279  -0.862  1.00 33.44 ? 134 ALA X CB  1 
ATOM   1087 N N   . SER A 1 135 ? -17.151 0.954   -0.960  1.00 33.65 ? 135 SER X N   1 
ATOM   1088 C CA  . SER A 1 135 ? -17.339 2.296   -0.419  1.00 33.77 ? 135 SER X CA  1 
ATOM   1089 C C   . SER A 1 135 ? -16.489 3.351   -1.129  1.00 33.83 ? 135 SER X C   1 
ATOM   1090 O O   . SER A 1 135 ? -15.397 3.072   -1.625  1.00 33.20 ? 135 SER X O   1 
ATOM   1091 C CB  . SER A 1 135 ? -17.029 2.316   1.076   1.00 33.44 ? 135 SER X CB  1 
ATOM   1092 O OG  . SER A 1 135 ? -15.733 1.813   1.329   1.00 33.47 ? 135 SER X OG  1 
ATOM   1093 N N   . SER A 1 136 ? -17.004 4.573   -1.152  1.00 34.17 ? 136 SER X N   1 
ATOM   1094 C CA  . SER A 1 136 ? -16.261 5.717   -1.646  1.00 34.64 ? 136 SER X CA  1 
ATOM   1095 C C   . SER A 1 136 ? -16.542 6.932   -0.766  1.00 34.94 ? 136 SER X C   1 
ATOM   1096 O O   . SER A 1 136 ? -17.675 7.404   -0.685  1.00 34.99 ? 136 SER X O   1 
ATOM   1097 C CB  . SER A 1 136 ? -16.645 6.011   -3.097  1.00 34.26 ? 136 SER X CB  1 
ATOM   1098 O OG  . SER A 1 136 ? -15.894 7.095   -3.613  1.00 34.12 ? 136 SER X OG  1 
ATOM   1099 N N   . VAL A 1 137 ? -15.500 7.422   -0.105  1.00 35.83 ? 137 VAL X N   1 
ATOM   1100 C CA  . VAL A 1 137 ? -15.632 8.456   0.912   1.00 36.50 ? 137 VAL X CA  1 
ATOM   1101 C C   . VAL A 1 137 ? -14.586 9.544   0.688   1.00 37.20 ? 137 VAL X C   1 
ATOM   1102 O O   . VAL A 1 137 ? -13.390 9.265   0.670   1.00 36.67 ? 137 VAL X O   1 
ATOM   1103 C CB  . VAL A 1 137 ? -15.433 7.874   2.316   1.00 36.43 ? 137 VAL X CB  1 
ATOM   1104 C CG1 . VAL A 1 137 ? -15.499 8.976   3.360   1.00 36.38 ? 137 VAL X CG1 1 
ATOM   1105 C CG2 . VAL A 1 137 ? -16.468 6.785   2.595   1.00 36.55 ? 137 VAL X CG2 1 
ATOM   1106 N N   . GLU A 1 138 ? -15.042 10.781  0.513   1.00 38.19 ? 138 GLU X N   1 
ATOM   1107 C CA  . GLU A 1 138 ? -14.143 11.908  0.265   1.00 39.14 ? 138 GLU X CA  1 
ATOM   1108 C C   . GLU A 1 138 ? -13.347 12.278  1.510   1.00 39.74 ? 138 GLU X C   1 
ATOM   1109 O O   . GLU A 1 138 ? -13.923 12.612  2.546   1.00 40.32 ? 138 GLU X O   1 
ATOM   1110 C CB  . GLU A 1 138 ? -14.939 13.127  -0.180  1.00 39.51 ? 138 GLU X CB  1 
ATOM   1111 C CG  . GLU A 1 138 ? -15.539 13.009  -1.560  1.00 39.75 ? 138 GLU X CG  1 
ATOM   1112 C CD  . GLU A 1 138 ? -16.351 14.227  -1.918  1.00 39.90 ? 138 GLU X CD  1 
ATOM   1113 O OE1 . GLU A 1 138 ? -17.252 14.111  -2.777  1.00 40.53 ? 138 GLU X OE1 1 
ATOM   1114 O OE2 . GLU A 1 138 ? -16.094 15.299  -1.326  1.00 40.02 ? 138 GLU X OE2 1 
ATOM   1115 N N   . GLY A 1 139 ? -12.024 12.229  1.403   1.00 40.20 ? 139 GLY X N   1 
ATOM   1116 C CA  . GLY A 1 139 ? -11.156 12.887  2.367   1.00 40.67 ? 139 GLY X CA  1 
ATOM   1117 C C   . GLY A 1 139 ? -11.634 14.292  2.672   1.00 41.08 ? 139 GLY X C   1 
ATOM   1118 O O   . GLY A 1 139 ? -12.257 14.937  1.835   1.00 40.98 ? 139 GLY X O   1 
ATOM   1119 N N   . LYS A 1 140 ? -11.342 14.768  3.876   1.00 41.87 ? 140 LYS X N   1 
ATOM   1120 C CA  . LYS A 1 140 ? -11.661 16.138  4.243   1.00 42.48 ? 140 LYS X CA  1 
ATOM   1121 C C   . LYS A 1 140 ? -10.440 17.032  4.073   1.00 42.73 ? 140 LYS X C   1 
ATOM   1122 O O   . LYS A 1 140 ? -9.355  16.725  4.569   1.00 42.35 ? 140 LYS X O   1 
ATOM   1123 C CB  . LYS A 1 140 ? -12.174 16.205  5.684   1.00 42.90 ? 140 LYS X CB  1 
ATOM   1124 C CG  . LYS A 1 140 ? -13.691 16.343  5.793   1.00 43.24 ? 140 LYS X CG  1 
ATOM   1125 C CD  . LYS A 1 140 ? -14.360 14.998  6.051   1.00 43.27 ? 140 LYS X CD  1 
ATOM   1126 C CE  . LYS A 1 140 ? -15.091 14.992  7.390   1.00 43.47 ? 140 LYS X CE  1 
ATOM   1127 N NZ  . LYS A 1 140 ? -16.567 15.233  7.254   1.00 43.40 ? 140 LYS X NZ  1 
ATOM   1128 N N   . LEU A 1 141 ? -10.629 18.135  3.361   1.00 43.43 ? 141 LEU X N   1 
ATOM   1129 C CA  . LEU A 1 141 ? -9.570  19.108  3.144   1.00 44.13 ? 141 LEU X CA  1 
ATOM   1130 C C   . LEU A 1 141 ? -9.546  20.129  4.273   1.00 44.54 ? 141 LEU X C   1 
ATOM   1131 O O   . LEU A 1 141 ? -10.590 20.610  4.709   1.00 44.63 ? 141 LEU X O   1 
ATOM   1132 C CB  . LEU A 1 141 ? -9.776  19.825  1.808   1.00 44.39 ? 141 LEU X CB  1 
ATOM   1133 C CG  . LEU A 1 141 ? -9.765  18.911  0.585   1.00 44.53 ? 141 LEU X CG  1 
ATOM   1134 C CD1 . LEU A 1 141 ? -9.571  19.718  -0.697  1.00 44.65 ? 141 LEU X CD1 1 
ATOM   1135 C CD2 . LEU A 1 141 ? -8.676  17.858  0.743   1.00 44.76 ? 141 LEU X CD2 1 
ATOM   1136 N N   . ASP A 1 142 ? -8.347  20.454  4.738   1.00 45.07 ? 142 ASP X N   1 
ATOM   1137 C CA  . ASP A 1 142 ? -8.178  21.354  5.869   1.00 45.34 ? 142 ASP X CA  1 
ATOM   1138 C C   . ASP A 1 142 ? -6.784  21.966  5.809   1.00 45.78 ? 142 ASP X C   1 
ATOM   1139 O O   . ASP A 1 142 ? -6.030  21.717  4.864   1.00 45.97 ? 142 ASP X O   1 
ATOM   1140 C CB  . ASP A 1 142 ? -8.379  20.599  7.185   1.00 45.45 ? 142 ASP X CB  1 
ATOM   1141 C CG  . ASP A 1 142 ? -7.271  19.600  7.461   1.00 45.48 ? 142 ASP X CG  1 
ATOM   1142 O OD1 . ASP A 1 142 ? -7.525  18.601  8.162   1.00 45.43 ? 142 ASP X OD1 1 
ATOM   1143 O OD2 . ASP A 1 142 ? -6.142  19.815  6.981   1.00 45.91 ? 142 ASP X OD2 1 
ATOM   1144 N N   . GLU A 1 143 ? -6.434  22.768  6.808   1.00 46.21 ? 143 GLU X N   1 
ATOM   1145 C CA  . GLU A 1 143 ? -5.131  23.413  6.803   1.00 46.42 ? 143 GLU X CA  1 
ATOM   1146 C C   . GLU A 1 143 ? -4.055  22.364  6.525   1.00 46.36 ? 143 GLU X C   1 
ATOM   1147 O O   . GLU A 1 143 ? -3.153  22.588  5.713   1.00 46.73 ? 143 GLU X O   1 
ATOM   1148 C CB  . GLU A 1 143 ? -4.870  24.148  8.123   1.00 47.23 ? 143 GLU X CB  1 
ATOM   1149 C CG  . GLU A 1 143 ? -5.383  25.602  8.141   1.00 47.86 ? 143 GLU X CG  1 
ATOM   1150 C CD  . GLU A 1 143 ? -4.483  26.573  7.367   1.00 48.35 ? 143 GLU X CD  1 
ATOM   1151 O OE1 . GLU A 1 143 ? -4.980  27.634  6.930   1.00 48.32 ? 143 GLU X OE1 1 
ATOM   1152 O OE2 . GLU A 1 143 ? -3.278  26.279  7.197   1.00 49.00 ? 143 GLU X OE2 1 
ATOM   1153 N N   . LYS A 1 144 ? -4.173  21.208  7.174   1.00 45.88 ? 144 LYS X N   1 
ATOM   1154 C CA  . LYS A 1 144 ? -3.116  20.191  7.132   1.00 45.36 ? 144 LYS X CA  1 
ATOM   1155 C C   . LYS A 1 144 ? -3.214  19.273  5.908   1.00 44.55 ? 144 LYS X C   1 
ATOM   1156 O O   . LYS A 1 144 ? -2.233  18.634  5.531   1.00 44.43 ? 144 LYS X O   1 
ATOM   1157 C CB  . LYS A 1 144 ? -3.151  19.342  8.404   1.00 46.11 ? 144 LYS X CB  1 
ATOM   1158 C CG  . LYS A 1 144 ? -2.063  19.688  9.408   1.00 46.55 ? 144 LYS X CG  1 
ATOM   1159 C CD  . LYS A 1 144 ? -2.565  20.649  10.474  1.00 46.69 ? 144 LYS X CD  1 
ATOM   1160 C CE  . LYS A 1 144 ? -1.442  21.068  11.419  1.00 46.70 ? 144 LYS X CE  1 
ATOM   1161 N NZ  . LYS A 1 144 ? -0.889  19.913  12.180  1.00 46.88 ? 144 LYS X NZ  1 
ATOM   1162 N N   . ASN A 1 145 ? -4.397  19.195  5.304   1.00 43.33 ? 145 ASN X N   1 
ATOM   1163 C CA  . ASN A 1 145 ? -4.639  18.245  4.217   1.00 42.60 ? 145 ASN X CA  1 
ATOM   1164 C C   . ASN A 1 145 ? -5.295  18.899  3.006   1.00 41.13 ? 145 ASN X C   1 
ATOM   1165 O O   . ASN A 1 145 ? -6.509  19.113  2.989   1.00 41.07 ? 145 ASN X O   1 
ATOM   1166 C CB  . ASN A 1 145 ? -5.519  17.092  4.702   1.00 42.23 ? 145 ASN X CB  1 
ATOM   1167 C CG  . ASN A 1 145 ? -4.912  16.343  5.871   1.00 42.01 ? 145 ASN X CG  1 
ATOM   1168 O OD1 . ASN A 1 145 ? -4.377  15.242  5.712   1.00 41.69 ? 145 ASN X OD1 1 
ATOM   1169 N ND2 . ASN A 1 145 ? -4.997  16.933  7.057   1.00 41.82 ? 145 ASN X ND2 1 
ATOM   1170 N N   . THR A 1 146 ? -4.494  19.211  1.992   1.00 39.78 ? 146 THR X N   1 
ATOM   1171 C CA  . THR A 1 146 ? -4.801  20.320  1.092   1.00 38.63 ? 146 THR X CA  1 
ATOM   1172 C C   . THR A 1 146 ? -4.925  19.852  -0.360  1.00 38.11 ? 146 THR X C   1 
ATOM   1173 O O   . THR A 1 146 ? -5.161  20.662  -1.260  1.00 38.20 ? 146 THR X O   1 
ATOM   1174 C CB  . THR A 1 146 ? -3.732  21.439  1.184   1.00 38.91 ? 146 THR X CB  1 
ATOM   1175 O OG1 . THR A 1 146 ? -2.571  21.067  0.434   1.00 39.21 ? 146 THR X OG1 1 
ATOM   1176 C CG2 . THR A 1 146 ? -3.331  21.687  2.630   1.00 38.89 ? 146 THR X CG2 1 
ATOM   1177 N N   . ILE A 1 147 ? -4.763  18.549  -0.581  1.00 37.07 ? 147 ILE X N   1 
ATOM   1178 C CA  . ILE A 1 147 ? -5.096  17.926  -1.866  1.00 36.09 ? 147 ILE X CA  1 
ATOM   1179 C C   . ILE A 1 147 ? -6.367  17.080  -1.757  1.00 34.95 ? 147 ILE X C   1 
ATOM   1180 O O   . ILE A 1 147 ? -6.497  16.277  -0.842  1.00 34.12 ? 147 ILE X O   1 
ATOM   1181 C CB  . ILE A 1 147 ? -3.963  17.002  -2.336  1.00 36.40 ? 147 ILE X CB  1 
ATOM   1182 C CG1 . ILE A 1 147 ? -2.601  17.613  -2.001  1.00 36.90 ? 147 ILE X CG1 1 
ATOM   1183 C CG2 . ILE A 1 147 ? -4.090  16.728  -3.830  1.00 36.77 ? 147 ILE X CG2 1 
ATOM   1184 C CD1 . ILE A 1 147 ? -1.847  16.898  -0.873  1.00 36.80 ? 147 ILE X CD1 1 
ATOM   1185 N N   . PRO A 1 148 ? -7.301  17.245  -2.707  1.00 34.12 ? 148 PRO X N   1 
ATOM   1186 C CA  . PRO A 1 148 ? -8.476  16.378  -2.751  1.00 33.79 ? 148 PRO X CA  1 
ATOM   1187 C C   . PRO A 1 148 ? -8.114  14.901  -2.907  1.00 32.94 ? 148 PRO X C   1 
ATOM   1188 O O   . PRO A 1 148 ? -7.168  14.557  -3.616  1.00 32.49 ? 148 PRO X O   1 
ATOM   1189 C CB  . PRO A 1 148 ? -9.241  16.876  -3.983  1.00 33.96 ? 148 PRO X CB  1 
ATOM   1190 C CG  . PRO A 1 148 ? -8.712  18.242  -4.256  1.00 34.03 ? 148 PRO X CG  1 
ATOM   1191 C CD  . PRO A 1 148 ? -7.300  18.237  -3.794  1.00 34.14 ? 148 PRO X CD  1 
ATOM   1192 N N   . HIS A 1 149 ? -8.862  14.041  -2.230  1.00 32.37 ? 149 HIS X N   1 
ATOM   1193 C CA  . HIS A 1 149 ? -8.505  12.637  -2.115  1.00 32.42 ? 149 HIS X CA  1 
ATOM   1194 C C   . HIS A 1 149 ? -9.718  11.834  -1.671  1.00 32.20 ? 149 HIS X C   1 
ATOM   1195 O O   . HIS A 1 149 ? -10.541 12.318  -0.891  1.00 32.08 ? 149 HIS X O   1 
ATOM   1196 C CB  . HIS A 1 149 ? -7.354  12.446  -1.122  1.00 32.32 ? 149 HIS X CB  1 
ATOM   1197 C CG  . HIS A 1 149 ? -7.613  13.033  0.231   1.00 32.42 ? 149 HIS X CG  1 
ATOM   1198 N ND1 . HIS A 1 149 ? -7.820  12.257  1.353   1.00 32.44 ? 149 HIS X ND1 1 
ATOM   1199 C CD2 . HIS A 1 149 ? -7.694  14.319  0.644   1.00 32.54 ? 149 HIS X CD2 1 
ATOM   1200 C CE1 . HIS A 1 149 ? -8.021  13.041  2.397   1.00 32.67 ? 149 HIS X CE1 1 
ATOM   1201 N NE2 . HIS A 1 149 ? -7.952  14.297  1.993   1.00 32.78 ? 149 HIS X NE2 1 
ATOM   1202 N N   . THR A 1 150 ? -9.822  10.609  -2.177  1.00 32.01 ? 150 THR X N   1 
ATOM   1203 C CA  . THR A 1 150 ? -10.991 9.771   -1.943  1.00 31.70 ? 150 THR X CA  1 
ATOM   1204 C C   . THR A 1 150 ? -10.579 8.369   -1.503  1.00 31.43 ? 150 THR X C   1 
ATOM   1205 O O   . THR A 1 150 ? -9.730  7.726   -2.121  1.00 31.27 ? 150 THR X O   1 
ATOM   1206 C CB  . THR A 1 150 ? -11.867 9.651   -3.203  1.00 31.66 ? 150 THR X CB  1 
ATOM   1207 O OG1 . THR A 1 150 ? -12.340 10.945  -3.583  1.00 31.56 ? 150 THR X OG1 1 
ATOM   1208 C CG2 . THR A 1 150 ? -13.054 8.736   -2.948  1.00 31.60 ? 150 THR X CG2 1 
ATOM   1209 N N   . PHE A 1 151 ? -11.191 7.911   -0.422  1.00 31.11 ? 151 PHE X N   1 
ATOM   1210 C CA  . PHE A 1 151 ? -10.972 6.575   0.076   1.00 31.14 ? 151 PHE X CA  1 
ATOM   1211 C C   . PHE A 1 151 ? -11.905 5.603   -0.629  1.00 31.15 ? 151 PHE X C   1 
ATOM   1212 O O   . PHE A 1 151 ? -13.124 5.638   -0.433  1.00 31.08 ? 151 PHE X O   1 
ATOM   1213 C CB  . PHE A 1 151 ? -11.189 6.546   1.586   1.00 31.20 ? 151 PHE X CB  1 
ATOM   1214 C CG  . PHE A 1 151 ? -10.276 7.472   2.336   1.00 31.21 ? 151 PHE X CG  1 
ATOM   1215 C CD1 . PHE A 1 151 ? -8.903  7.296   2.288   1.00 31.17 ? 151 PHE X CD1 1 
ATOM   1216 C CD2 . PHE A 1 151 ? -10.787 8.530   3.072   1.00 31.31 ? 151 PHE X CD2 1 
ATOM   1217 C CE1 . PHE A 1 151 ? -8.055  8.142   2.971   1.00 31.12 ? 151 PHE X CE1 1 
ATOM   1218 C CE2 . PHE A 1 151 ? -9.944  9.383   3.759   1.00 31.25 ? 151 PHE X CE2 1 
ATOM   1219 C CZ  . PHE A 1 151 ? -8.574  9.188   3.707   1.00 31.29 ? 151 PHE X CZ  1 
ATOM   1220 N N   . LEU A 1 152 ? -11.310 4.760   -1.471  1.00 30.70 ? 152 LEU X N   1 
ATOM   1221 C CA  . LEU A 1 152 ? -12.020 3.691   -2.146  1.00 30.64 ? 152 LEU X CA  1 
ATOM   1222 C C   . LEU A 1 152 ? -11.761 2.393   -1.413  1.00 30.54 ? 152 LEU X C   1 
ATOM   1223 O O   . LEU A 1 152 ? -10.615 2.066   -1.106  1.00 30.43 ? 152 LEU X O   1 
ATOM   1224 C CB  . LEU A 1 152 ? -11.522 3.544   -3.587  1.00 30.52 ? 152 LEU X CB  1 
ATOM   1225 C CG  . LEU A 1 152 ? -11.939 4.606   -4.603  1.00 30.43 ? 152 LEU X CG  1 
ATOM   1226 C CD1 . LEU A 1 152 ? -11.639 4.117   -6.019  1.00 29.93 ? 152 LEU X CD1 1 
ATOM   1227 C CD2 . LEU A 1 152 ? -13.415 4.973   -4.443  1.00 30.01 ? 152 LEU X CD2 1 
ATOM   1228 N N   . HIS A 1 153 ? -12.826 1.646   -1.146  1.00 30.52 ? 153 HIS X N   1 
ATOM   1229 C CA  . HIS A 1 153 ? -12.704 0.221   -0.905  1.00 30.36 ? 153 HIS X CA  1 
ATOM   1230 C C   . HIS A 1 153 ? -13.314 -0.531  -2.071  1.00 30.43 ? 153 HIS X C   1 
ATOM   1231 O O   . HIS A 1 153 ? -14.512 -0.426  -2.341  1.00 30.57 ? 153 HIS X O   1 
ATOM   1232 C CB  . HIS A 1 153 ? -13.373 -0.170  0.418   1.00 30.29 ? 153 HIS X CB  1 
ATOM   1233 C CG  . HIS A 1 153 ? -13.181 -1.606  0.792   1.00 30.33 ? 153 HIS X CG  1 
ATOM   1234 N ND1 . HIS A 1 153 ? -14.091 -2.304  1.558   1.00 30.14 ? 153 HIS X ND1 1 
ATOM   1235 C CD2 . HIS A 1 153 ? -12.183 -2.477  0.507   1.00 30.30 ? 153 HIS X CD2 1 
ATOM   1236 C CE1 . HIS A 1 153 ? -13.662 -3.542  1.728   1.00 30.08 ? 153 HIS X CE1 1 
ATOM   1237 N NE2 . HIS A 1 153 ? -12.507 -3.674  1.100   1.00 30.23 ? 153 HIS X NE2 1 
ATOM   1238 N N   . LEU A 1 154 ? -12.468 -1.275  -2.772  1.00 30.65 ? 154 LEU X N   1 
ATOM   1239 C CA  . LEU A 1 154 ? -12.889 -2.061  -3.918  1.00 30.81 ? 154 LEU X CA  1 
ATOM   1240 C C   . LEU A 1 154 ? -12.793 -3.549  -3.598  1.00 31.15 ? 154 LEU X C   1 
ATOM   1241 O O   . LEU A 1 154 ? -11.877 -3.990  -2.896  1.00 30.97 ? 154 LEU X O   1 
ATOM   1242 C CB  . LEU A 1 154 ? -12.018 -1.729  -5.132  1.00 30.56 ? 154 LEU X CB  1 
ATOM   1243 C CG  . LEU A 1 154 ? -11.956 -0.245  -5.507  1.00 30.56 ? 154 LEU X CG  1 
ATOM   1244 C CD1 . LEU A 1 154 ? -11.100 -0.043  -6.738  1.00 30.40 ? 154 LEU X CD1 1 
ATOM   1245 C CD2 . LEU A 1 154 ? -13.348 0.321   -5.718  1.00 30.36 ? 154 LEU X CD2 1 
ATOM   1246 N N   . ILE A 1 155 ? -13.741 -4.322  -4.118  1.00 31.59 ? 155 ILE X N   1 
ATOM   1247 C CA  . ILE A 1 155 ? -13.730 -5.767  -3.925  1.00 31.87 ? 155 ILE X CA  1 
ATOM   1248 C C   . ILE A 1 155 ? -13.871 -6.482  -5.263  1.00 32.08 ? 155 ILE X C   1 
ATOM   1249 O O   . ILE A 1 155 ? -14.685 -6.098  -6.101  1.00 31.75 ? 155 ILE X O   1 
ATOM   1250 C CB  . ILE A 1 155 ? -14.853 -6.219  -2.968  1.00 31.89 ? 155 ILE X CB  1 
ATOM   1251 C CG1 . ILE A 1 155 ? -14.662 -5.570  -1.592  1.00 31.88 ? 155 ILE X CG1 1 
ATOM   1252 C CG2 . ILE A 1 155 ? -14.864 -7.742  -2.846  1.00 31.80 ? 155 ILE X CG2 1 
ATOM   1253 C CD1 . ILE A 1 155 ? -15.867 -5.698  -0.670  1.00 31.84 ? 155 ILE X CD1 1 
ATOM   1254 N N   . ARG A 1 156 ? -13.067 -7.519  -5.466  1.00 32.48 ? 156 ARG X N   1 
ATOM   1255 C CA  . ARG A 1 156 ? -13.034 -8.182  -6.763  1.00 33.02 ? 156 ARG X CA  1 
ATOM   1256 C C   . ARG A 1 156 ? -14.426 -8.688  -7.103  1.00 33.70 ? 156 ARG X C   1 
ATOM   1257 O O   . ARG A 1 156 ? -15.030 -9.421  -6.322  1.00 34.08 ? 156 ARG X O   1 
ATOM   1258 C CB  . ARG A 1 156 ? -12.040 -9.347  -6.766  1.00 32.65 ? 156 ARG X CB  1 
ATOM   1259 C CG  . ARG A 1 156 ? -11.830 -9.953  -8.152  1.00 32.34 ? 156 ARG X CG  1 
ATOM   1260 C CD  . ARG A 1 156 ? -10.926 -11.171 -8.117  1.00 31.93 ? 156 ARG X CD  1 
ATOM   1261 N NE  . ARG A 1 156 ? -9.653  -10.875 -7.474  1.00 31.89 ? 156 ARG X NE  1 
ATOM   1262 C CZ  . ARG A 1 156 ? -8.653  -10.211 -8.051  1.00 31.44 ? 156 ARG X CZ  1 
ATOM   1263 N NH1 . ARG A 1 156 ? -8.772  -9.776  -9.295  1.00 31.17 ? 156 ARG X NH1 1 
ATOM   1264 N NH2 . ARG A 1 156 ? -7.537  -9.983  -7.376  1.00 31.33 ? 156 ARG X NH2 1 
ATOM   1265 N N   . LYS A 1 157 ? -14.935 -8.296  -8.268  1.00 34.43 ? 157 LYS X N   1 
ATOM   1266 C CA  . LYS A 1 157 ? -16.223 -8.799  -8.736  1.00 34.94 ? 157 LYS X CA  1 
ATOM   1267 C C   . LYS A 1 157 ? -16.129 -10.288 -9.015  1.00 35.31 ? 157 LYS X C   1 
ATOM   1268 O O   . LYS A 1 157 ? -15.092 -10.762 -9.484  1.00 36.37 ? 157 LYS X O   1 
ATOM   1269 C CB  . LYS A 1 157 ? -16.661 -8.062  -10.000 1.00 35.40 ? 157 LYS X CB  1 
ATOM   1270 C CG  . LYS A 1 157 ? -17.412 -6.773  -9.728  1.00 35.81 ? 157 LYS X CG  1 
ATOM   1271 C CD  . LYS A 1 157 ? -17.784 -6.072  -11.020 1.00 35.61 ? 157 LYS X CD  1 
ATOM   1272 C CE  . LYS A 1 157 ? -18.096 -4.612  -10.777 1.00 35.68 ? 157 LYS X CE  1 
ATOM   1273 N NZ  . LYS A 1 157 ? -18.467 -3.919  -12.041 1.00 36.03 ? 157 LYS X NZ  1 
HETATM 1274 P PA  . NAP B 2 .   ? 9.463   -2.019  -3.874  1.00 33.78 ? 301 NAP X PA  1 
HETATM 1275 O O1A . NAP B 2 .   ? 9.179   -1.338  -2.587  1.00 33.53 ? 301 NAP X O1A 1 
HETATM 1276 O O2A . NAP B 2 .   ? 8.294   -2.729  -4.430  1.00 33.28 ? 301 NAP X O2A 1 
HETATM 1277 O O5B . NAP B 2 .   ? 10.712  -3.005  -3.669  1.00 34.54 ? 301 NAP X O5B 1 
HETATM 1278 C C5B . NAP B 2 .   ? 11.257  -3.742  -4.744  1.00 34.59 ? 301 NAP X C5B 1 
HETATM 1279 C C4B . NAP B 2 .   ? 12.139  -4.804  -4.115  1.00 34.57 ? 301 NAP X C4B 1 
HETATM 1280 O O4B . NAP B 2 .   ? 11.346  -5.727  -3.392  1.00 34.70 ? 301 NAP X O4B 1 
HETATM 1281 C C3B . NAP B 2 .   ? 12.940  -5.637  -5.098  1.00 34.60 ? 301 NAP X C3B 1 
HETATM 1282 O O3B . NAP B 2 .   ? 14.102  -4.978  -5.547  1.00 34.43 ? 301 NAP X O3B 1 
HETATM 1283 C C2B . NAP B 2 .   ? 13.224  -6.841  -4.234  1.00 34.79 ? 301 NAP X C2B 1 
HETATM 1284 O O2B . NAP B 2 .   ? 14.200  -6.545  -3.264  1.00 34.94 ? 301 NAP X O2B 1 
HETATM 1285 C C1B . NAP B 2 .   ? 11.917  -7.024  -3.497  1.00 35.10 ? 301 NAP X C1B 1 
HETATM 1286 N N9A . NAP B 2 .   ? 11.054  -7.960  -4.242  1.00 35.17 ? 301 NAP X N9A 1 
HETATM 1287 C C8A . NAP B 2 .   ? 9.952   -7.652  -4.999  1.00 35.12 ? 301 NAP X C8A 1 
HETATM 1288 N N7A . NAP B 2 .   ? 9.451   -8.797  -5.512  1.00 35.12 ? 301 NAP X N7A 1 
HETATM 1289 C C5A . NAP B 2 .   ? 10.222  -9.832  -5.101  1.00 35.40 ? 301 NAP X C5A 1 
HETATM 1290 C C6A . NAP B 2 .   ? 10.164  -11.204 -5.329  1.00 35.25 ? 301 NAP X C6A 1 
HETATM 1291 N N6A . NAP B 2 .   ? 9.202   -11.733 -6.082  1.00 35.11 ? 301 NAP X N6A 1 
HETATM 1292 N N1A . NAP B 2 .   ? 11.114  -12.024 -4.758  1.00 35.27 ? 301 NAP X N1A 1 
HETATM 1293 C C2A . NAP B 2 .   ? 12.110  -11.487 -3.969  1.00 35.23 ? 301 NAP X C2A 1 
HETATM 1294 N N3A . NAP B 2 .   ? 12.165  -10.129 -3.747  1.00 35.19 ? 301 NAP X N3A 1 
HETATM 1295 C C4A . NAP B 2 .   ? 11.236  -9.316  -4.304  1.00 35.35 ? 301 NAP X C4A 1 
HETATM 1296 O O3  . NAP B 2 .   ? 10.085  -0.968  -4.919  1.00 33.73 ? 301 NAP X O3  1 
HETATM 1297 P PN  . NAP B 2 .   ? 9.497   -0.198  -6.202  1.00 33.32 ? 301 NAP X PN  1 
HETATM 1298 O O1N . NAP B 2 .   ? 8.778   -1.175  -7.047  1.00 33.95 ? 301 NAP X O1N 1 
HETATM 1299 O O2N . NAP B 2 .   ? 10.624  0.581   -6.763  1.00 33.87 ? 301 NAP X O2N 1 
HETATM 1300 O O5D . NAP B 2 .   ? 8.466   0.831   -5.529  1.00 33.18 ? 301 NAP X O5D 1 
HETATM 1301 C C5D . NAP B 2 .   ? 8.972   1.828   -4.661  1.00 33.14 ? 301 NAP X C5D 1 
HETATM 1302 C C4D . NAP B 2 .   ? 8.147   3.100   -4.797  1.00 33.13 ? 301 NAP X C4D 1 
HETATM 1303 O O4D . NAP B 2 .   ? 6.823   2.867   -4.342  1.00 32.83 ? 301 NAP X O4D 1 
HETATM 1304 C C3D . NAP B 2 .   ? 8.691   4.253   -3.962  1.00 33.07 ? 301 NAP X C3D 1 
HETATM 1305 O O3D . NAP B 2 .   ? 8.639   5.457   -4.692  1.00 32.97 ? 301 NAP X O3D 1 
HETATM 1306 C C2D . NAP B 2 .   ? 7.732   4.369   -2.808  1.00 33.08 ? 301 NAP X C2D 1 
HETATM 1307 O O2D . NAP B 2 .   ? 7.702   5.691   -2.321  1.00 33.36 ? 301 NAP X O2D 1 
HETATM 1308 C C1D . NAP B 2 .   ? 6.442   3.957   -3.510  1.00 33.07 ? 301 NAP X C1D 1 
HETATM 1309 N N1N . NAP B 2 .   ? 5.374   3.547   -2.583  1.00 33.36 ? 301 NAP X N1N 1 
HETATM 1310 C C2N . NAP B 2 .   ? 4.153   4.195   -2.665  1.00 33.23 ? 301 NAP X C2N 1 
HETATM 1311 C C3N . NAP B 2 .   ? 3.097   3.752   -1.867  1.00 33.11 ? 301 NAP X C3N 1 
HETATM 1312 C C7N . NAP B 2 .   ? 1.797   4.416   -1.948  1.00 32.79 ? 301 NAP X C7N 1 
HETATM 1313 O O7N . NAP B 2 .   ? 0.751   3.983   -1.278  1.00 32.52 ? 301 NAP X O7N 1 
HETATM 1314 N N7N . NAP B 2 .   ? 1.586   5.494   -2.705  1.00 32.74 ? 301 NAP X N7N 1 
HETATM 1315 C C4N . NAP B 2 .   ? 3.283   2.663   -1.006  1.00 33.24 ? 301 NAP X C4N 1 
HETATM 1316 C C5N . NAP B 2 .   ? 4.515   2.022   -0.945  1.00 33.21 ? 301 NAP X C5N 1 
HETATM 1317 C C6N . NAP B 2 .   ? 5.568   2.459   -1.739  1.00 33.30 ? 301 NAP X C6N 1 
HETATM 1318 P P2B . NAP B 2 .   ? 15.758  -6.871  -3.491  1.00 34.89 ? 301 NAP X P2B 1 
HETATM 1319 O O1X . NAP B 2 .   ? 15.889  -8.359  -3.684  1.00 34.73 ? 301 NAP X O1X 1 
HETATM 1320 O O2X . NAP B 2 .   ? 16.522  -6.452  -2.255  1.00 35.18 ? 301 NAP X O2X 1 
HETATM 1321 O O3X . NAP B 2 .   ? 16.276  -6.129  -4.694  1.00 34.84 ? 301 NAP X O3X 1 
HETATM 1322 N N7  . I2H C 3 .   ? 0.711   1.086   1.157   1.00 41.20 ? 300 I2H X N7  1 
HETATM 1323 C C6  . I2H C 3 .   ? 0.452   2.547   1.374   1.00 41.28 ? 300 I2H X C6  1 
HETATM 1324 N N5  . I2H C 3 .   ? -0.840  3.041   1.249   1.00 41.22 ? 300 I2H X N5  1 
HETATM 1325 C C3  . I2H C 3 .   ? -1.112  4.391   1.444   1.00 41.36 ? 300 I2H X C3  1 
HETATM 1326 N N4  . I2H C 3 .   ? -2.515  4.892   1.298   1.00 41.33 ? 300 I2H X N4  1 
HETATM 1327 N N2  . I2H C 3 .   ? -0.107  5.263   1.770   1.00 41.43 ? 300 I2H X N2  1 
HETATM 1328 C C1  . I2H C 3 .   ? 1.229   4.780   1.901   1.00 41.38 ? 300 I2H X C1  1 
HETATM 1329 C C8  . I2H C 3 .   ? 1.488   3.389   1.697   1.00 41.67 ? 300 I2H X C8  1 
HETATM 1330 C C9  . I2H C 3 .   ? 2.818   2.870   1.826   1.00 42.00 ? 300 I2H X C9  1 
HETATM 1331 C C10 . I2H C 3 .   ? 3.768   3.903   2.396   1.00 42.21 ? 300 I2H X C10 1 
HETATM 1332 C C21 . I2H C 3 .   ? 4.932   4.275   1.727   1.00 42.32 ? 300 I2H X C21 1 
HETATM 1333 C C18 . I2H C 3 .   ? 5.814   5.258   2.298   1.00 42.42 ? 300 I2H X C18 1 
HETATM 1334 O O19 . I2H C 3 .   ? 7.023   5.639   1.587   1.00 42.23 ? 300 I2H X O19 1 
HETATM 1335 C C20 . I2H C 3 .   ? 7.028   5.492   0.084   1.00 42.48 ? 300 I2H X C20 1 
HETATM 1336 C C11 . I2H C 3 .   ? 3.471   4.533   3.700   1.00 42.12 ? 300 I2H X C11 1 
HETATM 1337 C C12 . I2H C 3 .   ? 4.405   5.534   4.243   1.00 42.22 ? 300 I2H X C12 1 
HETATM 1338 O O13 . I2H C 3 .   ? 4.115   6.102   5.429   1.00 42.32 ? 300 I2H X O13 1 
HETATM 1339 C C15 . I2H C 3 .   ? 5.513   5.867   3.569   1.00 42.35 ? 300 I2H X C15 1 
HETATM 1340 O O16 . I2H C 3 .   ? 6.349   6.798   4.108   1.00 42.23 ? 300 I2H X O16 1 
HETATM 1341 C C17 . I2H C 3 .   ? 5.990   7.410   5.232   1.00 42.05 ? 300 I2H X C17 1 
HETATM 1342 C C27 . I2H C 3 .   ? 2.224   4.152   4.455   1.00 42.35 ? 300 I2H X C27 1 
HETATM 1343 C C28 . I2H C 3 .   ? 2.081   4.923   5.765   1.00 42.34 ? 300 I2H X C28 1 
HETATM 1344 C C14 . I2H C 3 .   ? 3.427   5.286   6.364   1.00 42.83 ? 300 I2H X C14 1 
HETATM 1345 C C24 . I2H C 3 .   ? 3.225   6.052   7.679   1.00 43.32 ? 300 I2H X C24 1 
HETATM 1346 C C26 . I2H C 3 .   ? 1.865   6.611   7.986   1.00 43.33 ? 300 I2H X C26 1 
HETATM 1347 C C25 . I2H C 3 .   ? 2.376   5.417   8.744   1.00 43.55 ? 300 I2H X C25 1 
HETATM 1348 O O   . HOH D 4 .   ? 0.079   9.922   1.309   1.00 46.09 ? 159 HOH X O   1 
HETATM 1349 O O   . HOH D 4 .   ? -5.114  3.263   1.037   1.00 36.54 ? 160 HOH X O   1 
HETATM 1350 O O   . HOH D 4 .   ? -9.352  3.257   0.984   1.00 29.20 ? 161 HOH X O   1 
HETATM 1351 O O   . HOH D 4 .   ? -11.636 2.636   2.477   1.00 39.13 ? 162 HOH X O   1 
HETATM 1352 O O   . HOH D 4 .   ? -16.242 -1.006  2.656   1.00 31.76 ? 163 HOH X O   1 
HETATM 1353 O O   . HOH D 4 .   ? -17.157 -4.106  2.374   1.00 38.92 ? 164 HOH X O   1 
HETATM 1354 O O   . HOH D 4 .   ? -13.770 4.235   1.474   1.00 26.61 ? 165 HOH X O   1 
HETATM 1355 O O   . HOH D 4 .   ? -11.107 12.608  5.997   1.00 40.16 ? 166 HOH X O   1 
HETATM 1356 O O   . HOH D 4 .   ? -7.819  11.756  8.580   1.00 63.50 ? 167 HOH X O   1 
HETATM 1357 O O   . HOH D 4 .   ? -8.141  9.635   7.746   1.00 52.38 ? 168 HOH X O   1 
HETATM 1358 O O   . HOH D 4 .   ? -8.484  7.101   9.264   1.00 40.19 ? 169 HOH X O   1 
HETATM 1359 O O   . HOH D 4 .   ? 1.687   12.099  2.533   1.00 42.02 ? 170 HOH X O   1 
HETATM 1360 O O   . HOH D 4 .   ? 5.641   15.078  6.852   1.00 51.30 ? 171 HOH X O   1 
HETATM 1361 O O   . HOH D 4 .   ? 5.680   15.719  -5.159  1.00 40.48 ? 172 HOH X O   1 
HETATM 1362 O O   . HOH D 4 .   ? 10.599  12.072  -3.833  1.00 41.60 ? 173 HOH X O   1 
HETATM 1363 O O   . HOH D 4 .   ? 12.988  13.462  -4.279  1.00 38.77 ? 174 HOH X O   1 
HETATM 1364 O O   . HOH D 4 .   ? 10.934  16.711  -5.047  1.00 50.91 ? 175 HOH X O   1 
HETATM 1365 O O   . HOH D 4 .   ? 7.514   9.407   1.612   1.00 36.94 ? 176 HOH X O   1 
HETATM 1366 O O   . HOH D 4 .   ? 11.821  3.201   -6.895  1.00 33.37 ? 177 HOH X O   1 
HETATM 1367 O O   . HOH D 4 .   ? 10.861  5.627   -6.458  1.00 22.70 ? 178 HOH X O   1 
HETATM 1368 O O   . HOH D 4 .   ? 8.818   -14.420 -5.971  1.00 46.48 ? 179 HOH X O   1 
HETATM 1369 O O   . HOH D 4 .   ? 19.003  -5.964  -1.454  1.00 32.01 ? 180 HOH X O   1 
HETATM 1370 O O   . HOH D 4 .   ? 20.273  -7.274  2.747   1.00 70.99 ? 181 HOH X O   1 
HETATM 1371 O O   . HOH D 4 .   ? 21.892  -12.031 -0.773  1.00 48.51 ? 182 HOH X O   1 
HETATM 1372 O O   . HOH D 4 .   ? 23.663  -14.515 3.668   1.00 45.28 ? 183 HOH X O   1 
HETATM 1373 O O   . HOH D 4 .   ? 14.341  -10.067 12.584  1.00 50.38 ? 184 HOH X O   1 
HETATM 1374 O O   . HOH D 4 .   ? 18.263  -8.351  13.912  1.00 53.59 ? 185 HOH X O   1 
HETATM 1375 O O   . HOH D 4 .   ? 18.528  -5.046  12.529  1.00 42.97 ? 186 HOH X O   1 
HETATM 1376 O O   . HOH D 4 .   ? 8.712   -4.537  14.880  1.00 49.14 ? 187 HOH X O   1 
HETATM 1377 O O   . HOH D 4 .   ? -1.989  -10.596 10.453  1.00 34.98 ? 188 HOH X O   1 
HETATM 1378 O O   . HOH D 4 .   ? -5.144  -9.991  11.016  1.00 41.07 ? 189 HOH X O   1 
HETATM 1379 O O   . HOH D 4 .   ? -7.561  -11.244 10.161  1.00 69.24 ? 190 HOH X O   1 
HETATM 1380 O O   . HOH D 4 .   ? -6.991  -1.772  12.894  1.00 57.18 ? 191 HOH X O   1 
HETATM 1381 O O   . HOH D 4 .   ? -8.914  -3.160  9.150   1.00 48.50 ? 192 HOH X O   1 
HETATM 1382 O O   . HOH D 4 .   ? -12.660 -12.878 2.205   1.00 48.67 ? 193 HOH X O   1 
HETATM 1383 O O   . HOH D 4 .   ? -10.387 -6.105  3.984   1.00 28.82 ? 194 HOH X O   1 
HETATM 1384 O O   . HOH D 4 .   ? -10.136 -4.556  5.974   1.00 48.97 ? 195 HOH X O   1 
HETATM 1385 O O   . HOH D 4 .   ? 1.557   3.424   9.998   1.00 34.38 ? 196 HOH X O   1 
HETATM 1386 O O   . HOH D 4 .   ? 17.990  0.976   -3.653  1.00 49.10 ? 197 HOH X O   1 
HETATM 1387 O O   . HOH D 4 .   ? 10.380  -20.270 -0.813  1.00 55.03 ? 198 HOH X O   1 
HETATM 1388 O O   . HOH D 4 .   ? 12.164  -13.316 9.546   1.00 49.57 ? 199 HOH X O   1 
HETATM 1389 O O   . HOH D 4 .   ? 14.244  -9.690  8.878   1.00 40.17 ? 200 HOH X O   1 
HETATM 1390 O O   . HOH D 4 .   ? -12.299 13.475  -2.841  1.00 34.83 ? 201 HOH X O   1 
HETATM 1391 O O   . HOH D 4 .   ? -11.429 15.345  -0.862  1.00 31.75 ? 202 HOH X O   1 
HETATM 1392 O O   . HOH D 4 .   ? -9.840  4.868   -9.582  1.00 34.94 ? 203 HOH X O   1 
HETATM 1393 O O   . HOH D 4 .   ? -5.021  4.579   -16.083 1.00 64.46 ? 204 HOH X O   1 
HETATM 1394 O O   . HOH D 4 .   ? -7.315  2.869   -13.020 1.00 38.22 ? 205 HOH X O   1 
HETATM 1395 O O   . HOH D 4 .   ? -12.442 1.750   -15.143 1.00 42.75 ? 206 HOH X O   1 
HETATM 1396 O O   . HOH D 4 .   ? -9.307  4.407   -17.552 1.00 54.05 ? 207 HOH X O   1 
HETATM 1397 O O   . HOH D 4 .   ? -8.553  -4.606  -13.661 1.00 31.20 ? 208 HOH X O   1 
HETATM 1398 O O   . HOH D 4 .   ? -7.344  -5.392  -11.763 1.00 28.24 ? 209 HOH X O   1 
HETATM 1399 O O   . HOH D 4 .   ? -8.564  -8.720  -13.633 1.00 54.79 ? 210 HOH X O   1 
HETATM 1400 O O   . HOH D 4 .   ? -7.385  -8.529  -11.449 1.00 41.64 ? 211 HOH X O   1 
HETATM 1401 O O   . HOH D 4 .   ? -14.758 -11.490 -5.175  1.00 38.19 ? 212 HOH X O   1 
HETATM 1402 O O   . HOH D 4 .   ? -13.695 -12.580 -10.218 1.00 49.06 ? 213 HOH X O   1 
HETATM 1403 O O   . HOH D 4 .   ? -7.576  -14.049 0.819   1.00 52.38 ? 214 HOH X O   1 
HETATM 1404 O O   . HOH D 4 .   ? -0.559  -16.940 14.293  1.00 60.97 ? 215 HOH X O   1 
HETATM 1405 O O   . HOH D 4 .   ? 2.692   8.912   9.767   1.00 46.95 ? 216 HOH X O   1 
HETATM 1406 O O   . HOH D 4 .   ? -0.716  -9.935  -9.931  1.00 40.14 ? 217 HOH X O   1 
HETATM 1407 O O   . HOH D 4 .   ? -4.996  -10.099 -14.844 1.00 68.35 ? 218 HOH X O   1 
HETATM 1408 O O   . HOH D 4 .   ? 3.496   -17.086 9.962   1.00 63.77 ? 219 HOH X O   1 
HETATM 1409 O O   . HOH D 4 .   ? 16.547  5.738   -1.830  1.00 43.43 ? 220 HOH X O   1 
HETATM 1410 O O   . HOH D 4 .   ? 14.470  6.269   5.536   1.00 54.12 ? 221 HOH X O   1 
HETATM 1411 O O   . HOH D 4 .   ? 9.200   11.173  -13.868 1.00 25.47 ? 222 HOH X O   1 
HETATM 1412 O O   . HOH D 4 .   ? 0.912   1.540   8.810   1.00 28.03 ? 223 HOH X O   1 
HETATM 1413 O O   . HOH D 4 .   ? -3.711  3.850   15.066  1.00 57.16 ? 224 HOH X O   1 
HETATM 1414 O O   . HOH D 4 .   ? 14.788  -1.966  14.327  1.00 51.95 ? 225 HOH X O   1 
HETATM 1415 O O   . HOH D 4 .   ? 15.103  -13.543 13.870  1.00 54.35 ? 226 HOH X O   1 
HETATM 1416 O O   . HOH D 4 .   ? 12.878  -14.391 14.491  1.00 51.73 ? 227 HOH X O   1 
HETATM 1417 O O   . HOH D 4 .   ? -8.214  6.102   16.137  1.00 48.68 ? 228 HOH X O   1 
HETATM 1418 O O   . HOH D 4 .   ? -10.291 10.434  -9.396  1.00 71.91 ? 229 HOH X O   1 
HETATM 1419 O O   . HOH D 4 .   ? -11.735 6.314   -9.084  1.00 33.63 ? 230 HOH X O   1 
HETATM 1420 O O   . HOH D 4 .   ? -14.743 9.953   -9.358  1.00 65.02 ? 231 HOH X O   1 
HETATM 1421 O O   . HOH D 4 .   ? -0.326  7.433   -16.090 1.00 30.50 ? 232 HOH X O   1 
HETATM 1422 O O   . HOH D 4 .   ? 2.642   10.544  -14.629 1.00 25.02 ? 233 HOH X O   1 
HETATM 1423 O O   . HOH D 4 .   ? 5.087   10.998  -13.828 1.00 27.99 ? 234 HOH X O   1 
HETATM 1424 O O   . HOH D 4 .   ? 4.279   11.543  3.673   1.00 44.48 ? 235 HOH X O   1 
HETATM 1425 O O   . HOH D 4 .   ? 0.486   13.067  9.115   1.00 52.89 ? 236 HOH X O   1 
HETATM 1426 O O   . HOH D 4 .   ? 5.539   15.029  3.590   1.00 56.15 ? 237 HOH X O   1 
HETATM 1427 O O   . HOH D 4 .   ? 3.970   0.235   20.063  1.00 42.29 ? 238 HOH X O   1 
HETATM 1428 O O   . HOH D 4 .   ? 6.405   3.138   18.579  1.00 61.94 ? 239 HOH X O   1 
HETATM 1429 O O   . HOH D 4 .   ? -4.527  -15.835 -3.941  1.00 59.94 ? 240 HOH X O   1 
HETATM 1430 O O   . HOH D 4 .   ? 2.559   -0.681  -12.323 1.00 27.91 ? 241 HOH X O   1 
HETATM 1431 O O   . HOH D 4 .   ? 8.259   -2.904  -12.076 1.00 53.89 ? 242 HOH X O   1 
HETATM 1432 O O   . HOH D 4 .   ? 2.231   0.301   -14.547 1.00 26.42 ? 243 HOH X O   1 
HETATM 1433 O O   . HOH D 4 .   ? 6.478   -6.527  -11.720 1.00 40.38 ? 244 HOH X O   1 
HETATM 1434 O O   . HOH D 4 .   ? 12.443  -8.537  -7.659  1.00 58.06 ? 245 HOH X O   1 
HETATM 1435 O O   . HOH D 4 .   ? 19.874  -5.351  10.262  1.00 43.46 ? 246 HOH X O   1 
HETATM 1436 O O   . HOH D 4 .   ? 0.305   -27.893 -1.779  1.00 72.09 ? 247 HOH X O   1 
HETATM 1437 O O   . HOH D 4 .   ? 4.735   -22.185 1.325   1.00 64.72 ? 248 HOH X O   1 
HETATM 1438 O O   . HOH D 4 .   ? 13.776  11.192  -2.295  1.00 40.83 ? 249 HOH X O   1 
HETATM 1439 O O   . HOH D 4 .   ? 11.703  -11.071 -8.643  1.00 51.15 ? 250 HOH X O   1 
HETATM 1440 O O   . HOH D 4 .   ? 5.233   16.256  -0.579  1.00 58.47 ? 251 HOH X O   1 
HETATM 1441 O O   . HOH D 4 .   ? -19.173 -0.896  -8.023  1.00 37.92 ? 252 HOH X O   1 
HETATM 1442 O O   . HOH D 4 .   ? -20.769 -3.470  -9.550  1.00 56.94 ? 253 HOH X O   1 
HETATM 1443 O O   . HOH D 4 .   ? -16.860 9.352   -3.202  1.00 34.29 ? 254 HOH X O   1 
HETATM 1444 O O   . HOH D 4 .   ? -11.742 2.379   5.163   1.00 50.47 ? 255 HOH X O   1 
HETATM 1445 O O   . HOH D 4 .   ? -13.322 -2.496  5.646   1.00 44.25 ? 256 HOH X O   1 
HETATM 1446 O O   . HOH D 4 .   ? -2.555  7.226   16.255  1.00 52.22 ? 257 HOH X O   1 
HETATM 1447 O O   . HOH D 4 .   ? 11.369  -14.255 -5.727  1.00 43.81 ? 258 HOH X O   1 
HETATM 1448 O O   . HOH D 4 .   ? 9.342   -19.049 -5.251  1.00 66.66 ? 259 HOH X O   1 
HETATM 1449 O O   . HOH D 4 .   ? -8.643  -13.664 -6.215  1.00 62.56 ? 260 HOH X O   1 
HETATM 1450 O O   . HOH D 4 .   ? -15.352 -9.156  -14.227 1.00 57.26 ? 261 HOH X O   1 
# 
